data_4UFC
#
_entry.id   4UFC
#
_cell.length_a   53.692
_cell.length_b   179.117
_cell.length_c   205.181
_cell.angle_alpha   90.00
_cell.angle_beta   90.00
_cell.angle_gamma   90.00
#
_symmetry.space_group_name_H-M   'P 21 21 21'
#
loop_
_entity.id
_entity.type
_entity.pdbx_description
1 polymer GH95
2 non-polymer 'CALCIUM ION'
3 non-polymer beta-L-galactopyranose
4 non-polymer 'CACODYLATE ION'
#
_entity_poly.entity_id   1
_entity_poly.type   'polypeptide(L)'
_entity_poly.pdbx_seq_one_letter_code
;MNRNTFFVLFLLISNLVSGQDLKLWYSQPAQNWSEALPIGNSRLGAMVYGGIEREELQLNEETFWAGSPYNNNNPNAVHV
LPVVRKLIFEGRNKEAQRLIDANFLTQQHGMSYLTLGSLYLEFPEHQNGSGFYRDLNLENATTTTRYQVDDVTYTRTTFA
SFTDNVIIMHIKASKANALNFTIAYNCPLVHKVNVQNDQLTVTCQGKEQEGLKAALRAECQIQVKTNGTLRPAGNTLQIN
EGTEATLYISAATNYVNYQDVSADESHRTSEYLKRAMQIPYEKALKNHIAYYKKQFDRVRLTLPAGKASQLETPKRIENF
GNGEDMAMAALLFHYGRYLLISSSQPGGQPANLQGIWNNSTHAPWDSKYTININTEMNYWPAEVTNLSETHSPLFSMLKD
LSVTGAETARTMYDCRGWVAHHNTDLWRICGVVDFAAAGMWPSGGAWLAQHIWQHYLFTGNKEFLKEYYPILKGTAQFYM
DFLVEHPVYKWLVVSPSVSPEHGPITAGCTMDNQIAFDALHNTLLASYIAGEAPSFQDSLKQTLEKLPPMQIGKHNQLQE
WLEDIDNPKDEHRHISHLYGLYPSNQISPYSNPELFQAARNTLLQRGDKATGWSIGWKVNFWARMLDGNHAFQIIKNMIQ
LLPNDHLAKEYPNGRTYPNMLDAHPPFQIDGNFGYTAGVAEMLLQSHDGAVHLLPALPDAWEEGSVKGLVARGNFTVDMD
WKNNVLNKAIIRSNIGSTLRIRSYVPLKGKGLKQVNGKECSNRLFATTPIKQPLVAKGVSAQSPKLQKVYEYDIETKAGK
TYIVNTIEGKQ
;
_entity_poly.pdbx_strand_id   A,B
#
# COMPACT_ATOMS: atom_id res chain seq x y z
N ASP A 21 -1.73 -49.46 7.57
CA ASP A 21 -0.50 -48.57 7.68
C ASP A 21 -0.57 -47.38 8.69
N LEU A 22 -0.93 -47.66 9.93
CA LEU A 22 -0.96 -46.63 10.96
C LEU A 22 -0.25 -47.08 12.23
N LYS A 23 0.75 -47.94 12.10
CA LYS A 23 1.54 -48.32 13.25
C LYS A 23 3.04 -48.32 12.98
N LEU A 24 3.77 -47.98 14.02
CA LEU A 24 5.22 -48.04 14.04
C LEU A 24 5.57 -49.32 14.76
N TRP A 25 6.36 -50.20 14.14
CA TRP A 25 6.72 -51.43 14.80
C TRP A 25 8.19 -51.71 14.67
N TYR A 26 8.68 -52.59 15.56
CA TYR A 26 10.11 -52.84 15.72
C TYR A 26 10.24 -54.28 16.16
N SER A 27 11.35 -54.94 15.79
CA SER A 27 11.64 -56.34 16.21
C SER A 27 12.71 -56.46 17.31
N GLN A 28 13.15 -55.33 17.85
CA GLN A 28 14.05 -55.29 19.00
C GLN A 28 13.57 -54.22 20.01
N PRO A 29 13.78 -54.44 21.32
CA PRO A 29 13.37 -53.39 22.27
C PRO A 29 14.32 -52.21 22.24
N ALA A 30 13.83 -51.05 22.67
CA ALA A 30 14.63 -49.84 22.59
C ALA A 30 15.89 -49.91 23.41
N GLN A 31 17.01 -49.52 22.79
CA GLN A 31 18.31 -49.46 23.47
C GLN A 31 18.60 -48.09 24.06
N ASN A 32 17.82 -47.10 23.68
CA ASN A 32 18.06 -45.69 24.06
C ASN A 32 16.81 -44.82 23.79
N TRP A 33 16.83 -43.58 24.26
CA TRP A 33 15.65 -42.74 24.28
C TRP A 33 15.10 -42.47 22.89
N SER A 34 15.99 -42.41 21.91
CA SER A 34 15.57 -42.24 20.53
C SER A 34 14.87 -43.41 19.87
N GLU A 35 14.84 -44.56 20.54
CA GLU A 35 14.13 -45.75 20.07
C GLU A 35 12.83 -46.03 20.84
N ALA A 36 12.64 -45.33 21.95
CA ALA A 36 11.46 -45.51 22.77
C ALA A 36 10.24 -44.76 22.21
N LEU A 37 9.02 -45.21 22.55
CA LEU A 37 7.82 -44.68 21.91
C LEU A 37 6.98 -43.76 22.81
N PRO A 38 6.58 -42.61 22.29
CA PRO A 38 5.83 -41.63 23.08
C PRO A 38 4.33 -41.92 23.15
N ILE A 39 3.78 -41.81 24.36
CA ILE A 39 2.36 -41.82 24.61
C ILE A 39 2.07 -40.65 25.51
N GLY A 40 0.84 -40.12 25.45
CA GLY A 40 0.45 -39.03 26.32
C GLY A 40 -0.99 -38.64 26.14
N ASN A 41 -1.54 -38.00 27.17
CA ASN A 41 -2.92 -37.51 27.13
C ASN A 41 -2.99 -35.99 27.19
N SER A 42 -1.86 -35.32 26.92
CA SER A 42 -1.72 -33.86 27.03
C SER A 42 -1.11 -33.44 28.36
N ARG A 43 -1.47 -34.11 29.47
CA ARG A 43 -0.95 -33.78 30.80
C ARG A 43 0.13 -34.75 31.29
N LEU A 44 -0.13 -36.05 31.12
CA LEU A 44 0.83 -37.10 31.50
C LEU A 44 1.44 -37.62 30.24
N GLY A 45 2.75 -37.85 30.26
CA GLY A 45 3.43 -38.50 29.14
C GLY A 45 4.29 -39.66 29.60
N ALA A 46 4.49 -40.62 28.72
CA ALA A 46 5.51 -41.65 28.94
C ALA A 46 6.30 -41.96 27.67
N MET A 47 7.56 -42.33 27.82
CA MET A 47 8.30 -42.91 26.72
C MET A 47 8.52 -44.36 27.09
N VAL A 48 8.14 -45.26 26.19
CA VAL A 48 8.06 -46.69 26.46
C VAL A 48 9.14 -47.49 25.70
N TYR A 49 10.00 -48.17 26.45
CA TYR A 49 11.16 -48.81 25.85
C TYR A 49 10.89 -50.20 25.24
N GLY A 50 10.08 -51.00 25.92
CA GLY A 50 9.81 -52.36 25.46
C GLY A 50 10.76 -53.45 25.99
N GLY A 51 11.74 -53.08 26.81
CA GLY A 51 12.74 -54.04 27.30
C GLY A 51 12.15 -55.31 27.93
N ILE A 52 12.76 -56.45 27.62
CA ILE A 52 12.25 -57.75 28.01
C ILE A 52 12.50 -58.06 29.49
N GLU A 53 13.76 -58.20 29.88
CA GLU A 53 14.12 -58.47 31.28
C GLU A 53 13.86 -57.27 32.18
N ARG A 54 13.72 -56.09 31.59
CA ARG A 54 13.41 -54.87 32.31
C ARG A 54 12.77 -53.83 31.38
N GLU A 55 11.54 -53.44 31.69
CA GLU A 55 10.83 -52.40 30.96
C GLU A 55 11.05 -51.08 31.66
N GLU A 56 11.20 -50.02 30.88
CA GLU A 56 11.30 -48.67 31.41
C GLU A 56 10.16 -47.80 30.86
N LEU A 57 9.47 -47.06 31.73
CA LEU A 57 8.57 -45.99 31.34
C LEU A 57 9.12 -44.70 31.91
N GLN A 58 9.69 -43.83 31.06
CA GLN A 58 10.11 -42.55 31.61
C GLN A 58 8.97 -41.55 31.49
N LEU A 59 8.65 -40.94 32.63
CA LEU A 59 7.44 -40.17 32.81
C LEU A 59 7.62 -38.64 32.81
N ASN A 60 6.55 -37.94 32.45
CA ASN A 60 6.48 -36.48 32.47
C ASN A 60 5.08 -36.03 32.88
N GLU A 61 5.00 -34.88 33.55
CA GLU A 61 3.75 -34.16 33.74
C GLU A 61 3.99 -32.74 33.22
N GLU A 62 3.06 -32.25 32.41
CA GLU A 62 3.22 -31.01 31.67
C GLU A 62 3.51 -29.73 32.46
N THR A 63 3.28 -29.73 33.79
CA THR A 63 3.50 -28.55 34.64
C THR A 63 4.68 -28.69 35.60
N PHE A 64 5.47 -29.75 35.44
CA PHE A 64 6.65 -29.93 36.27
C PHE A 64 7.87 -29.28 35.64
N TRP A 65 8.18 -28.07 36.10
CA TRP A 65 9.34 -27.29 35.64
C TRP A 65 10.20 -26.80 36.81
N ALA A 66 11.38 -26.31 36.49
CA ALA A 66 12.24 -25.73 37.52
C ALA A 66 11.76 -24.34 37.90
N GLY A 67 12.24 -23.85 39.04
CA GLY A 67 12.00 -22.45 39.44
C GLY A 67 10.76 -22.15 40.26
N SER A 68 10.47 -20.85 40.35
CA SER A 68 9.34 -20.26 41.08
C SER A 68 8.68 -19.24 40.17
N PRO A 69 7.61 -18.58 40.64
CA PRO A 69 7.15 -17.38 39.95
C PRO A 69 8.21 -16.28 39.95
N TYR A 70 8.39 -15.63 38.79
CA TYR A 70 9.37 -14.55 38.58
C TYR A 70 9.15 -13.78 37.27
N ASN A 71 9.90 -12.71 37.07
CA ASN A 71 9.98 -12.07 35.75
C ASN A 71 11.42 -11.68 35.44
N ASN A 72 11.70 -11.35 34.18
CA ASN A 72 13.03 -10.95 33.73
C ASN A 72 12.98 -9.56 33.08
N ASN A 73 12.17 -8.70 33.67
CA ASN A 73 12.12 -7.32 33.25
C ASN A 73 13.28 -6.55 33.86
N ASN A 74 13.94 -5.73 33.07
CA ASN A 74 14.98 -4.87 33.58
C ASN A 74 14.54 -3.44 33.38
N PRO A 75 14.17 -2.74 34.45
CA PRO A 75 13.73 -1.35 34.33
C PRO A 75 14.82 -0.36 33.87
N ASN A 76 16.09 -0.72 33.97
CA ASN A 76 17.14 0.12 33.37
C ASN A 76 16.84 0.44 31.89
N ALA A 77 16.15 -0.44 31.16
CA ALA A 77 16.02 -0.24 29.71
C ALA A 77 15.27 1.03 29.36
N VAL A 78 14.33 1.47 30.19
CA VAL A 78 13.52 2.64 29.85
C VAL A 78 14.37 3.94 29.81
N HIS A 79 15.40 3.99 30.65
CA HIS A 79 16.29 5.13 30.72
C HIS A 79 17.25 5.21 29.56
N VAL A 80 17.55 4.04 29.00
CA VAL A 80 18.61 3.84 28.02
C VAL A 80 18.09 3.65 26.59
N LEU A 81 16.79 3.38 26.44
CA LEU A 81 16.18 3.15 25.14
C LEU A 81 16.43 4.27 24.10
N PRO A 82 16.32 5.56 24.48
CA PRO A 82 16.56 6.62 23.49
C PRO A 82 17.99 6.64 22.99
N VAL A 83 18.94 6.47 23.89
CA VAL A 83 20.36 6.43 23.54
C VAL A 83 20.72 5.25 22.66
N VAL A 84 20.12 4.10 22.95
CA VAL A 84 20.30 2.93 22.13
C VAL A 84 19.77 3.19 20.72
N ARG A 85 18.65 3.90 20.61
CA ARG A 85 18.04 4.18 19.31
C ARG A 85 18.82 5.22 18.50
N LYS A 86 19.37 6.21 19.18
CA LYS A 86 20.16 7.24 18.53
C LYS A 86 21.37 6.60 17.86
N LEU A 87 22.04 5.72 18.59
CA LEU A 87 23.25 5.07 18.08
C LEU A 87 22.96 4.20 16.87
N ILE A 88 21.84 3.48 16.87
CA ILE A 88 21.52 2.59 15.75
C ILE A 88 21.36 3.37 14.46
N PHE A 89 20.78 4.55 14.59
CA PHE A 89 20.52 5.35 13.43
C PHE A 89 21.81 5.96 12.96
N GLU A 90 22.77 6.11 13.86
CA GLU A 90 24.12 6.59 13.49
C GLU A 90 25.05 5.49 12.99
N GLY A 91 24.58 4.26 12.85
CA GLY A 91 25.39 3.19 12.33
C GLY A 91 26.34 2.63 13.37
N ARG A 92 26.10 2.93 14.64
CA ARG A 92 26.93 2.46 15.75
C ARG A 92 26.22 1.30 16.45
N ASN A 93 26.12 0.19 15.72
CA ASN A 93 25.31 -0.93 16.09
C ASN A 93 25.92 -1.77 17.20
N LYS A 94 27.23 -2.00 17.15
CA LYS A 94 27.93 -2.70 18.25
C LYS A 94 27.80 -1.97 19.58
N GLU A 95 27.95 -0.66 19.59
CA GLU A 95 27.85 0.08 20.85
C GLU A 95 26.43 -0.01 21.42
N ALA A 96 25.42 0.00 20.56
CA ALA A 96 24.04 -0.13 21.00
C ALA A 96 23.80 -1.50 21.57
N GLN A 97 24.42 -2.50 20.95
CA GLN A 97 24.32 -3.88 21.38
C GLN A 97 24.97 -4.14 22.75
N ARG A 98 26.14 -3.55 22.98
CA ARG A 98 26.80 -3.66 24.27
C ARG A 98 25.94 -3.02 25.36
N LEU A 99 25.25 -1.93 25.01
CA LEU A 99 24.35 -1.23 25.93
C LEU A 99 23.09 -2.02 26.22
N ILE A 100 22.57 -2.70 25.19
CA ILE A 100 21.42 -3.56 25.40
C ILE A 100 21.74 -4.71 26.37
N ASP A 101 22.87 -5.40 26.17
CA ASP A 101 23.25 -6.54 27.00
C ASP A 101 23.45 -6.21 28.49
N ALA A 102 23.70 -4.94 28.80
CA ALA A 102 23.90 -4.52 30.18
C ALA A 102 22.64 -3.99 30.86
N ASN A 103 21.66 -3.53 30.08
CA ASN A 103 20.47 -2.86 30.65
C ASN A 103 19.11 -3.46 30.29
N PHE A 104 19.04 -4.49 29.46
CA PHE A 104 17.75 -5.05 29.05
C PHE A 104 17.47 -6.49 29.53
N LEU A 105 18.42 -7.12 30.22
CA LEU A 105 18.32 -8.55 30.61
C LEU A 105 18.54 -8.76 32.11
N THR A 106 18.09 -9.90 32.64
CA THR A 106 18.37 -10.23 34.04
C THR A 106 19.23 -11.49 34.08
N GLN A 107 19.39 -12.09 35.27
CA GLN A 107 20.21 -13.29 35.41
C GLN A 107 19.45 -14.60 35.14
N GLN A 108 18.14 -14.50 34.90
CA GLN A 108 17.28 -15.66 34.64
C GLN A 108 16.77 -15.67 33.21
N HIS A 109 16.91 -16.79 32.51
CA HIS A 109 16.66 -16.82 31.06
C HIS A 109 15.70 -17.93 30.60
N GLY A 110 14.65 -18.16 31.40
CA GLY A 110 13.69 -19.25 31.16
C GLY A 110 14.04 -20.54 31.88
N MET A 111 13.08 -21.10 32.60
CA MET A 111 13.28 -22.31 33.40
C MET A 111 13.03 -23.58 32.61
N SER A 112 13.75 -24.63 32.99
CA SER A 112 13.75 -25.90 32.25
C SER A 112 12.58 -26.77 32.62
N TYR A 113 11.95 -27.32 31.60
CA TYR A 113 11.01 -28.37 31.80
C TYR A 113 11.78 -29.57 32.37
N LEU A 114 11.16 -30.33 33.25
CA LEU A 114 11.85 -31.39 33.97
C LEU A 114 11.32 -32.76 33.66
N THR A 115 12.08 -33.76 34.01
CA THR A 115 11.64 -35.13 33.93
C THR A 115 10.93 -35.46 35.22
N LEU A 116 10.10 -36.48 35.18
CA LEU A 116 9.47 -37.00 36.40
C LEU A 116 10.10 -38.32 36.81
N GLY A 117 11.16 -38.77 36.13
CA GLY A 117 11.85 -40.01 36.48
C GLY A 117 11.47 -41.19 35.58
N SER A 118 11.81 -42.39 36.03
CA SER A 118 11.50 -43.60 35.29
C SER A 118 10.98 -44.66 36.21
N LEU A 119 9.95 -45.34 35.73
CA LEU A 119 9.40 -46.51 36.39
C LEU A 119 9.98 -47.72 35.69
N TYR A 120 10.42 -48.69 36.46
CA TYR A 120 11.03 -49.90 35.92
C TYR A 120 10.21 -51.11 36.35
N LEU A 121 9.88 -52.00 35.42
CA LEU A 121 9.34 -53.31 35.77
C LEU A 121 10.40 -54.35 35.47
N GLU A 122 10.77 -55.13 36.46
CA GLU A 122 11.85 -56.12 36.33
C GLU A 122 11.29 -57.53 36.26
N PHE A 123 11.59 -58.22 35.16
CA PHE A 123 11.17 -59.58 34.94
C PHE A 123 12.42 -60.45 34.95
N PRO A 124 12.86 -60.86 36.14
CA PRO A 124 14.14 -61.53 36.23
C PRO A 124 14.16 -62.89 35.50
N GLU A 125 13.03 -63.59 35.50
CA GLU A 125 12.99 -64.95 34.95
C GLU A 125 12.73 -64.97 33.43
N HIS A 126 12.63 -63.79 32.80
CA HIS A 126 12.35 -63.68 31.35
C HIS A 126 13.64 -63.59 30.57
N GLN A 127 14.41 -64.67 30.68
CA GLN A 127 15.80 -64.63 30.27
C GLN A 127 15.95 -64.71 28.76
N ASN A 128 15.42 -65.74 28.12
CA ASN A 128 15.72 -65.98 26.69
C ASN A 128 14.62 -65.68 25.70
N GLY A 129 14.00 -64.52 25.84
CA GLY A 129 12.80 -64.19 25.09
C GLY A 129 13.00 -64.21 23.59
N SER A 130 11.99 -64.69 22.88
CA SER A 130 12.03 -64.81 21.41
C SER A 130 10.75 -64.19 20.82
N GLY A 131 10.68 -64.07 19.50
CA GLY A 131 9.44 -63.67 18.83
C GLY A 131 9.01 -62.27 19.20
N PHE A 132 9.97 -61.44 19.56
CA PHE A 132 9.72 -60.11 20.06
C PHE A 132 9.07 -59.20 19.03
N TYR A 133 8.09 -58.42 19.48
CA TYR A 133 7.44 -57.39 18.67
C TYR A 133 7.01 -56.21 19.58
N ARG A 134 7.24 -55.00 19.08
CA ARG A 134 6.98 -53.73 19.76
C ARG A 134 6.20 -52.93 18.77
N ASP A 135 5.21 -52.16 19.20
CA ASP A 135 4.66 -51.13 18.32
C ASP A 135 4.06 -49.95 19.04
N LEU A 136 3.73 -48.94 18.27
CA LEU A 136 2.84 -47.87 18.70
C LEU A 136 1.80 -47.81 17.60
N ASN A 137 0.54 -47.92 17.97
CA ASN A 137 -0.56 -47.95 17.02
C ASN A 137 -1.27 -46.61 17.03
N LEU A 138 -1.26 -45.94 15.89
CA LEU A 138 -1.87 -44.62 15.81
C LEU A 138 -3.40 -44.70 15.63
N GLU A 139 -3.92 -45.89 15.35
CA GLU A 139 -5.39 -46.09 15.26
C GLU A 139 -6.06 -45.90 16.60
N ASN A 140 -5.39 -46.33 17.67
CA ASN A 140 -5.99 -46.38 19.00
C ASN A 140 -5.16 -45.82 20.14
N ALA A 141 -4.01 -45.22 19.83
CA ALA A 141 -3.21 -44.51 20.84
C ALA A 141 -2.77 -45.42 21.98
N THR A 142 -2.29 -46.60 21.58
CA THR A 142 -1.71 -47.57 22.50
C THR A 142 -0.45 -48.17 21.96
N THR A 143 0.44 -48.50 22.88
CA THR A 143 1.65 -49.25 22.58
C THR A 143 1.52 -50.71 23.03
N THR A 144 2.19 -51.60 22.31
CA THR A 144 2.14 -53.04 22.59
C THR A 144 3.55 -53.61 22.58
N THR A 145 3.84 -54.48 23.55
CA THR A 145 5.10 -55.22 23.59
C THR A 145 4.73 -56.69 23.75
N ARG A 146 5.36 -57.57 22.98
CA ARG A 146 4.98 -59.00 22.96
C ARG A 146 6.19 -59.90 22.72
N TYR A 147 6.29 -61.01 23.47
CA TYR A 147 7.38 -61.97 23.26
C TYR A 147 7.06 -63.32 23.93
N GLN A 148 7.85 -64.35 23.61
CA GLN A 148 7.74 -65.70 24.25
C GLN A 148 8.91 -65.96 25.17
N VAL A 149 8.65 -66.56 26.34
CA VAL A 149 9.68 -67.17 27.20
C VAL A 149 9.30 -68.63 27.45
N ASP A 150 10.09 -69.53 26.86
CA ASP A 150 9.72 -70.95 26.72
C ASP A 150 8.40 -71.06 25.94
N ASP A 151 7.42 -71.78 26.47
CA ASP A 151 6.13 -71.93 25.79
C ASP A 151 5.16 -70.78 26.13
N VAL A 152 5.51 -69.92 27.10
CA VAL A 152 4.61 -68.83 27.53
C VAL A 152 4.74 -67.52 26.76
N THR A 153 3.60 -66.92 26.40
CA THR A 153 3.55 -65.60 25.76
C THR A 153 3.20 -64.46 26.75
N TYR A 154 3.89 -63.33 26.60
CA TYR A 154 3.66 -62.14 27.44
C TYR A 154 3.30 -60.93 26.57
N THR A 155 2.28 -60.19 26.99
CA THR A 155 1.76 -59.06 26.21
C THR A 155 1.51 -57.87 27.12
N ARG A 156 2.11 -56.73 26.76
CA ARG A 156 1.95 -55.49 27.52
C ARG A 156 1.23 -54.43 26.68
N THR A 157 0.18 -53.84 27.24
CA THR A 157 -0.58 -52.79 26.56
C THR A 157 -0.49 -51.55 27.43
N THR A 158 -0.08 -50.44 26.85
CA THR A 158 0.16 -49.25 27.64
C THR A 158 -0.35 -48.01 26.95
N PHE A 159 -0.94 -47.12 27.72
CA PHE A 159 -1.54 -45.93 27.16
C PHE A 159 -1.78 -44.92 28.26
N ALA A 160 -1.85 -43.66 27.86
CA ALA A 160 -2.06 -42.56 28.78
C ALA A 160 -3.47 -42.10 28.51
N SER A 161 -4.37 -42.39 29.46
CA SER A 161 -5.82 -42.32 29.23
C SER A 161 -6.33 -40.89 29.08
N PHE A 162 -7.01 -40.63 27.97
CA PHE A 162 -7.66 -39.37 27.79
C PHE A 162 -8.89 -39.22 28.66
N THR A 163 -9.48 -40.34 29.10
CA THR A 163 -10.72 -40.31 29.88
C THR A 163 -10.50 -40.45 31.41
N ASP A 164 -9.51 -41.24 31.82
CA ASP A 164 -9.24 -41.51 33.23
C ASP A 164 -7.99 -40.82 33.80
N ASN A 165 -7.30 -40.01 33.01
CA ASN A 165 -6.22 -39.15 33.51
C ASN A 165 -5.14 -39.83 34.37
N VAL A 166 -4.72 -40.98 33.88
CA VAL A 166 -3.67 -41.79 34.44
C VAL A 166 -3.04 -42.60 33.33
N ILE A 167 -1.79 -43.01 33.51
CA ILE A 167 -1.19 -43.97 32.61
C ILE A 167 -1.58 -45.36 33.09
N ILE A 168 -1.88 -46.23 32.14
CA ILE A 168 -2.25 -47.61 32.44
C ILE A 168 -1.36 -48.56 31.66
N MET A 169 -0.88 -49.60 32.36
CA MET A 169 -0.19 -50.72 31.73
C MET A 169 -0.86 -52.07 32.10
N HIS A 170 -1.37 -52.78 31.09
CA HIS A 170 -1.98 -54.09 31.25
C HIS A 170 -1.03 -55.18 30.75
N ILE A 171 -0.76 -56.14 31.63
CA ILE A 171 0.17 -57.27 31.37
C ILE A 171 -0.50 -58.63 31.52
N LYS A 172 -0.33 -59.47 30.51
CA LYS A 172 -1.02 -60.75 30.41
C LYS A 172 -0.07 -61.88 30.05
N ALA A 173 -0.04 -62.90 30.89
CA ALA A 173 0.62 -64.16 30.55
C ALA A 173 -0.42 -65.11 29.95
N SER A 174 0.00 -65.98 29.06
CA SER A 174 -0.89 -66.94 28.41
C SER A 174 -1.00 -68.25 29.18
N LYS A 175 -0.33 -68.34 30.33
CA LYS A 175 -0.42 -69.51 31.22
C LYS A 175 -0.81 -69.07 32.63
N ALA A 176 -1.63 -69.86 33.30
CA ALA A 176 -2.05 -69.50 34.65
C ALA A 176 -0.83 -69.25 35.55
N ASN A 177 -0.90 -68.20 36.34
CA ASN A 177 0.01 -67.97 37.46
C ASN A 177 1.48 -67.83 37.09
N ALA A 178 1.75 -67.50 35.82
CA ALA A 178 3.12 -67.50 35.32
C ALA A 178 3.81 -66.14 35.39
N LEU A 179 3.13 -65.14 35.92
CA LEU A 179 3.64 -63.78 35.88
C LEU A 179 4.26 -63.35 37.21
N ASN A 180 5.54 -62.99 37.20
CA ASN A 180 6.23 -62.45 38.40
C ASN A 180 7.17 -61.33 38.03
N PHE A 181 7.00 -60.19 38.69
CA PHE A 181 7.85 -59.03 38.40
C PHE A 181 7.90 -58.05 39.56
N THR A 182 8.79 -57.07 39.49
CA THR A 182 8.95 -56.08 40.53
C THR A 182 8.76 -54.72 39.88
N ILE A 183 8.15 -53.78 40.61
CA ILE A 183 8.02 -52.40 40.18
C ILE A 183 8.88 -51.50 41.09
N ALA A 184 9.74 -50.67 40.48
CA ALA A 184 10.66 -49.79 41.21
C ALA A 184 10.76 -48.49 40.45
N TYR A 185 11.41 -47.50 41.04
CA TYR A 185 11.41 -46.17 40.48
C TYR A 185 12.75 -45.51 40.70
N ASN A 186 13.19 -44.71 39.74
CA ASN A 186 14.33 -43.85 39.99
C ASN A 186 14.23 -42.50 39.31
N CYS A 187 14.98 -41.51 39.80
CA CYS A 187 14.94 -40.15 39.25
C CYS A 187 16.23 -39.37 39.53
N PRO A 188 16.63 -38.51 38.62
CA PRO A 188 17.87 -37.79 38.93
C PRO A 188 17.66 -36.68 39.97
N LEU A 189 16.43 -36.24 40.14
CA LEU A 189 16.11 -35.24 41.15
C LEU A 189 16.08 -35.85 42.55
N VAL A 190 16.03 -34.98 43.56
CA VAL A 190 16.02 -35.41 44.94
C VAL A 190 14.62 -35.93 45.22
N HIS A 191 14.50 -37.18 45.67
CA HIS A 191 13.21 -37.83 45.78
C HIS A 191 13.11 -38.87 46.89
N LYS A 192 11.88 -39.19 47.26
CA LYS A 192 11.61 -40.23 48.24
C LYS A 192 10.65 -41.26 47.64
N VAL A 193 10.84 -42.53 48.04
CA VAL A 193 9.98 -43.62 47.64
C VAL A 193 9.59 -44.46 48.86
N ASN A 194 8.32 -44.76 48.95
CA ASN A 194 7.75 -45.42 50.11
C ASN A 194 6.70 -46.41 49.63
N VAL A 195 6.64 -47.60 50.23
CA VAL A 195 5.63 -48.62 49.86
C VAL A 195 4.72 -48.90 51.06
N GLN A 196 3.46 -48.55 50.93
CA GLN A 196 2.46 -48.74 52.00
C GLN A 196 1.17 -49.19 51.38
N ASN A 197 0.49 -50.16 51.98
CA ASN A 197 -0.84 -50.55 51.53
C ASN A 197 -0.84 -50.91 50.05
N ASP A 198 0.19 -51.64 49.62
CA ASP A 198 0.32 -52.08 48.24
C ASP A 198 0.27 -50.93 47.21
N GLN A 199 0.71 -49.75 47.64
CA GLN A 199 0.79 -48.57 46.79
C GLN A 199 2.20 -48.06 46.88
N LEU A 200 2.81 -47.92 45.70
CA LEU A 200 4.12 -47.31 45.56
C LEU A 200 3.93 -45.83 45.40
N THR A 201 4.53 -45.06 46.30
CA THR A 201 4.38 -43.61 46.33
C THR A 201 5.72 -42.90 46.22
N VAL A 202 5.81 -41.97 45.28
CA VAL A 202 7.03 -41.24 45.02
C VAL A 202 6.77 -39.78 45.24
N THR A 203 7.64 -39.10 45.98
CA THR A 203 7.63 -37.62 46.03
C THR A 203 8.91 -37.09 45.44
N CYS A 204 8.78 -36.00 44.69
CA CYS A 204 9.88 -35.51 43.88
C CYS A 204 10.03 -33.99 44.02
N GLN A 205 11.20 -33.53 44.44
CA GLN A 205 11.46 -32.11 44.59
C GLN A 205 11.69 -31.48 43.23
N GLY A 206 11.25 -30.24 43.06
CA GLY A 206 11.59 -29.46 41.87
C GLY A 206 13.07 -29.07 41.96
N LYS A 207 13.50 -28.14 41.12
CA LYS A 207 14.92 -27.85 40.93
C LYS A 207 15.24 -26.34 40.92
N GLU A 208 16.31 -25.96 41.62
CA GLU A 208 16.84 -24.59 41.60
C GLU A 208 17.54 -24.34 40.26
N GLN A 209 17.31 -23.17 39.65
CA GLN A 209 18.00 -22.81 38.40
C GLN A 209 18.27 -21.33 38.27
N GLU A 210 19.47 -21.00 37.82
CA GLU A 210 19.94 -19.62 37.63
C GLU A 210 19.59 -18.76 38.84
N GLY A 211 19.76 -19.32 40.04
CA GLY A 211 19.61 -18.59 41.28
C GLY A 211 18.18 -18.45 41.77
N LEU A 212 17.23 -19.02 41.03
CA LEU A 212 15.81 -18.95 41.38
C LEU A 212 15.40 -20.23 42.09
N LYS A 213 14.77 -20.11 43.26
CA LYS A 213 14.53 -21.31 44.08
C LYS A 213 13.35 -22.12 43.57
N ALA A 214 13.25 -23.35 44.04
CA ALA A 214 12.27 -24.30 43.55
C ALA A 214 10.96 -24.21 44.33
N ALA A 215 9.88 -23.93 43.63
CA ALA A 215 8.59 -23.80 44.27
C ALA A 215 7.66 -24.99 44.01
N LEU A 216 8.11 -25.92 43.17
CA LEU A 216 7.26 -27.03 42.72
C LEU A 216 7.69 -28.37 43.29
N ARG A 217 6.72 -29.25 43.45
CA ARG A 217 6.95 -30.62 43.88
C ARG A 217 6.07 -31.48 43.02
N ALA A 218 6.48 -32.71 42.76
CA ALA A 218 5.63 -33.67 42.08
C ALA A 218 5.39 -34.88 42.96
N GLU A 219 4.24 -35.52 42.78
CA GLU A 219 3.96 -36.79 43.44
C GLU A 219 3.48 -37.78 42.38
N CYS A 220 3.82 -39.03 42.61
CA CYS A 220 3.45 -40.11 41.71
C CYS A 220 3.02 -41.34 42.53
N GLN A 221 1.86 -41.92 42.22
CA GLN A 221 1.34 -43.08 42.94
C GLN A 221 1.03 -44.21 41.98
N ILE A 222 1.45 -45.43 42.32
CA ILE A 222 1.15 -46.63 41.53
C ILE A 222 0.45 -47.70 42.36
N GLN A 223 -0.65 -48.23 41.82
CA GLN A 223 -1.37 -49.39 42.36
C GLN A 223 -1.59 -50.44 41.28
N VAL A 224 -1.92 -51.65 41.70
CA VAL A 224 -1.91 -52.78 40.81
C VAL A 224 -3.05 -53.67 41.08
N LYS A 225 -3.80 -54.04 40.06
CA LYS A 225 -4.89 -55.03 40.16
C LYS A 225 -4.39 -56.33 39.58
N THR A 226 -4.44 -57.41 40.35
CA THR A 226 -3.94 -58.67 39.84
C THR A 226 -4.50 -59.85 40.60
N ASN A 227 -4.63 -60.98 39.93
CA ASN A 227 -5.02 -62.23 40.59
C ASN A 227 -3.85 -62.88 41.35
N GLY A 228 -2.64 -62.41 41.11
CA GLY A 228 -1.47 -62.77 41.92
C GLY A 228 -1.38 -62.04 43.25
N THR A 229 -0.28 -62.27 43.98
CA THR A 229 -0.09 -61.66 45.31
C THR A 229 0.85 -60.47 45.27
N LEU A 230 0.51 -59.46 46.06
CA LEU A 230 1.27 -58.23 46.20
C LEU A 230 1.98 -58.19 47.52
N ARG A 231 3.21 -57.74 47.52
CA ARG A 231 3.96 -57.56 48.77
C ARG A 231 5.11 -56.58 48.59
N PRO A 232 5.46 -55.88 49.66
CA PRO A 232 6.55 -54.94 49.57
C PRO A 232 7.86 -55.70 49.63
N ALA A 233 8.90 -55.05 49.13
CA ALA A 233 10.24 -55.60 49.10
C ALA A 233 11.07 -54.37 49.05
N GLY A 234 11.44 -53.87 50.23
CA GLY A 234 12.15 -52.61 50.36
C GLY A 234 11.33 -51.46 49.81
N ASN A 235 11.92 -50.71 48.88
CA ASN A 235 11.25 -49.61 48.21
C ASN A 235 10.70 -50.02 46.85
N THR A 236 10.54 -51.31 46.65
CA THR A 236 9.90 -51.87 45.46
C THR A 236 8.58 -52.53 45.81
N LEU A 237 7.86 -52.93 44.79
CA LEU A 237 6.59 -53.62 44.96
C LEU A 237 6.56 -54.89 44.11
N GLN A 238 6.36 -56.04 44.74
CA GLN A 238 6.57 -57.32 44.11
C GLN A 238 5.26 -58.05 43.81
N ILE A 239 5.12 -58.53 42.58
CA ILE A 239 3.93 -59.30 42.16
C ILE A 239 4.35 -60.76 41.95
N ASN A 240 3.57 -61.68 42.49
CA ASN A 240 3.88 -63.10 42.40
C ASN A 240 2.68 -63.90 41.95
N GLU A 241 2.94 -64.93 41.13
CA GLU A 241 1.91 -65.91 40.73
C GLU A 241 0.66 -65.25 40.11
N GLY A 242 0.88 -64.29 39.21
CA GLY A 242 -0.20 -63.62 38.51
C GLY A 242 -0.46 -64.20 37.12
N THR A 243 -1.62 -63.87 36.57
CA THR A 243 -1.97 -64.20 35.18
C THR A 243 -2.12 -62.89 34.36
N GLU A 244 -2.90 -61.96 34.91
CA GLU A 244 -2.94 -60.58 34.45
C GLU A 244 -2.51 -59.69 35.59
N ALA A 245 -1.93 -58.55 35.24
CA ALA A 245 -1.70 -57.46 36.20
C ALA A 245 -2.02 -56.17 35.48
N THR A 246 -2.59 -55.21 36.20
CA THR A 246 -2.92 -53.93 35.60
C THR A 246 -2.44 -52.80 36.49
N LEU A 247 -1.42 -52.08 36.03
CA LEU A 247 -0.85 -50.96 36.77
C LEU A 247 -1.60 -49.70 36.47
N TYR A 248 -1.86 -48.94 37.53
CA TYR A 248 -2.50 -47.65 37.42
C TYR A 248 -1.52 -46.65 37.97
N ILE A 249 -1.06 -45.73 37.11
CA ILE A 249 0.01 -44.80 37.42
C ILE A 249 -0.53 -43.39 37.41
N SER A 250 -0.62 -42.74 38.57
CA SER A 250 -1.13 -41.37 38.67
C SER A 250 -0.02 -40.37 39.03
N ALA A 251 -0.15 -39.12 38.61
CA ALA A 251 0.75 -38.10 39.12
C ALA A 251 0.22 -36.71 38.91
N ALA A 252 0.70 -35.78 39.74
CA ALA A 252 0.40 -34.35 39.58
C ALA A 252 1.39 -33.46 40.36
N THR A 253 1.21 -32.15 40.26
CA THR A 253 2.05 -31.17 40.95
C THR A 253 1.19 -30.21 41.78
N ASN A 254 1.83 -29.17 42.33
CA ASN A 254 1.14 -28.09 43.07
C ASN A 254 0.87 -26.82 42.26
N TYR A 255 1.04 -26.89 40.95
CA TYR A 255 0.86 -25.74 40.08
C TYR A 255 -0.62 -25.44 39.86
N VAL A 256 -1.00 -24.17 39.97
CA VAL A 256 -2.34 -23.73 39.62
C VAL A 256 -2.26 -22.85 38.38
N ASN A 257 -1.51 -21.76 38.49
CA ASN A 257 -1.18 -20.87 37.36
C ASN A 257 0.20 -20.25 37.60
N TYR A 258 0.58 -19.29 36.76
CA TYR A 258 1.93 -18.68 36.81
C TYR A 258 2.34 -17.91 38.08
N GLN A 259 1.38 -17.58 38.94
CA GLN A 259 1.70 -16.91 40.17
C GLN A 259 1.02 -17.58 41.37
N ASP A 260 0.59 -18.84 41.23
CA ASP A 260 -0.11 -19.60 42.31
C ASP A 260 0.36 -21.05 42.34
N VAL A 261 1.05 -21.44 43.41
CA VAL A 261 1.54 -22.81 43.55
C VAL A 261 1.00 -23.51 44.78
N SER A 262 -0.24 -23.21 45.16
CA SER A 262 -0.77 -23.59 46.47
C SER A 262 -1.60 -24.88 46.46
N ALA A 263 -1.70 -25.54 45.32
CA ALA A 263 -2.49 -26.74 45.26
C ALA A 263 -1.82 -27.91 46.01
N ASP A 264 -2.65 -28.86 46.44
CA ASP A 264 -2.18 -30.07 47.12
C ASP A 264 -1.95 -31.24 46.14
N GLU A 265 -0.68 -31.46 45.83
CA GLU A 265 -0.29 -32.48 44.87
C GLU A 265 -0.66 -33.91 45.28
N SER A 266 -0.60 -34.22 46.58
CA SER A 266 -0.98 -35.58 47.06
C SER A 266 -2.46 -35.90 46.87
N HIS A 267 -3.31 -34.93 47.21
CA HIS A 267 -4.74 -35.07 47.03
C HIS A 267 -5.05 -35.22 45.54
N ARG A 268 -4.45 -34.36 44.71
CA ARG A 268 -4.66 -34.40 43.26
C ARG A 268 -4.35 -35.78 42.72
N THR A 269 -3.20 -36.32 43.11
CA THR A 269 -2.75 -37.59 42.58
C THR A 269 -3.61 -38.75 43.04
N SER A 270 -4.03 -38.70 44.31
CA SER A 270 -4.91 -39.71 44.91
C SER A 270 -6.26 -39.73 44.24
N GLU A 271 -6.78 -38.54 43.96
CA GLU A 271 -8.11 -38.39 43.39
C GLU A 271 -8.15 -38.98 41.99
N TYR A 272 -7.17 -38.68 41.17
CA TYR A 272 -7.16 -39.21 39.81
C TYR A 272 -7.20 -40.75 39.79
N LEU A 273 -6.39 -41.30 40.69
CA LEU A 273 -6.16 -42.72 40.81
C LEU A 273 -7.39 -43.45 41.34
N LYS A 274 -7.95 -42.92 42.42
CA LYS A 274 -9.17 -43.47 43.02
C LYS A 274 -10.23 -43.61 41.94
N ARG A 275 -10.45 -42.52 41.22
CA ARG A 275 -11.48 -42.46 40.22
C ARG A 275 -11.24 -43.38 39.03
N ALA A 276 -9.99 -43.49 38.62
CA ALA A 276 -9.62 -44.33 37.47
C ALA A 276 -9.80 -45.82 37.75
N MET A 277 -9.68 -46.21 39.01
CA MET A 277 -9.70 -47.62 39.37
C MET A 277 -11.12 -48.15 39.56
N GLN A 278 -12.09 -47.26 39.61
CA GLN A 278 -13.48 -47.65 39.66
C GLN A 278 -13.95 -48.29 38.34
N ILE A 279 -13.31 -47.98 37.23
CA ILE A 279 -13.70 -48.54 35.94
C ILE A 279 -12.94 -49.85 35.71
N PRO A 280 -13.63 -50.90 35.23
CA PRO A 280 -12.89 -52.10 34.81
C PRO A 280 -11.96 -51.83 33.61
N TYR A 281 -10.87 -52.60 33.51
CA TYR A 281 -9.86 -52.32 32.48
C TYR A 281 -10.39 -52.34 31.02
N GLU A 282 -11.17 -53.35 30.64
CA GLU A 282 -11.60 -53.46 29.25
C GLU A 282 -12.43 -52.22 28.82
N LYS A 283 -13.24 -51.68 29.74
CA LYS A 283 -14.04 -50.47 29.46
C LYS A 283 -13.23 -49.19 29.44
N ALA A 284 -12.29 -49.09 30.36
CA ALA A 284 -11.38 -47.95 30.40
C ALA A 284 -10.56 -47.81 29.09
N LEU A 285 -10.20 -48.95 28.52
CA LEU A 285 -9.53 -49.01 27.22
C LEU A 285 -10.46 -48.58 26.10
N LYS A 286 -11.64 -49.18 26.02
CA LYS A 286 -12.62 -48.77 25.02
C LYS A 286 -12.83 -47.28 25.01
N ASN A 287 -12.95 -46.68 26.20
CA ASN A 287 -13.30 -45.26 26.32
C ASN A 287 -12.23 -44.34 25.83
N HIS A 288 -11.02 -44.62 26.28
CA HIS A 288 -9.83 -43.97 25.81
C HIS A 288 -9.74 -43.97 24.29
N ILE A 289 -9.91 -45.14 23.71
CA ILE A 289 -9.80 -45.29 22.27
C ILE A 289 -10.88 -44.46 21.61
N ALA A 290 -12.11 -44.51 22.11
CA ALA A 290 -13.20 -43.72 21.54
C ALA A 290 -12.92 -42.22 21.57
N TYR A 291 -12.34 -41.73 22.66
CA TYR A 291 -12.19 -40.29 22.87
C TYR A 291 -11.09 -39.75 21.96
N TYR A 292 -10.03 -40.53 21.85
CA TYR A 292 -8.95 -40.26 20.93
C TYR A 292 -9.47 -40.27 19.51
N LYS A 293 -10.28 -41.28 19.16
CA LYS A 293 -10.71 -41.45 17.77
C LYS A 293 -11.57 -40.30 17.27
N LYS A 294 -12.28 -39.62 18.16
CA LYS A 294 -13.08 -38.47 17.76
C LYS A 294 -12.25 -37.39 17.08
N GLN A 295 -11.05 -37.17 17.60
CA GLN A 295 -10.12 -36.16 17.05
C GLN A 295 -9.26 -36.75 15.93
N PHE A 296 -8.84 -38.01 16.05
CA PHE A 296 -7.90 -38.58 15.10
C PHE A 296 -8.54 -39.04 13.80
N ASP A 297 -9.69 -39.69 13.85
CA ASP A 297 -10.30 -40.23 12.62
C ASP A 297 -10.91 -39.14 11.70
N ARG A 298 -10.80 -37.87 12.09
CA ARG A 298 -11.28 -36.79 11.23
C ARG A 298 -10.49 -36.65 9.92
N VAL A 299 -9.22 -37.09 9.92
CA VAL A 299 -8.34 -36.86 8.80
C VAL A 299 -7.55 -38.12 8.39
N ARG A 300 -7.50 -38.39 7.08
CA ARG A 300 -6.64 -39.44 6.53
C ARG A 300 -6.08 -39.03 5.19
N LEU A 301 -4.78 -39.13 5.07
CA LEU A 301 -4.08 -39.12 3.82
C LEU A 301 -3.76 -40.54 3.40
N THR A 302 -4.02 -40.87 2.15
CA THR A 302 -3.75 -42.22 1.64
C THR A 302 -2.86 -42.10 0.44
N LEU A 303 -1.72 -42.77 0.46
CA LEU A 303 -0.83 -42.84 -0.70
C LEU A 303 -0.55 -44.31 -0.92
N PRO A 304 -0.36 -44.74 -2.16
CA PRO A 304 -0.25 -46.20 -2.37
C PRO A 304 0.96 -46.84 -1.63
N ALA A 305 0.78 -48.08 -1.18
CA ALA A 305 1.84 -48.82 -0.46
C ALA A 305 2.58 -49.76 -1.42
N GLY A 306 3.65 -50.37 -0.92
CA GLY A 306 4.42 -51.37 -1.65
C GLY A 306 4.75 -52.44 -0.64
N LYS A 307 5.55 -53.43 -1.03
CA LYS A 307 6.00 -54.43 -0.05
C LYS A 307 6.89 -53.77 1.01
N ALA A 308 7.69 -52.79 0.57
CA ALA A 308 8.57 -52.00 1.43
C ALA A 308 7.88 -51.36 2.65
N SER A 309 6.60 -51.02 2.48
CA SER A 309 5.81 -50.37 3.54
C SER A 309 5.48 -51.28 4.72
N GLN A 310 5.73 -52.58 4.59
CA GLN A 310 5.47 -53.59 5.61
C GLN A 310 6.65 -53.75 6.55
N LEU A 311 7.82 -53.27 6.14
CA LEU A 311 9.04 -53.48 6.93
C LEU A 311 8.99 -52.64 8.18
N GLU A 312 9.85 -52.97 9.15
CA GLU A 312 9.85 -52.25 10.42
C GLU A 312 10.33 -50.84 10.22
N THR A 313 9.93 -49.94 11.08
CA THR A 313 9.93 -48.53 10.70
C THR A 313 11.27 -47.85 10.64
N PRO A 314 12.26 -48.33 11.39
CA PRO A 314 13.59 -47.75 11.15
C PRO A 314 14.11 -48.01 9.72
N LYS A 315 13.78 -49.16 9.16
CA LYS A 315 14.12 -49.46 7.77
C LYS A 315 13.34 -48.58 6.78
N ARG A 316 12.09 -48.31 7.05
CA ARG A 316 11.32 -47.45 6.18
C ARG A 316 11.91 -46.06 6.12
N ILE A 317 12.42 -45.57 7.26
CA ILE A 317 12.99 -44.24 7.32
C ILE A 317 14.27 -44.19 6.53
N GLU A 318 15.10 -45.19 6.74
CA GLU A 318 16.39 -45.28 6.07
C GLU A 318 16.29 -45.37 4.56
N ASN A 319 15.28 -46.11 4.07
CA ASN A 319 15.13 -46.41 2.64
C ASN A 319 14.16 -45.52 1.86
N PHE A 320 13.56 -44.54 2.54
CA PHE A 320 12.55 -43.68 1.94
C PHE A 320 13.02 -43.00 0.66
N GLY A 321 14.30 -42.67 0.61
CA GLY A 321 14.89 -41.99 -0.54
C GLY A 321 14.76 -42.70 -1.86
N ASN A 322 14.78 -44.04 -1.82
CA ASN A 322 14.77 -44.82 -3.06
C ASN A 322 13.40 -44.86 -3.75
N GLY A 323 12.37 -44.23 -3.18
CA GLY A 323 11.10 -44.03 -3.88
C GLY A 323 10.04 -45.10 -3.78
N GLU A 324 10.35 -46.22 -3.14
CA GLU A 324 9.41 -47.36 -3.10
C GLU A 324 8.50 -47.44 -1.84
N ASP A 325 8.34 -46.33 -1.12
CA ASP A 325 7.56 -46.33 0.12
C ASP A 325 6.87 -44.97 0.30
N MET A 326 6.11 -44.56 -0.72
CA MET A 326 5.45 -43.25 -0.66
C MET A 326 4.53 -43.12 0.54
N ALA A 327 3.92 -44.22 0.95
CA ALA A 327 2.99 -44.23 2.08
C ALA A 327 3.62 -43.81 3.40
N MET A 328 4.94 -43.95 3.49
CA MET A 328 5.67 -43.51 4.67
C MET A 328 5.46 -42.02 4.92
N ALA A 329 5.37 -41.25 3.85
CA ALA A 329 5.18 -39.81 3.99
C ALA A 329 3.86 -39.53 4.68
N ALA A 330 2.85 -40.32 4.33
CA ALA A 330 1.54 -40.21 4.98
C ALA A 330 1.60 -40.62 6.44
N LEU A 331 2.40 -41.64 6.76
CA LEU A 331 2.52 -42.07 8.13
C LEU A 331 3.10 -40.96 9.00
N LEU A 332 4.12 -40.29 8.51
CA LEU A 332 4.73 -39.24 9.29
C LEU A 332 3.77 -38.08 9.48
N PHE A 333 2.89 -37.89 8.50
CA PHE A 333 1.91 -36.84 8.55
C PHE A 333 0.91 -37.10 9.68
N HIS A 334 0.35 -38.32 9.69
CA HIS A 334 -0.51 -38.80 10.78
C HIS A 334 0.17 -38.76 12.14
N TYR A 335 1.46 -39.08 12.19
CA TYR A 335 2.19 -39.02 13.45
C TYR A 335 2.14 -37.64 14.07
N GLY A 336 2.25 -36.60 13.25
CA GLY A 336 2.18 -35.25 13.77
C GLY A 336 0.86 -34.96 14.45
N ARG A 337 -0.21 -35.47 13.86
CA ARG A 337 -1.51 -35.29 14.43
C ARG A 337 -1.61 -36.05 15.74
N TYR A 338 -1.10 -37.27 15.78
CA TYR A 338 -1.08 -38.04 17.03
C TYR A 338 -0.34 -37.27 18.11
N LEU A 339 0.76 -36.67 17.76
CA LEU A 339 1.59 -36.01 18.74
C LEU A 339 0.92 -34.77 19.30
N LEU A 340 0.20 -34.04 18.46
CA LEU A 340 -0.41 -32.78 18.91
C LEU A 340 -1.55 -33.09 19.85
N ILE A 341 -2.41 -34.01 19.45
CA ILE A 341 -3.47 -34.56 20.31
C ILE A 341 -2.91 -35.05 21.64
N SER A 342 -1.81 -35.81 21.57
CA SER A 342 -1.14 -36.36 22.75
C SER A 342 -0.37 -35.36 23.59
N SER A 343 -0.15 -34.14 23.09
CA SER A 343 0.58 -33.11 23.84
C SER A 343 -0.21 -31.84 24.14
N SER A 344 -1.39 -31.65 23.56
CA SER A 344 -2.13 -30.38 23.74
C SER A 344 -3.63 -30.57 23.70
N GLN A 345 -4.27 -30.32 24.84
CA GLN A 345 -5.72 -30.49 24.99
C GLN A 345 -6.26 -29.37 25.84
N PRO A 346 -7.53 -29.00 25.62
CA PRO A 346 -8.12 -27.91 26.42
C PRO A 346 -7.90 -28.10 27.91
N GLY A 347 -7.64 -27.01 28.61
CA GLY A 347 -7.46 -27.05 30.05
C GLY A 347 -6.01 -27.13 30.49
N GLY A 348 -5.13 -27.54 29.61
CA GLY A 348 -3.73 -27.76 29.96
C GLY A 348 -2.76 -26.71 29.46
N GLN A 349 -1.48 -27.08 29.49
CA GLN A 349 -0.38 -26.25 29.00
C GLN A 349 -0.11 -26.55 27.53
N PRO A 350 0.46 -25.58 26.81
CA PRO A 350 0.70 -25.77 25.39
C PRO A 350 1.93 -26.59 25.14
N ALA A 351 2.04 -27.16 23.96
CA ALA A 351 3.15 -28.04 23.67
C ALA A 351 4.51 -27.29 23.61
N ASN A 352 5.46 -27.73 24.42
CA ASN A 352 6.73 -27.03 24.48
C ASN A 352 7.71 -27.51 23.37
N LEU A 353 8.98 -27.10 23.43
CA LEU A 353 9.96 -27.51 22.45
C LEU A 353 9.97 -29.01 22.23
N GLN A 354 9.61 -29.78 23.26
CA GLN A 354 9.65 -31.26 23.20
C GLN A 354 8.27 -31.89 23.38
N GLY A 355 7.21 -31.14 23.11
CA GLY A 355 5.86 -31.60 23.37
C GLY A 355 5.55 -31.66 24.86
N ILE A 356 5.49 -32.88 25.42
CA ILE A 356 5.53 -33.10 26.87
C ILE A 356 6.57 -34.12 27.28
N TRP A 357 7.42 -34.51 26.33
CA TRP A 357 8.33 -35.64 26.46
C TRP A 357 9.80 -35.21 26.67
N ASN A 358 10.33 -35.46 27.85
CA ASN A 358 11.66 -34.98 28.22
C ASN A 358 12.24 -35.74 29.42
N ASN A 359 13.45 -36.24 29.28
CA ASN A 359 14.09 -36.98 30.35
C ASN A 359 15.24 -36.24 31.06
N SER A 360 15.33 -34.92 30.89
CA SER A 360 16.42 -34.14 31.45
C SER A 360 15.97 -33.18 32.55
N THR A 361 16.87 -32.88 33.48
CA THR A 361 16.64 -31.77 34.40
C THR A 361 17.26 -30.44 33.89
N HIS A 362 17.91 -30.47 32.73
CA HIS A 362 18.45 -29.26 32.10
C HIS A 362 18.45 -29.48 30.61
N ALA A 363 17.26 -29.42 30.04
CA ALA A 363 17.07 -29.84 28.65
C ALA A 363 17.73 -28.85 27.69
N PRO A 364 17.91 -29.24 26.40
CA PRO A 364 18.28 -28.32 25.33
C PRO A 364 17.31 -27.14 25.22
N TRP A 365 17.86 -25.94 25.35
CA TRP A 365 17.09 -24.70 25.37
C TRP A 365 15.94 -24.77 26.38
N ASP A 366 16.15 -25.58 27.41
CA ASP A 366 15.22 -25.76 28.49
C ASP A 366 13.86 -26.30 28.06
N SER A 367 13.75 -26.97 26.92
CA SER A 367 12.45 -27.48 26.45
C SER A 367 11.26 -26.54 26.72
N LYS A 368 11.48 -25.30 26.38
CA LYS A 368 10.74 -24.14 26.83
C LYS A 368 9.69 -23.81 25.77
N TYR A 369 9.25 -22.55 25.70
CA TYR A 369 8.54 -22.01 24.54
C TYR A 369 9.35 -20.94 23.82
N THR A 370 9.89 -21.29 22.65
CA THR A 370 10.69 -20.37 21.85
C THR A 370 9.77 -19.85 20.75
N ILE A 371 9.57 -18.55 20.70
CA ILE A 371 8.42 -18.01 19.97
C ILE A 371 8.75 -17.12 18.77
N ASN A 372 9.97 -17.31 18.23
CA ASN A 372 10.41 -16.72 16.97
C ASN A 372 10.37 -17.70 15.79
N ILE A 373 9.56 -18.74 15.96
CA ILE A 373 9.15 -19.71 14.94
C ILE A 373 8.65 -20.99 15.62
N ASN A 374 9.41 -21.44 16.62
CA ASN A 374 9.27 -22.77 17.18
C ASN A 374 7.87 -23.09 17.73
N THR A 375 7.43 -22.32 18.72
CA THR A 375 6.14 -22.59 19.36
C THR A 375 4.96 -22.36 18.40
N GLU A 376 5.10 -21.42 17.47
CA GLU A 376 4.10 -21.16 16.45
C GLU A 376 3.97 -22.34 15.48
N MET A 377 5.10 -22.90 15.07
CA MET A 377 5.13 -24.08 14.20
C MET A 377 4.38 -25.26 14.82
N ASN A 378 4.58 -25.48 16.11
CA ASN A 378 3.83 -26.52 16.80
C ASN A 378 2.34 -26.47 16.51
N TYR A 379 1.79 -25.26 16.38
CA TYR A 379 0.33 -25.12 16.25
C TYR A 379 -0.22 -24.93 14.83
N TRP A 380 0.65 -24.97 13.82
CA TRP A 380 0.18 -24.91 12.43
C TRP A 380 -0.81 -26.01 12.06
N PRO A 381 -0.59 -27.26 12.53
CA PRO A 381 -1.55 -28.34 12.26
C PRO A 381 -2.94 -28.12 12.81
N ALA A 382 -3.07 -27.32 13.85
CA ALA A 382 -4.31 -27.23 14.62
C ALA A 382 -5.59 -26.99 13.79
N GLU A 383 -5.59 -25.95 12.99
CA GLU A 383 -6.80 -25.61 12.26
C GLU A 383 -6.95 -26.43 10.97
N VAL A 384 -5.89 -26.46 10.16
CA VAL A 384 -5.99 -27.02 8.81
C VAL A 384 -6.14 -28.54 8.81
N THR A 385 -5.48 -29.22 9.76
CA THR A 385 -5.65 -30.68 9.97
C THR A 385 -6.78 -31.15 10.88
N ASN A 386 -7.72 -30.27 11.13
CA ASN A 386 -8.89 -30.58 11.91
C ASN A 386 -8.68 -30.93 13.39
N LEU A 387 -7.92 -30.10 14.07
CA LEU A 387 -7.63 -30.28 15.49
C LEU A 387 -7.80 -28.96 16.22
N SER A 388 -8.87 -28.25 15.93
CA SER A 388 -9.06 -26.93 16.48
C SER A 388 -9.02 -26.89 18.01
N GLU A 389 -9.55 -27.92 18.66
CA GLU A 389 -9.51 -27.99 20.13
C GLU A 389 -8.09 -27.96 20.68
N THR A 390 -7.17 -28.60 19.98
CA THR A 390 -5.78 -28.62 20.46
C THR A 390 -5.19 -27.22 20.55
N HIS A 391 -5.85 -26.23 19.99
CA HIS A 391 -5.30 -24.90 19.94
C HIS A 391 -5.51 -24.15 21.25
N SER A 392 -6.47 -24.61 22.06
CA SER A 392 -6.93 -23.84 23.22
C SER A 392 -5.85 -23.52 24.24
N PRO A 393 -5.03 -24.50 24.60
CA PRO A 393 -4.01 -24.20 25.61
C PRO A 393 -3.13 -23.00 25.28
N LEU A 394 -2.94 -22.74 23.99
CA LEU A 394 -2.19 -21.58 23.52
C LEU A 394 -2.93 -20.27 23.80
N PHE A 395 -4.21 -20.22 23.46
CA PHE A 395 -4.99 -19.03 23.76
C PHE A 395 -4.98 -18.77 25.25
N SER A 396 -4.98 -19.85 26.00
CA SER A 396 -4.95 -19.76 27.43
C SER A 396 -3.67 -19.08 27.87
N MET A 397 -2.55 -19.48 27.27
CA MET A 397 -1.24 -18.84 27.51
C MET A 397 -1.28 -17.35 27.14
N LEU A 398 -1.94 -17.03 26.04
CA LEU A 398 -1.98 -15.65 25.61
C LEU A 398 -2.64 -14.74 26.65
N LYS A 399 -3.64 -15.24 27.37
CA LYS A 399 -4.26 -14.42 28.42
C LYS A 399 -3.20 -14.07 29.46
N ASP A 400 -2.40 -15.05 29.83
CA ASP A 400 -1.35 -14.84 30.83
C ASP A 400 -0.33 -13.83 30.37
N LEU A 401 0.14 -14.01 29.14
CA LEU A 401 1.13 -13.08 28.54
C LEU A 401 0.58 -11.68 28.32
N SER A 402 -0.71 -11.54 28.07
CA SER A 402 -1.30 -10.22 27.96
C SER A 402 -1.28 -9.43 29.26
N VAL A 403 -1.04 -10.10 30.38
CA VAL A 403 -0.89 -9.45 31.70
C VAL A 403 0.58 -9.26 32.06
N THR A 404 1.36 -10.35 32.06
CA THR A 404 2.77 -10.26 32.42
C THR A 404 3.57 -9.43 31.43
N GLY A 405 3.15 -9.45 30.17
CA GLY A 405 3.81 -8.70 29.10
C GLY A 405 3.37 -7.26 29.00
N ALA A 406 2.32 -6.89 29.73
CA ALA A 406 1.93 -5.49 29.87
C ALA A 406 2.80 -4.87 30.94
N GLU A 407 3.15 -5.68 31.94
CA GLU A 407 4.15 -5.25 32.90
C GLU A 407 5.48 -4.99 32.19
N THR A 408 5.85 -5.87 31.25
CA THR A 408 7.10 -5.71 30.53
C THR A 408 7.06 -4.43 29.69
N ALA A 409 5.98 -4.22 28.96
CA ALA A 409 5.84 -3.03 28.14
C ALA A 409 5.97 -1.74 28.93
N ARG A 410 5.30 -1.68 30.08
CA ARG A 410 5.35 -0.48 30.92
C ARG A 410 6.77 -0.23 31.53
N THR A 411 7.26 -1.22 32.26
CA THR A 411 8.51 -1.14 33.02
C THR A 411 9.73 -0.83 32.18
N MET A 412 9.77 -1.43 31.00
CA MET A 412 10.96 -1.42 30.16
C MET A 412 10.94 -0.38 29.04
N TYR A 413 9.77 -0.19 28.44
CA TYR A 413 9.63 0.63 27.25
C TYR A 413 8.67 1.80 27.38
N ASP A 414 8.00 1.89 28.52
CA ASP A 414 7.00 2.94 28.76
C ASP A 414 5.93 2.99 27.65
N CYS A 415 5.38 1.81 27.34
CA CYS A 415 4.41 1.66 26.26
C CYS A 415 3.16 0.99 26.74
N ARG A 416 2.03 1.35 26.14
CA ARG A 416 0.77 0.69 26.43
C ARG A 416 0.76 -0.63 25.70
N GLY A 417 -0.28 -1.41 25.93
CA GLY A 417 -0.44 -2.72 25.35
C GLY A 417 0.45 -3.72 26.06
N TRP A 418 0.87 -4.75 25.30
CA TRP A 418 1.77 -5.77 25.79
C TRP A 418 2.74 -6.31 24.71
N VAL A 419 3.80 -6.97 25.20
CA VAL A 419 4.95 -7.42 24.39
C VAL A 419 5.51 -8.73 24.93
N ALA A 420 6.08 -9.53 24.05
CA ALA A 420 6.97 -10.64 24.46
C ALA A 420 8.11 -10.77 23.44
N HIS A 421 9.28 -11.16 23.90
CA HIS A 421 10.44 -11.29 23.00
C HIS A 421 10.53 -12.71 22.40
N HIS A 422 11.60 -13.48 22.59
CA HIS A 422 11.73 -14.71 21.76
C HIS A 422 11.61 -16.03 22.53
N ASN A 423 11.41 -15.91 23.83
CA ASN A 423 11.25 -17.08 24.72
C ASN A 423 10.34 -16.78 25.89
N THR A 424 9.55 -17.78 26.27
CA THR A 424 8.83 -17.72 27.54
C THR A 424 8.75 -19.13 28.08
N ASP A 425 8.13 -19.30 29.26
CA ASP A 425 8.16 -20.58 29.99
C ASP A 425 6.91 -20.70 30.84
N LEU A 426 6.90 -21.66 31.78
CA LEU A 426 5.73 -21.94 32.64
C LEU A 426 5.32 -20.75 33.46
N TRP A 427 6.29 -19.88 33.75
CA TRP A 427 6.06 -18.69 34.61
C TRP A 427 5.77 -17.45 33.81
N ARG A 428 5.68 -17.62 32.50
CA ARG A 428 5.10 -16.63 31.62
C ARG A 428 5.90 -15.33 31.62
N ILE A 429 7.22 -15.44 31.53
CA ILE A 429 8.10 -14.27 31.39
C ILE A 429 7.94 -13.66 30.01
N CYS A 430 8.20 -12.36 29.92
CA CYS A 430 8.11 -11.63 28.64
C CYS A 430 9.28 -10.73 28.29
N GLY A 431 10.33 -10.74 29.12
CA GLY A 431 11.49 -9.90 28.89
C GLY A 431 12.44 -10.46 27.85
N VAL A 432 13.66 -9.90 27.85
CA VAL A 432 14.65 -10.19 26.85
C VAL A 432 15.48 -11.37 27.34
N VAL A 433 15.53 -12.42 26.52
CA VAL A 433 16.18 -13.68 26.93
C VAL A 433 17.58 -13.96 26.32
N ASP A 434 18.43 -14.59 27.12
CA ASP A 434 19.81 -14.95 26.80
C ASP A 434 20.77 -13.77 26.57
N PHE A 435 20.64 -13.09 25.43
CA PHE A 435 21.51 -11.98 25.08
C PHE A 435 20.95 -11.26 23.83
N ALA A 436 21.31 -9.99 23.67
CA ALA A 436 20.77 -9.14 22.60
C ALA A 436 20.78 -9.73 21.19
N ALA A 437 21.89 -10.33 20.79
CA ALA A 437 22.07 -10.76 19.39
C ALA A 437 20.98 -11.65 18.89
N ALA A 438 20.39 -12.46 19.79
CA ALA A 438 19.22 -13.30 19.46
C ALA A 438 17.89 -12.90 20.15
N GLY A 439 17.99 -12.28 21.33
CA GLY A 439 16.85 -12.02 22.19
C GLY A 439 16.17 -10.69 22.00
N MET A 440 16.91 -9.68 21.55
CA MET A 440 16.37 -8.32 21.45
C MET A 440 15.47 -8.26 20.22
N TRP A 441 14.22 -8.68 20.42
CA TRP A 441 13.30 -8.95 19.31
C TRP A 441 11.92 -8.91 19.88
N PRO A 442 11.25 -7.74 19.83
CA PRO A 442 9.98 -7.52 20.54
C PRO A 442 8.69 -7.94 19.80
N SER A 443 8.81 -8.91 18.87
CA SER A 443 7.66 -9.31 18.05
C SER A 443 7.09 -10.73 18.34
N GLY A 444 7.53 -11.34 19.42
CA GLY A 444 7.05 -12.66 19.79
C GLY A 444 5.60 -12.66 20.19
N GLY A 445 5.23 -11.68 21.00
CA GLY A 445 3.83 -11.56 21.43
C GLY A 445 2.89 -11.34 20.27
N ALA A 446 3.32 -10.52 19.32
CA ALA A 446 2.50 -10.14 18.17
C ALA A 446 2.23 -11.29 17.22
N TRP A 447 3.26 -12.11 16.99
CA TRP A 447 3.12 -13.33 16.21
C TRP A 447 2.20 -14.32 16.91
N LEU A 448 2.48 -14.69 18.16
CA LEU A 448 1.57 -15.59 18.91
C LEU A 448 0.13 -15.12 18.81
N ALA A 449 -0.08 -13.82 18.98
CA ALA A 449 -1.44 -13.28 18.94
C ALA A 449 -2.17 -13.53 17.58
N GLN A 450 -1.41 -13.70 16.50
CA GLN A 450 -2.00 -13.93 15.18
C GLN A 450 -2.67 -15.28 15.15
N HIS A 451 -2.33 -16.16 16.10
CA HIS A 451 -3.01 -17.44 16.20
C HIS A 451 -4.49 -17.26 16.60
N ILE A 452 -4.81 -16.15 17.27
CA ILE A 452 -6.19 -15.72 17.49
C ILE A 452 -6.88 -15.39 16.17
N TRP A 453 -6.20 -14.62 15.34
CA TRP A 453 -6.80 -14.20 14.10
C TRP A 453 -7.05 -15.41 13.22
N GLN A 454 -6.09 -16.33 13.14
CA GLN A 454 -6.24 -17.51 12.27
C GLN A 454 -7.36 -18.45 12.73
N HIS A 455 -7.50 -18.62 14.05
CA HIS A 455 -8.59 -19.41 14.59
C HIS A 455 -9.93 -18.84 14.15
N TYR A 456 -10.02 -17.51 14.08
CA TYR A 456 -11.25 -16.88 13.61
C TYR A 456 -11.41 -17.16 12.11
N LEU A 457 -10.38 -16.95 11.32
CA LEU A 457 -10.49 -17.18 9.88
C LEU A 457 -10.93 -18.62 9.51
N PHE A 458 -10.47 -19.60 10.28
CA PHE A 458 -10.75 -20.99 10.00
C PHE A 458 -12.12 -21.41 10.55
N THR A 459 -12.54 -20.90 11.71
CA THR A 459 -13.82 -21.34 12.29
C THR A 459 -15.00 -20.42 11.95
N GLY A 460 -14.73 -19.13 11.81
CA GLY A 460 -15.76 -18.11 11.65
C GLY A 460 -16.45 -17.68 12.94
N ASN A 461 -15.92 -18.13 14.07
CA ASN A 461 -16.55 -17.89 15.34
C ASN A 461 -16.32 -16.45 15.85
N LYS A 462 -17.34 -15.62 15.67
CA LYS A 462 -17.27 -14.22 16.08
C LYS A 462 -17.23 -14.01 17.59
N GLU A 463 -17.83 -14.94 18.35
CA GLU A 463 -17.90 -14.83 19.80
C GLU A 463 -16.48 -14.95 20.36
N PHE A 464 -15.75 -15.92 19.83
CA PHE A 464 -14.34 -16.12 20.14
C PHE A 464 -13.55 -14.82 19.93
N LEU A 465 -13.64 -14.30 18.72
CA LEU A 465 -12.93 -13.10 18.36
C LEU A 465 -13.21 -11.93 19.31
N LYS A 466 -14.44 -11.77 19.75
CA LYS A 466 -14.74 -10.67 20.68
C LYS A 466 -14.13 -10.90 22.05
N GLU A 467 -14.10 -12.15 22.50
CA GLU A 467 -13.47 -12.47 23.77
C GLU A 467 -11.97 -12.16 23.73
N TYR A 468 -11.32 -12.52 22.61
CA TYR A 468 -9.85 -12.40 22.45
C TYR A 468 -9.40 -11.10 21.79
N TYR A 469 -10.32 -10.30 21.31
CA TYR A 469 -9.97 -9.04 20.67
C TYR A 469 -9.10 -8.12 21.54
N PRO A 470 -9.44 -7.93 22.83
CA PRO A 470 -8.58 -7.07 23.65
C PRO A 470 -7.13 -7.50 23.64
N ILE A 471 -6.91 -8.81 23.60
CA ILE A 471 -5.54 -9.37 23.54
C ILE A 471 -4.80 -9.10 22.21
N LEU A 472 -5.44 -9.40 21.10
CA LEU A 472 -4.94 -9.05 19.78
C LEU A 472 -4.64 -7.56 19.68
N LYS A 473 -5.66 -6.74 19.99
CA LYS A 473 -5.54 -5.28 20.05
C LYS A 473 -4.32 -4.80 20.87
N GLY A 474 -4.07 -5.50 21.97
CA GLY A 474 -2.94 -5.14 22.80
C GLY A 474 -1.61 -5.10 22.08
N THR A 475 -1.43 -5.94 21.06
CA THR A 475 -0.16 -6.02 20.32
C THR A 475 -0.04 -4.85 19.34
N ALA A 476 -1.16 -4.48 18.75
CA ALA A 476 -1.27 -3.30 17.91
C ALA A 476 -1.01 -2.01 18.71
N GLN A 477 -1.53 -1.96 19.94
CA GLN A 477 -1.32 -0.81 20.81
C GLN A 477 0.14 -0.67 21.22
N PHE A 478 0.79 -1.79 21.49
CA PHE A 478 2.22 -1.73 21.77
C PHE A 478 3.02 -1.14 20.60
N TYR A 479 2.71 -1.58 19.38
CA TYR A 479 3.48 -1.15 18.22
C TYR A 479 3.26 0.35 17.99
N MET A 480 2.05 0.82 18.23
CA MET A 480 1.76 2.24 18.04
C MET A 480 2.54 3.14 19.01
N ASP A 481 2.89 2.62 20.18
CA ASP A 481 3.67 3.36 21.16
C ASP A 481 5.16 3.06 21.06
N PHE A 482 5.53 1.94 20.46
CA PHE A 482 6.96 1.53 20.35
C PHE A 482 7.66 1.94 19.05
N LEU A 483 6.90 2.04 17.97
CA LEU A 483 7.43 2.43 16.65
C LEU A 483 8.00 3.81 16.71
N VAL A 484 9.08 4.03 15.95
CA VAL A 484 9.68 5.36 15.85
C VAL A 484 10.00 5.68 14.40
N GLU A 485 10.08 6.97 14.14
CA GLU A 485 10.28 7.46 12.80
C GLU A 485 11.72 7.31 12.41
N HIS A 486 11.99 6.64 11.30
CA HIS A 486 13.34 6.56 10.74
C HIS A 486 13.77 7.97 10.28
N PRO A 487 14.90 8.50 10.80
CA PRO A 487 15.35 9.87 10.50
C PRO A 487 15.47 10.22 9.04
N VAL A 488 15.91 9.27 8.21
CA VAL A 488 16.05 9.52 6.80
C VAL A 488 14.84 9.21 5.93
N TYR A 489 14.27 8.00 6.06
CA TYR A 489 13.19 7.52 5.17
C TYR A 489 11.80 7.82 5.70
N LYS A 490 11.75 8.29 6.94
CA LYS A 490 10.51 8.69 7.60
C LYS A 490 9.51 7.58 7.92
N TRP A 491 9.79 6.34 7.53
CA TRP A 491 8.87 5.23 7.79
C TRP A 491 8.90 4.93 9.27
N LEU A 492 7.79 4.41 9.79
CA LEU A 492 7.79 3.93 11.16
C LEU A 492 8.46 2.58 11.23
N VAL A 493 9.36 2.39 12.19
CA VAL A 493 10.13 1.15 12.30
C VAL A 493 10.29 0.64 13.74
N VAL A 494 10.54 -0.66 13.83
CA VAL A 494 10.73 -1.32 15.11
C VAL A 494 12.23 -1.32 15.42
N SER A 495 12.62 -0.64 16.49
CA SER A 495 14.03 -0.60 16.90
C SER A 495 14.12 -0.45 18.42
N PRO A 496 15.03 -1.18 19.09
CA PRO A 496 16.00 -2.10 18.48
C PRO A 496 15.47 -3.54 18.32
N SER A 497 15.88 -4.21 17.26
CA SER A 497 15.46 -5.58 16.96
C SER A 497 16.51 -6.30 16.13
N VAL A 498 16.26 -7.56 15.82
CA VAL A 498 17.13 -8.33 14.95
C VAL A 498 16.27 -9.16 14.03
N SER A 499 16.81 -9.56 12.89
CA SER A 499 16.18 -10.61 12.10
C SER A 499 16.68 -11.92 12.73
N PRO A 500 15.76 -12.70 13.34
CA PRO A 500 16.27 -13.87 14.04
C PRO A 500 16.93 -14.88 13.08
N GLU A 501 18.10 -15.41 13.42
CA GLU A 501 18.98 -14.98 14.53
C GLU A 501 20.37 -14.67 13.96
N HIS A 502 20.50 -13.57 13.23
CA HIS A 502 21.75 -13.16 12.64
C HIS A 502 21.72 -11.69 12.21
N GLY A 503 22.89 -11.18 11.84
CA GLY A 503 23.05 -9.78 11.51
C GLY A 503 23.08 -8.92 12.75
N PRO A 504 23.13 -7.60 12.56
CA PRO A 504 23.28 -6.70 13.70
C PRO A 504 21.96 -6.36 14.38
N ILE A 505 22.08 -5.73 15.54
CA ILE A 505 20.94 -5.09 16.18
C ILE A 505 20.68 -3.89 15.31
N THR A 506 19.43 -3.69 14.88
CA THR A 506 19.16 -2.74 13.81
C THR A 506 17.73 -2.16 13.87
N ALA A 507 17.24 -1.57 12.77
CA ALA A 507 15.93 -0.94 12.77
C ALA A 507 14.85 -1.45 11.83
N GLY A 508 15.07 -1.55 10.55
CA GLY A 508 13.85 -1.74 9.72
C GLY A 508 13.57 -3.15 9.23
N CYS A 509 13.78 -4.13 10.10
CA CYS A 509 13.75 -5.55 9.72
C CYS A 509 12.45 -5.92 9.01
N THR A 510 12.57 -6.55 7.85
CA THR A 510 11.41 -6.98 7.10
C THR A 510 10.44 -7.83 7.94
N MET A 511 10.94 -8.69 8.82
CA MET A 511 10.07 -9.52 9.63
C MET A 511 9.24 -8.66 10.58
N ASP A 512 9.87 -7.65 11.19
CA ASP A 512 9.15 -6.77 12.12
C ASP A 512 8.11 -5.96 11.33
N ASN A 513 8.41 -5.65 10.08
CA ASN A 513 7.48 -4.88 9.25
C ASN A 513 6.27 -5.73 8.89
N GLN A 514 6.50 -7.01 8.60
CA GLN A 514 5.41 -7.94 8.28
C GLN A 514 4.57 -8.27 9.50
N ILE A 515 5.21 -8.47 10.65
CA ILE A 515 4.44 -8.80 11.84
C ILE A 515 3.67 -7.58 12.33
N ALA A 516 4.32 -6.41 12.33
CA ALA A 516 3.62 -5.17 12.70
C ALA A 516 2.43 -4.90 11.77
N PHE A 517 2.59 -5.23 10.50
CA PHE A 517 1.52 -5.06 9.54
C PHE A 517 0.33 -5.94 9.94
N ASP A 518 0.60 -7.22 10.24
CA ASP A 518 -0.46 -8.15 10.62
C ASP A 518 -1.08 -7.73 11.95
N ALA A 519 -0.24 -7.33 12.90
CA ALA A 519 -0.76 -6.87 14.18
C ALA A 519 -1.74 -5.71 13.97
N LEU A 520 -1.36 -4.70 13.20
CA LEU A 520 -2.20 -3.52 13.01
C LEU A 520 -3.41 -3.81 12.13
N HIS A 521 -3.16 -4.45 11.00
CA HIS A 521 -4.20 -4.61 10.01
C HIS A 521 -5.23 -5.63 10.43
N ASN A 522 -4.84 -6.71 11.09
CA ASN A 522 -5.84 -7.67 11.49
C ASN A 522 -6.58 -7.22 12.76
N THR A 523 -5.94 -6.42 13.58
CA THR A 523 -6.67 -5.73 14.65
C THR A 523 -7.78 -4.85 14.06
N LEU A 524 -7.47 -4.14 12.99
CA LEU A 524 -8.45 -3.32 12.29
C LEU A 524 -9.62 -4.13 11.77
N LEU A 525 -9.34 -5.23 11.07
CA LEU A 525 -10.41 -6.04 10.48
C LEU A 525 -11.27 -6.60 11.58
N ALA A 526 -10.64 -6.97 12.67
CA ALA A 526 -11.35 -7.50 13.81
C ALA A 526 -12.19 -6.44 14.48
N SER A 527 -11.74 -5.18 14.43
CA SER A 527 -12.42 -4.09 15.13
C SER A 527 -13.84 -3.82 14.57
N TYR A 528 -14.04 -4.09 13.29
CA TYR A 528 -15.37 -3.94 12.68
C TYR A 528 -16.37 -4.97 13.18
N ILE A 529 -15.87 -6.08 13.70
CA ILE A 529 -16.70 -7.13 14.29
C ILE A 529 -16.84 -6.97 15.82
N ALA A 530 -15.75 -6.58 16.50
CA ALA A 530 -15.77 -6.42 17.97
C ALA A 530 -16.40 -5.12 18.46
N GLY A 531 -16.47 -4.12 17.59
CA GLY A 531 -16.85 -2.77 18.00
C GLY A 531 -15.63 -2.03 18.51
N GLU A 532 -15.45 -0.78 18.04
CA GLU A 532 -14.34 0.06 18.47
C GLU A 532 -14.61 1.54 18.17
N ALA A 533 -13.89 2.41 18.88
CA ALA A 533 -13.91 3.86 18.58
C ALA A 533 -13.29 4.21 17.21
N PRO A 534 -14.03 4.96 16.38
CA PRO A 534 -13.44 5.44 15.10
C PRO A 534 -12.04 6.05 15.21
N SER A 535 -11.74 6.72 16.32
CA SER A 535 -10.44 7.38 16.49
C SER A 535 -9.27 6.37 16.61
N PHE A 536 -9.53 5.24 17.29
CA PHE A 536 -8.56 4.15 17.41
C PHE A 536 -8.37 3.45 16.05
N GLN A 537 -9.45 3.30 15.30
CA GLN A 537 -9.33 2.75 13.96
C GLN A 537 -8.53 3.65 13.00
N ASP A 538 -8.66 4.98 13.12
CA ASP A 538 -7.89 5.92 12.28
C ASP A 538 -6.41 5.89 12.67
N SER A 539 -6.09 5.67 13.94
CA SER A 539 -4.68 5.49 14.35
C SER A 539 -4.06 4.32 13.60
N LEU A 540 -4.77 3.20 13.60
CA LEU A 540 -4.32 1.98 12.96
C LEU A 540 -4.02 2.23 11.50
N LYS A 541 -4.91 2.92 10.79
CA LYS A 541 -4.68 3.19 9.37
C LYS A 541 -3.50 4.13 9.15
N GLN A 542 -3.49 5.22 9.90
CA GLN A 542 -2.39 6.16 9.85
C GLN A 542 -1.06 5.46 10.13
N THR A 543 -1.06 4.47 11.02
CA THR A 543 0.18 3.75 11.37
C THR A 543 0.60 2.80 10.25
N LEU A 544 -0.34 2.01 9.74
CA LEU A 544 -0.09 1.11 8.60
C LEU A 544 0.50 1.83 7.39
N GLU A 545 -0.12 2.96 7.05
CA GLU A 545 0.34 3.76 5.90
C GLU A 545 1.78 4.27 6.05
N LYS A 546 2.30 4.37 7.27
CA LYS A 546 3.70 4.78 7.46
C LYS A 546 4.75 3.65 7.55
N LEU A 547 4.36 2.39 7.40
CA LEU A 547 5.29 1.28 7.53
C LEU A 547 6.08 1.09 6.26
N PRO A 548 7.29 0.51 6.37
CA PRO A 548 8.11 0.34 5.18
C PRO A 548 7.56 -0.71 4.22
N PRO A 549 7.69 -0.48 2.92
CA PRO A 549 7.29 -1.51 1.96
C PRO A 549 8.33 -2.60 1.88
N MET A 550 7.97 -3.73 1.32
CA MET A 550 8.98 -4.74 1.04
C MET A 550 9.79 -4.34 -0.18
N GLN A 551 10.94 -4.98 -0.36
CA GLN A 551 11.91 -4.53 -1.36
C GLN A 551 12.49 -5.72 -2.11
N ILE A 552 12.67 -5.58 -3.42
CA ILE A 552 13.46 -6.52 -4.23
C ILE A 552 14.85 -5.93 -4.42
N GLY A 553 15.86 -6.76 -4.15
CA GLY A 553 17.25 -6.30 -4.11
C GLY A 553 18.04 -6.68 -5.34
N LYS A 554 19.35 -6.45 -5.25
CA LYS A 554 20.26 -6.58 -6.39
C LYS A 554 20.42 -8.01 -6.89
N HIS A 555 20.09 -9.02 -6.06
CA HIS A 555 20.09 -10.42 -6.49
C HIS A 555 18.68 -10.94 -6.77
N ASN A 556 17.76 -10.04 -7.08
CA ASN A 556 16.36 -10.37 -7.31
C ASN A 556 15.78 -11.12 -6.12
N GLN A 557 16.25 -10.78 -4.94
CA GLN A 557 15.84 -11.44 -3.72
C GLN A 557 14.98 -10.51 -2.89
N LEU A 558 14.16 -11.07 -2.00
CA LEU A 558 13.39 -10.25 -1.07
C LEU A 558 14.29 -9.83 0.09
N GLN A 559 14.38 -8.53 0.35
CA GLN A 559 15.35 -8.02 1.31
C GLN A 559 14.93 -8.35 2.75
N GLU A 560 15.85 -8.94 3.48
CA GLU A 560 15.68 -9.23 4.89
C GLU A 560 15.78 -7.96 5.73
N TRP A 561 16.62 -7.02 5.34
CA TRP A 561 16.74 -5.72 6.06
C TRP A 561 16.38 -4.52 5.17
N LEU A 562 16.30 -3.30 5.74
CA LEU A 562 16.05 -2.10 4.88
C LEU A 562 17.12 -1.97 3.83
N GLU A 563 18.37 -2.09 4.22
CA GLU A 563 19.40 -1.87 3.27
C GLU A 563 19.61 -3.18 2.53
N ASP A 564 20.23 -3.08 1.35
CA ASP A 564 20.34 -4.21 0.43
C ASP A 564 21.60 -5.00 0.70
N ILE A 565 21.60 -5.74 1.81
CA ILE A 565 22.79 -6.38 2.34
C ILE A 565 22.67 -7.91 2.38
N ASP A 566 21.63 -8.46 1.78
CA ASP A 566 21.46 -9.92 1.75
C ASP A 566 22.63 -10.57 1.05
N ASN A 567 23.14 -11.65 1.63
CA ASN A 567 24.21 -12.45 1.03
C ASN A 567 23.62 -13.71 0.39
N PRO A 568 23.73 -13.83 -0.96
CA PRO A 568 23.12 -14.97 -1.67
C PRO A 568 23.70 -16.39 -1.40
N LYS A 569 24.86 -16.50 -0.75
CA LYS A 569 25.34 -17.82 -0.34
C LYS A 569 24.91 -18.20 1.08
N ASP A 570 24.42 -17.24 1.85
CA ASP A 570 24.09 -17.46 3.24
C ASP A 570 22.99 -18.48 3.32
N GLU A 571 23.25 -19.59 4.00
CA GLU A 571 22.27 -20.67 4.20
C GLU A 571 21.79 -20.75 5.64
N HIS A 572 21.72 -19.60 6.29
CA HIS A 572 21.22 -19.49 7.66
C HIS A 572 19.88 -20.21 7.83
N ARG A 573 19.77 -21.03 8.86
CA ARG A 573 18.57 -21.86 9.11
C ARG A 573 17.22 -21.11 9.21
N HIS A 574 17.25 -19.88 9.72
CA HIS A 574 16.06 -19.03 9.80
C HIS A 574 15.86 -18.31 8.48
N ILE A 575 14.61 -18.10 8.07
CA ILE A 575 14.29 -17.26 6.92
C ILE A 575 13.16 -16.36 7.37
N SER A 576 13.47 -15.50 8.35
CA SER A 576 12.43 -14.83 9.11
C SER A 576 11.64 -13.81 8.28
N HIS A 577 12.28 -13.30 7.24
CA HIS A 577 11.65 -12.33 6.33
C HIS A 577 10.69 -12.95 5.33
N LEU A 578 10.53 -14.27 5.34
CA LEU A 578 9.47 -14.90 4.56
C LEU A 578 8.31 -15.27 5.44
N TYR A 579 8.29 -14.77 6.68
CA TYR A 579 7.10 -14.81 7.52
C TYR A 579 5.90 -14.44 6.66
N GLY A 580 6.06 -13.41 5.81
CA GLY A 580 4.97 -12.95 4.96
C GLY A 580 4.45 -13.96 3.95
N LEU A 581 5.32 -14.86 3.49
CA LEU A 581 4.96 -15.93 2.57
C LEU A 581 4.33 -17.05 3.34
N TYR A 582 4.89 -17.36 4.50
CA TYR A 582 4.27 -18.30 5.42
C TYR A 582 4.82 -18.11 6.82
N PRO A 583 3.97 -17.99 7.83
CA PRO A 583 2.54 -18.33 7.79
C PRO A 583 1.54 -17.22 7.41
N SER A 584 2.02 -16.01 7.14
CA SER A 584 1.12 -14.94 6.75
C SER A 584 0.73 -15.04 5.27
N ASN A 585 -0.05 -14.06 4.83
CA ASN A 585 -0.64 -14.03 3.50
C ASN A 585 -0.26 -12.80 2.65
N GLN A 586 0.94 -12.30 2.88
CA GLN A 586 1.38 -11.04 2.27
C GLN A 586 2.13 -11.16 0.94
N ILE A 587 2.36 -12.39 0.45
CA ILE A 587 3.09 -12.61 -0.79
C ILE A 587 2.29 -13.50 -1.72
N SER A 588 1.39 -12.89 -2.49
CA SER A 588 0.55 -13.63 -3.43
C SER A 588 1.05 -13.56 -4.88
N PRO A 589 1.12 -14.71 -5.57
CA PRO A 589 1.56 -14.73 -6.97
C PRO A 589 0.59 -14.03 -7.89
N TYR A 590 -0.66 -13.79 -7.44
CA TYR A 590 -1.65 -13.08 -8.28
C TYR A 590 -1.57 -11.56 -8.06
N SER A 591 -1.68 -11.11 -6.81
CA SER A 591 -1.55 -9.68 -6.45
C SER A 591 -0.16 -9.09 -6.69
N ASN A 592 0.89 -9.88 -6.46
CA ASN A 592 2.27 -9.38 -6.50
C ASN A 592 3.25 -10.42 -7.07
N PRO A 593 3.13 -10.74 -8.36
CA PRO A 593 3.99 -11.74 -8.98
C PRO A 593 5.50 -11.46 -8.83
N GLU A 594 5.90 -10.20 -8.94
CA GLU A 594 7.32 -9.88 -8.90
C GLU A 594 7.94 -10.17 -7.53
N LEU A 595 7.16 -9.93 -6.46
CA LEU A 595 7.58 -10.19 -5.09
C LEU A 595 7.68 -11.69 -4.80
N PHE A 596 6.65 -12.41 -5.20
CA PHE A 596 6.62 -13.87 -5.18
C PHE A 596 7.89 -14.47 -5.77
N GLN A 597 8.33 -13.92 -6.89
CA GLN A 597 9.49 -14.47 -7.57
C GLN A 597 10.76 -14.13 -6.78
N ALA A 598 10.74 -13.00 -6.08
CA ALA A 598 11.86 -12.63 -5.23
C ALA A 598 11.94 -13.53 -4.00
N ALA A 599 10.79 -13.88 -3.44
CA ALA A 599 10.70 -14.92 -2.43
C ALA A 599 11.27 -16.23 -2.96
N ARG A 600 10.90 -16.62 -4.17
CA ARG A 600 11.45 -17.83 -4.77
C ARG A 600 12.99 -17.82 -4.73
N ASN A 601 13.58 -16.71 -5.21
CA ASN A 601 15.02 -16.57 -5.27
C ASN A 601 15.63 -16.59 -3.88
N THR A 602 14.99 -15.93 -2.93
CA THR A 602 15.42 -16.01 -1.53
C THR A 602 15.48 -17.46 -1.06
N LEU A 603 14.51 -18.27 -1.43
CA LEU A 603 14.48 -19.69 -1.04
C LEU A 603 15.58 -20.52 -1.71
N LEU A 604 15.90 -20.19 -2.95
CA LEU A 604 16.98 -20.86 -3.63
C LEU A 604 18.32 -20.52 -3.01
N GLN A 605 18.49 -19.28 -2.59
CA GLN A 605 19.72 -18.88 -1.92
C GLN A 605 19.93 -19.53 -0.53
N ARG A 606 18.86 -19.73 0.23
CA ARG A 606 18.95 -20.35 1.55
C ARG A 606 19.17 -21.86 1.52
N GLY A 607 18.69 -22.53 0.48
CA GLY A 607 18.95 -23.97 0.33
C GLY A 607 17.99 -24.83 1.09
N ASP A 608 18.11 -26.13 0.86
CA ASP A 608 17.06 -27.11 1.24
C ASP A 608 17.24 -27.87 2.55
N LYS A 609 18.31 -27.61 3.29
CA LYS A 609 18.62 -28.48 4.43
C LYS A 609 18.58 -27.67 5.73
N ALA A 610 19.67 -27.67 6.51
CA ALA A 610 19.68 -27.05 7.85
C ALA A 610 18.90 -27.90 8.86
N THR A 611 18.46 -27.30 9.96
CA THR A 611 17.89 -28.06 11.05
C THR A 611 16.53 -28.65 10.66
N GLY A 612 16.05 -29.60 11.47
CA GLY A 612 14.70 -30.20 11.29
C GLY A 612 13.56 -29.20 11.16
N TRP A 613 13.48 -28.25 12.08
CA TRP A 613 12.47 -27.20 11.99
C TRP A 613 12.64 -26.37 10.74
N SER A 614 13.88 -26.02 10.38
CA SER A 614 14.10 -25.25 9.17
C SER A 614 13.52 -25.95 7.94
N ILE A 615 13.77 -27.24 7.87
CA ILE A 615 13.24 -28.08 6.82
C ILE A 615 11.71 -28.12 6.82
N GLY A 616 11.12 -28.17 8.00
CA GLY A 616 9.66 -28.13 8.13
C GLY A 616 9.02 -26.86 7.60
N TRP A 617 9.64 -25.72 7.87
CA TRP A 617 9.12 -24.47 7.39
C TRP A 617 9.18 -24.50 5.88
N LYS A 618 10.26 -25.07 5.35
CA LYS A 618 10.48 -25.07 3.92
C LYS A 618 9.44 -25.88 3.13
N VAL A 619 8.83 -26.91 3.75
CA VAL A 619 7.78 -27.63 3.06
C VAL A 619 6.57 -26.70 2.86
N ASN A 620 6.25 -25.94 3.90
CA ASN A 620 5.23 -24.94 3.78
C ASN A 620 5.59 -23.87 2.78
N PHE A 621 6.82 -23.35 2.86
CA PHE A 621 7.28 -22.35 1.90
C PHE A 621 7.05 -22.83 0.48
N TRP A 622 7.59 -24.01 0.14
CA TRP A 622 7.51 -24.48 -1.24
C TRP A 622 6.09 -24.85 -1.65
N ALA A 623 5.24 -25.18 -0.70
CA ALA A 623 3.83 -25.35 -0.98
C ALA A 623 3.18 -24.02 -1.43
N ARG A 624 3.48 -22.95 -0.70
CA ARG A 624 3.04 -21.61 -1.10
C ARG A 624 3.66 -21.16 -2.43
N MET A 625 4.87 -21.61 -2.73
CA MET A 625 5.45 -21.40 -4.05
C MET A 625 4.75 -22.21 -5.15
N LEU A 626 3.72 -22.99 -4.81
CA LEU A 626 3.00 -23.81 -5.77
C LEU A 626 3.93 -24.77 -6.51
N ASP A 627 4.92 -25.32 -5.81
CA ASP A 627 5.93 -26.18 -6.38
C ASP A 627 6.00 -27.52 -5.65
N GLY A 628 5.11 -28.44 -6.03
CA GLY A 628 5.02 -29.74 -5.36
C GLY A 628 6.28 -30.57 -5.44
N ASN A 629 6.95 -30.52 -6.58
CA ASN A 629 8.17 -31.29 -6.74
C ASN A 629 9.29 -30.85 -5.79
N HIS A 630 9.45 -29.54 -5.63
CA HIS A 630 10.44 -28.98 -4.71
C HIS A 630 10.00 -29.26 -3.26
N ALA A 631 8.70 -29.20 -3.00
CA ALA A 631 8.23 -29.50 -1.65
C ALA A 631 8.62 -30.93 -1.31
N PHE A 632 8.40 -31.84 -2.24
CA PHE A 632 8.73 -33.25 -2.03
C PHE A 632 10.24 -33.46 -1.84
N GLN A 633 11.07 -32.65 -2.48
CA GLN A 633 12.51 -32.71 -2.23
C GLN A 633 12.85 -32.36 -0.78
N ILE A 634 12.10 -31.42 -0.20
CA ILE A 634 12.30 -31.07 1.20
C ILE A 634 11.84 -32.22 2.10
N ILE A 635 10.75 -32.87 1.72
CA ILE A 635 10.28 -34.03 2.42
C ILE A 635 11.33 -35.12 2.46
N LYS A 636 12.03 -35.34 1.35
CA LYS A 636 13.12 -36.34 1.32
C LYS A 636 14.31 -35.96 2.19
N ASN A 637 14.54 -34.67 2.36
CA ASN A 637 15.53 -34.20 3.29
C ASN A 637 15.16 -34.31 4.76
N MET A 638 13.90 -34.53 5.08
CA MET A 638 13.55 -34.81 6.46
C MET A 638 13.58 -36.30 6.77
N ILE A 639 13.01 -37.12 5.89
CA ILE A 639 12.87 -38.56 6.13
C ILE A 639 14.19 -39.29 5.83
N GLN A 640 15.12 -39.11 6.76
CA GLN A 640 16.41 -39.78 6.75
C GLN A 640 16.82 -40.09 8.15
N LEU A 641 17.35 -41.29 8.34
CA LEU A 641 17.55 -41.84 9.67
C LEU A 641 18.75 -41.23 10.40
N LEU A 642 18.49 -40.70 11.60
CA LEU A 642 19.54 -40.49 12.61
C LEU A 642 19.30 -41.53 13.70
N PRO A 643 20.08 -42.60 13.71
CA PRO A 643 19.85 -43.66 14.70
C PRO A 643 19.80 -43.23 16.17
N ASN A 644 20.68 -42.33 16.56
CA ASN A 644 20.70 -41.76 17.89
C ASN A 644 21.70 -40.62 17.92
N ASP A 645 21.76 -39.87 19.03
CA ASP A 645 22.65 -38.70 19.12
C ASP A 645 24.11 -39.05 19.26
N HIS A 646 24.41 -40.24 19.79
CA HIS A 646 25.78 -40.74 19.87
C HIS A 646 26.38 -40.89 18.47
N LEU A 647 25.55 -41.11 17.43
CA LEU A 647 26.07 -41.29 16.09
C LEU A 647 25.80 -40.10 15.15
N ALA A 648 25.59 -38.90 15.69
CA ALA A 648 25.22 -37.75 14.84
C ALA A 648 26.33 -37.29 13.86
N LYS A 649 27.59 -37.38 14.29
CA LYS A 649 28.69 -36.97 13.44
C LYS A 649 28.82 -37.94 12.30
N GLU A 650 28.53 -39.20 12.56
CA GLU A 650 28.61 -40.25 11.55
C GLU A 650 27.43 -40.22 10.57
N TYR A 651 26.29 -39.63 10.99
CA TYR A 651 25.05 -39.53 10.16
C TYR A 651 24.54 -38.11 10.11
N PRO A 652 25.37 -37.20 9.60
CA PRO A 652 25.11 -35.77 9.77
C PRO A 652 23.91 -35.31 8.99
N ASN A 653 23.40 -36.09 8.02
CA ASN A 653 22.15 -35.72 7.32
C ASN A 653 20.83 -36.28 7.92
N GLY A 654 20.92 -37.02 9.02
CA GLY A 654 19.75 -37.62 9.61
C GLY A 654 18.89 -36.56 10.30
N ARG A 655 17.58 -36.60 10.03
CA ARG A 655 16.63 -35.66 10.62
C ARG A 655 15.43 -36.31 11.30
N THR A 656 15.35 -37.64 11.26
CA THR A 656 14.29 -38.38 11.92
C THR A 656 14.90 -39.57 12.70
N TYR A 657 14.54 -39.66 13.97
CA TYR A 657 14.94 -40.77 14.83
C TYR A 657 14.14 -42.07 14.53
N PRO A 658 14.59 -43.22 15.06
CA PRO A 658 13.77 -44.41 14.90
C PRO A 658 12.36 -44.27 15.49
N ASN A 659 12.20 -43.38 16.48
CA ASN A 659 10.91 -42.87 16.99
C ASN A 659 9.97 -42.25 15.99
N MET A 660 10.52 -41.87 14.84
CA MET A 660 9.91 -40.93 13.90
C MET A 660 9.81 -39.49 14.43
N LEU A 661 10.45 -39.21 15.56
CA LEU A 661 10.50 -37.86 16.11
C LEU A 661 11.55 -37.05 15.35
N ASP A 662 11.36 -35.75 15.29
CA ASP A 662 12.23 -34.88 14.51
C ASP A 662 13.48 -34.51 15.27
N ALA A 663 14.59 -34.44 14.54
CA ALA A 663 15.89 -34.05 15.07
C ALA A 663 16.35 -32.68 14.59
N HIS A 664 16.59 -31.78 15.52
CA HIS A 664 17.25 -30.50 15.23
C HIS A 664 18.63 -30.77 14.59
N PRO A 665 19.50 -31.59 15.18
CA PRO A 665 19.33 -32.33 16.47
C PRO A 665 19.77 -31.52 17.68
N PRO A 666 19.36 -31.85 18.91
CA PRO A 666 18.72 -33.12 19.27
C PRO A 666 17.18 -33.11 19.09
N PHE A 667 16.48 -34.05 19.72
CA PHE A 667 15.04 -34.09 19.59
C PHE A 667 14.37 -32.73 19.87
N GLN A 668 13.68 -32.25 18.84
CA GLN A 668 12.86 -31.06 18.90
C GLN A 668 11.60 -31.34 18.06
N ILE A 669 10.42 -31.10 18.62
CA ILE A 669 9.15 -31.54 18.04
C ILE A 669 8.63 -30.56 16.98
N ASP A 670 9.13 -29.33 16.98
CA ASP A 670 8.73 -28.37 15.94
C ASP A 670 8.60 -28.99 14.55
N GLY A 671 9.62 -29.69 14.11
CA GLY A 671 9.65 -30.26 12.77
C GLY A 671 8.58 -31.31 12.48
N ASN A 672 8.18 -32.07 13.47
CA ASN A 672 7.09 -33.03 13.26
C ASN A 672 5.84 -32.31 12.87
N PHE A 673 5.57 -31.19 13.55
CA PHE A 673 4.34 -30.43 13.39
C PHE A 673 4.48 -29.55 12.17
N GLY A 674 5.64 -28.97 11.94
CA GLY A 674 5.85 -28.25 10.71
C GLY A 674 5.65 -29.11 9.47
N TYR A 675 6.11 -30.35 9.54
CA TYR A 675 5.98 -31.27 8.42
C TYR A 675 4.51 -31.55 8.11
N THR A 676 3.74 -31.85 9.15
CA THR A 676 2.34 -32.17 9.02
C THR A 676 1.58 -31.00 8.38
N ALA A 677 1.81 -29.79 8.88
CA ALA A 677 1.15 -28.62 8.31
C ALA A 677 1.56 -28.39 6.86
N GLY A 678 2.82 -28.73 6.55
CA GLY A 678 3.38 -28.65 5.20
C GLY A 678 2.65 -29.53 4.19
N VAL A 679 2.49 -30.81 4.51
CA VAL A 679 1.78 -31.74 3.62
C VAL A 679 0.36 -31.22 3.39
N ALA A 680 -0.23 -30.61 4.42
CA ALA A 680 -1.57 -30.04 4.27
C ALA A 680 -1.58 -28.90 3.26
N GLU A 681 -0.64 -27.97 3.42
CA GLU A 681 -0.51 -26.82 2.52
C GLU A 681 -0.22 -27.25 1.10
N MET A 682 0.41 -28.40 0.91
CA MET A 682 0.66 -28.93 -0.43
C MET A 682 -0.61 -29.32 -1.12
N LEU A 683 -1.53 -29.85 -0.34
CA LEU A 683 -2.83 -30.33 -0.83
C LEU A 683 -3.99 -29.32 -0.76
N LEU A 684 -3.86 -28.27 0.06
CA LEU A 684 -4.95 -27.30 0.24
C LEU A 684 -4.49 -25.97 0.76
N GLN A 685 -4.85 -24.91 0.05
CA GLN A 685 -4.61 -23.54 0.49
C GLN A 685 -5.92 -22.77 0.46
N SER A 686 -6.08 -21.86 1.41
CA SER A 686 -7.32 -21.11 1.56
C SER A 686 -7.03 -19.70 2.06
N HIS A 687 -5.96 -19.09 1.54
CA HIS A 687 -5.49 -17.83 2.11
C HIS A 687 -5.38 -16.69 1.13
N ASP A 688 -5.76 -16.90 -0.14
CA ASP A 688 -5.37 -15.96 -1.20
C ASP A 688 -6.14 -15.91 -2.54
N GLY A 689 -7.34 -15.34 -2.65
CA GLY A 689 -8.43 -15.45 -1.73
C GLY A 689 -9.39 -16.38 -2.49
N ALA A 690 -9.13 -17.68 -2.33
CA ALA A 690 -9.98 -18.75 -2.83
C ALA A 690 -9.55 -20.05 -2.14
N VAL A 691 -10.38 -21.08 -2.22
CA VAL A 691 -10.00 -22.38 -1.69
C VAL A 691 -9.35 -23.16 -2.81
N HIS A 692 -8.04 -23.32 -2.71
CA HIS A 692 -7.26 -23.90 -3.80
C HIS A 692 -7.05 -25.41 -3.64
N LEU A 693 -7.62 -26.20 -4.54
CA LEU A 693 -7.50 -27.64 -4.52
C LEU A 693 -6.22 -28.15 -5.22
N LEU A 694 -5.44 -28.93 -4.48
CA LEU A 694 -4.14 -29.48 -4.93
C LEU A 694 -3.17 -28.45 -5.53
N PRO A 695 -2.83 -27.41 -4.74
CA PRO A 695 -1.96 -26.36 -5.25
C PRO A 695 -0.52 -26.78 -5.44
N ALA A 696 -0.07 -27.86 -4.78
CA ALA A 696 1.33 -28.24 -4.86
C ALA A 696 1.55 -29.75 -4.77
N LEU A 697 0.85 -30.50 -5.61
CA LEU A 697 0.94 -31.94 -5.60
C LEU A 697 2.20 -32.42 -6.34
N PRO A 698 3.09 -33.16 -5.66
CA PRO A 698 4.28 -33.69 -6.31
C PRO A 698 3.95 -34.69 -7.39
N ASP A 699 4.76 -34.70 -8.44
CA ASP A 699 4.64 -35.74 -9.48
C ASP A 699 4.78 -37.13 -8.88
N ALA A 700 5.61 -37.25 -7.85
CA ALA A 700 5.76 -38.52 -7.14
C ALA A 700 4.44 -39.11 -6.62
N TRP A 701 3.52 -38.26 -6.15
CA TRP A 701 2.23 -38.74 -5.65
C TRP A 701 1.19 -38.77 -6.75
N GLU A 702 1.31 -39.76 -7.65
CA GLU A 702 0.50 -39.81 -8.86
C GLU A 702 -0.98 -40.03 -8.55
N GLU A 703 -1.27 -40.66 -7.42
CA GLU A 703 -2.60 -41.17 -7.13
C GLU A 703 -2.81 -41.30 -5.63
N GLY A 704 -3.93 -40.80 -5.14
CA GLY A 704 -4.23 -40.94 -3.72
C GLY A 704 -5.41 -40.10 -3.27
N SER A 705 -5.58 -39.97 -1.98
CA SER A 705 -6.68 -39.19 -1.44
C SER A 705 -6.32 -38.54 -0.09
N VAL A 706 -7.13 -37.57 0.27
CA VAL A 706 -7.07 -36.96 1.58
C VAL A 706 -8.49 -36.65 2.00
N LYS A 707 -8.78 -36.84 3.28
CA LYS A 707 -10.09 -36.64 3.85
C LYS A 707 -9.95 -35.72 5.06
N GLY A 708 -10.80 -34.70 5.17
CA GLY A 708 -10.93 -33.97 6.43
C GLY A 708 -10.22 -32.65 6.67
N LEU A 709 -9.50 -32.15 5.68
CA LEU A 709 -8.78 -30.88 5.84
C LEU A 709 -9.75 -29.71 5.96
N VAL A 710 -9.29 -28.60 6.53
CA VAL A 710 -10.16 -27.46 6.76
C VAL A 710 -9.65 -26.25 6.04
N ALA A 711 -10.56 -25.50 5.40
CA ALA A 711 -10.24 -24.27 4.69
C ALA A 711 -10.82 -23.10 5.42
N ARG A 712 -10.14 -21.97 5.34
CA ARG A 712 -10.66 -20.73 5.90
C ARG A 712 -12.08 -20.45 5.33
N GLY A 713 -12.96 -19.96 6.18
CA GLY A 713 -14.40 -19.96 5.90
C GLY A 713 -15.10 -21.19 6.46
N ASN A 714 -14.34 -22.04 7.13
CA ASN A 714 -14.83 -23.26 7.76
C ASN A 714 -15.50 -24.23 6.79
N PHE A 715 -14.75 -24.58 5.74
CA PHE A 715 -15.12 -25.66 4.81
C PHE A 715 -14.24 -26.89 5.06
N THR A 716 -14.85 -28.05 5.28
CA THR A 716 -14.13 -29.32 5.38
C THR A 716 -14.03 -29.94 3.98
N VAL A 717 -12.84 -30.41 3.62
CA VAL A 717 -12.56 -30.78 2.25
C VAL A 717 -11.96 -32.17 2.14
N ASP A 718 -12.52 -32.97 1.23
CA ASP A 718 -11.98 -34.28 0.85
C ASP A 718 -11.61 -34.20 -0.64
N MET A 719 -10.49 -34.82 -1.03
CA MET A 719 -10.10 -34.83 -2.43
C MET A 719 -9.48 -36.17 -2.74
N ASP A 720 -9.68 -36.66 -3.97
CA ASP A 720 -8.91 -37.78 -4.50
C ASP A 720 -8.47 -37.49 -5.93
N TRP A 721 -7.40 -38.15 -6.35
CA TRP A 721 -6.70 -37.81 -7.60
C TRP A 721 -6.07 -39.05 -8.27
N LYS A 722 -6.05 -39.04 -9.61
CA LYS A 722 -5.35 -40.02 -10.42
C LYS A 722 -4.52 -39.29 -11.45
N ASN A 723 -3.44 -39.91 -11.89
CA ASN A 723 -2.65 -39.36 -12.98
C ASN A 723 -2.20 -37.93 -12.70
N ASN A 724 -1.86 -37.65 -11.43
CA ASN A 724 -1.40 -36.33 -11.00
C ASN A 724 -2.41 -35.19 -11.17
N VAL A 725 -3.68 -35.52 -11.34
CA VAL A 725 -4.74 -34.53 -11.56
C VAL A 725 -5.92 -34.80 -10.62
N LEU A 726 -6.50 -33.74 -10.06
CA LEU A 726 -7.71 -33.87 -9.24
C LEU A 726 -8.80 -34.62 -9.99
N ASN A 727 -9.39 -35.60 -9.34
CA ASN A 727 -10.51 -36.34 -9.88
C ASN A 727 -11.82 -35.76 -9.39
N LYS A 728 -11.93 -35.63 -8.07
CA LYS A 728 -13.19 -35.34 -7.42
C LYS A 728 -12.91 -34.71 -6.07
N ALA A 729 -13.78 -33.77 -5.66
CA ALA A 729 -13.70 -33.15 -4.33
C ALA A 729 -15.06 -33.10 -3.68
N ILE A 730 -15.08 -33.21 -2.36
CA ILE A 730 -16.31 -33.16 -1.57
C ILE A 730 -16.13 -32.11 -0.49
N ILE A 731 -16.96 -31.09 -0.52
CA ILE A 731 -16.78 -29.96 0.37
C ILE A 731 -18.04 -29.71 1.20
N ARG A 732 -17.88 -29.76 2.52
CA ARG A 732 -18.95 -29.47 3.44
C ARG A 732 -18.80 -28.01 3.91
N SER A 733 -19.88 -27.24 3.85
CA SER A 733 -19.89 -25.86 4.32
C SER A 733 -20.41 -25.84 5.72
N ASN A 734 -19.54 -25.61 6.70
CA ASN A 734 -19.96 -25.71 8.11
C ASN A 734 -20.70 -24.49 8.60
N ILE A 735 -20.58 -23.35 7.90
CA ILE A 735 -21.26 -22.10 8.28
C ILE A 735 -21.83 -21.26 7.10
N GLY A 736 -21.99 -21.85 5.93
CA GLY A 736 -22.55 -21.14 4.79
C GLY A 736 -21.65 -20.12 4.11
N SER A 737 -22.30 -19.16 3.44
CA SER A 737 -21.66 -18.07 2.69
C SER A 737 -20.97 -18.56 1.41
N THR A 738 -20.28 -17.66 0.71
CA THR A 738 -19.80 -17.99 -0.61
C THR A 738 -18.50 -18.80 -0.55
N LEU A 739 -18.44 -19.82 -1.37
CA LEU A 739 -17.28 -20.66 -1.53
C LEU A 739 -16.68 -20.38 -2.90
N ARG A 740 -15.39 -20.04 -2.94
CA ARG A 740 -14.71 -19.92 -4.22
C ARG A 740 -13.66 -21.01 -4.35
N ILE A 741 -13.87 -21.94 -5.26
CA ILE A 741 -12.89 -22.99 -5.55
C ILE A 741 -11.88 -22.43 -6.55
N ARG A 742 -10.62 -22.84 -6.44
CA ARG A 742 -9.60 -22.56 -7.45
C ARG A 742 -8.90 -23.87 -7.83
N SER A 743 -8.68 -24.12 -9.14
CA SER A 743 -8.05 -25.36 -9.60
C SER A 743 -7.20 -25.20 -10.86
N TYR A 744 -6.21 -26.07 -11.02
CA TYR A 744 -5.37 -26.08 -12.23
C TYR A 744 -6.11 -26.77 -13.37
N VAL A 745 -7.15 -27.53 -13.08
CA VAL A 745 -8.00 -28.14 -14.11
C VAL A 745 -9.45 -27.63 -14.05
N PRO A 746 -10.17 -27.63 -15.18
CA PRO A 746 -11.56 -27.16 -15.19
C PRO A 746 -12.50 -28.10 -14.43
N LEU A 747 -13.51 -27.50 -13.82
CA LEU A 747 -14.45 -28.21 -12.94
C LEU A 747 -15.93 -28.03 -13.31
N LYS A 748 -16.75 -28.98 -12.88
CA LYS A 748 -18.19 -28.93 -13.08
C LYS A 748 -18.92 -29.44 -11.84
N GLY A 749 -20.12 -28.93 -11.60
CA GLY A 749 -20.93 -29.38 -10.47
C GLY A 749 -22.15 -28.52 -10.22
N LYS A 750 -23.07 -29.05 -9.42
CA LYS A 750 -24.34 -28.42 -9.08
C LYS A 750 -24.17 -26.99 -8.49
N GLY A 751 -24.65 -25.99 -9.23
CA GLY A 751 -24.64 -24.58 -8.78
C GLY A 751 -23.27 -23.90 -8.75
N LEU A 752 -22.50 -24.11 -9.82
CA LEU A 752 -21.10 -23.70 -9.90
C LEU A 752 -20.89 -22.61 -10.98
N LYS A 753 -20.97 -21.33 -10.60
CA LYS A 753 -20.81 -20.24 -11.56
C LYS A 753 -19.33 -20.03 -11.75
N GLN A 754 -18.88 -19.87 -13.00
CA GLN A 754 -17.50 -19.44 -13.27
C GLN A 754 -17.38 -17.95 -13.00
N VAL A 755 -16.22 -17.50 -12.53
CA VAL A 755 -16.06 -16.09 -12.19
C VAL A 755 -14.75 -15.51 -12.67
N ASN A 756 -14.89 -14.31 -13.24
CA ASN A 756 -13.82 -13.53 -13.84
C ASN A 756 -14.07 -12.06 -13.50
N GLY A 757 -13.04 -11.40 -12.97
CA GLY A 757 -13.13 -10.01 -12.59
C GLY A 757 -13.44 -9.91 -11.13
N LYS A 758 -14.72 -9.77 -10.77
CA LYS A 758 -15.08 -9.34 -9.42
C LYS A 758 -14.62 -10.34 -8.35
N GLU A 759 -14.01 -9.84 -7.28
CA GLU A 759 -13.59 -10.71 -6.16
C GLU A 759 -14.78 -11.21 -5.32
N CYS A 760 -14.50 -12.19 -4.47
CA CYS A 760 -15.51 -12.86 -3.65
C CYS A 760 -15.95 -12.00 -2.46
N SER A 761 -17.20 -12.18 -2.03
CA SER A 761 -17.80 -11.46 -0.89
C SER A 761 -17.51 -12.12 0.46
N ASN A 762 -16.94 -13.32 0.44
CA ASN A 762 -16.48 -13.96 1.67
C ASN A 762 -15.09 -13.46 2.11
N ARG A 763 -15.06 -12.76 3.24
CA ARG A 763 -13.83 -12.10 3.73
C ARG A 763 -12.83 -13.05 4.40
N LEU A 764 -13.26 -14.25 4.76
CA LEU A 764 -12.49 -15.10 5.64
C LEU A 764 -11.25 -15.75 4.97
N PHE A 765 -11.35 -16.09 3.70
CA PHE A 765 -10.20 -16.56 2.93
C PHE A 765 -9.61 -15.47 2.01
N ALA A 766 -10.12 -14.24 2.14
CA ALA A 766 -9.65 -13.10 1.35
C ALA A 766 -8.23 -12.70 1.75
N THR A 767 -7.49 -12.20 0.77
CA THR A 767 -6.12 -11.72 0.99
C THR A 767 -6.21 -10.22 1.26
N THR A 768 -5.08 -9.58 1.55
CA THR A 768 -5.10 -8.13 1.82
C THR A 768 -3.98 -7.36 1.11
N PRO A 769 -4.31 -6.17 0.56
CA PRO A 769 -3.32 -5.40 -0.21
C PRO A 769 -2.12 -4.95 0.62
N ILE A 770 -0.93 -5.09 0.03
CA ILE A 770 0.29 -4.61 0.64
C ILE A 770 0.73 -3.35 -0.12
N LYS A 771 1.69 -2.61 0.45
CA LYS A 771 2.33 -1.52 -0.25
C LYS A 771 3.03 -2.06 -1.48
N GLN A 772 3.07 -1.24 -2.53
CA GLN A 772 3.79 -1.59 -3.75
C GLN A 772 5.27 -1.84 -3.42
N PRO A 773 5.79 -3.04 -3.72
CA PRO A 773 7.21 -3.22 -3.42
C PRO A 773 8.12 -2.34 -4.25
N LEU A 774 9.24 -1.94 -3.63
CA LEU A 774 10.29 -1.18 -4.30
C LEU A 774 11.26 -2.13 -4.98
N VAL A 775 11.80 -1.70 -6.12
CA VAL A 775 12.80 -2.46 -6.88
C VAL A 775 14.08 -1.67 -6.92
N ALA A 776 15.21 -2.33 -6.73
CA ALA A 776 16.49 -1.63 -6.58
C ALA A 776 17.04 -1.16 -7.92
N LYS A 777 17.88 -0.14 -7.87
CA LYS A 777 18.40 0.49 -9.11
C LYS A 777 19.08 -0.55 -10.03
N GLY A 778 18.73 -0.48 -11.31
CA GLY A 778 19.32 -1.38 -12.31
C GLY A 778 18.93 -2.85 -12.21
N VAL A 779 17.87 -3.17 -11.50
CA VAL A 779 17.31 -4.52 -11.50
C VAL A 779 16.04 -4.55 -12.36
N SER A 780 15.95 -5.52 -13.24
CA SER A 780 14.75 -5.70 -14.04
C SER A 780 13.98 -6.92 -13.53
N ALA A 781 13.01 -6.65 -12.67
CA ALA A 781 12.43 -7.69 -11.82
C ALA A 781 11.82 -8.85 -12.61
N GLN A 782 12.24 -10.07 -12.30
CA GLN A 782 11.81 -11.25 -13.05
C GLN A 782 10.33 -11.54 -12.78
N SER A 783 9.70 -12.25 -13.71
CA SER A 783 8.30 -12.73 -13.52
C SER A 783 8.18 -14.27 -13.35
N PRO A 784 7.27 -14.69 -12.45
CA PRO A 784 7.19 -16.11 -12.14
C PRO A 784 6.49 -16.92 -13.25
N LYS A 785 6.76 -18.23 -13.29
CA LYS A 785 6.08 -19.17 -14.20
C LYS A 785 4.93 -19.75 -13.41
N LEU A 786 3.69 -19.44 -13.80
CA LEU A 786 2.51 -19.85 -13.05
C LEU A 786 1.64 -20.70 -13.92
N GLN A 787 1.01 -21.72 -13.35
CA GLN A 787 0.02 -22.51 -14.06
C GLN A 787 -1.27 -21.69 -14.19
N LYS A 788 -2.02 -21.86 -15.27
CA LYS A 788 -3.29 -21.14 -15.43
C LYS A 788 -4.24 -21.78 -14.46
N VAL A 789 -5.00 -20.97 -13.72
CA VAL A 789 -6.00 -21.50 -12.79
C VAL A 789 -7.40 -21.14 -13.26
N TYR A 790 -8.35 -22.02 -12.93
CA TYR A 790 -9.79 -21.81 -13.14
C TYR A 790 -10.47 -21.60 -11.79
N GLU A 791 -11.28 -20.55 -11.68
CA GLU A 791 -11.99 -20.20 -10.44
C GLU A 791 -13.51 -20.29 -10.61
N TYR A 792 -14.18 -20.80 -9.59
CA TYR A 792 -15.64 -20.98 -9.59
C TYR A 792 -16.23 -20.51 -8.26
N ASP A 793 -17.48 -20.06 -8.29
CA ASP A 793 -18.19 -19.65 -7.09
C ASP A 793 -19.38 -20.57 -6.81
N ILE A 794 -19.64 -20.82 -5.52
CA ILE A 794 -20.84 -21.51 -5.08
C ILE A 794 -21.46 -20.77 -3.92
N GLU A 795 -22.77 -20.56 -3.96
CA GLU A 795 -23.48 -20.04 -2.80
C GLU A 795 -23.84 -21.23 -1.93
N THR A 796 -23.31 -21.28 -0.70
CA THR A 796 -23.49 -22.45 0.18
C THR A 796 -24.35 -22.15 1.40
N LYS A 797 -24.87 -23.22 2.01
CA LYS A 797 -25.70 -23.15 3.21
C LYS A 797 -25.06 -23.99 4.33
N ALA A 798 -25.05 -23.45 5.56
CA ALA A 798 -24.48 -24.15 6.73
C ALA A 798 -25.02 -25.58 6.87
N GLY A 799 -24.12 -26.53 7.11
CA GLY A 799 -24.46 -27.96 7.23
C GLY A 799 -24.51 -28.77 5.94
N LYS A 800 -24.54 -28.13 4.77
CA LYS A 800 -24.70 -28.84 3.50
C LYS A 800 -23.36 -29.20 2.85
N THR A 801 -23.40 -30.13 1.89
CA THR A 801 -22.19 -30.70 1.25
C THR A 801 -22.27 -30.58 -0.26
N TYR A 802 -21.18 -30.18 -0.90
CA TYR A 802 -21.18 -29.95 -2.34
C TYR A 802 -20.07 -30.77 -3.00
N ILE A 803 -20.37 -31.39 -4.14
CA ILE A 803 -19.45 -32.28 -4.83
C ILE A 803 -18.96 -31.61 -6.12
N VAL A 804 -17.69 -31.74 -6.43
CA VAL A 804 -17.14 -31.10 -7.60
C VAL A 804 -16.41 -32.15 -8.40
N ASN A 805 -16.54 -32.08 -9.71
CA ASN A 805 -15.93 -33.04 -10.61
C ASN A 805 -15.07 -32.38 -11.68
N THR A 806 -14.30 -33.21 -12.37
CA THR A 806 -13.32 -32.76 -13.33
C THR A 806 -13.90 -33.02 -14.71
N ILE A 807 -13.50 -32.18 -15.67
CA ILE A 807 -13.87 -32.32 -17.08
C ILE A 807 -12.78 -33.06 -17.86
N GLN B 20 1.82 6.85 1.33
CA GLN B 20 1.37 7.52 0.13
C GLN B 20 2.37 8.53 -0.36
N ASP B 21 2.01 9.23 -1.42
CA ASP B 21 2.93 10.19 -1.96
C ASP B 21 2.16 11.39 -2.46
N LEU B 22 1.48 12.09 -1.56
CA LEU B 22 0.71 13.25 -1.96
C LEU B 22 0.99 14.43 -1.07
N LYS B 23 2.19 14.51 -0.52
CA LYS B 23 2.58 15.70 0.23
C LYS B 23 4.00 16.21 -0.08
N LEU B 24 4.13 17.53 -0.02
CA LEU B 24 5.39 18.22 -0.15
C LEU B 24 5.84 18.53 1.26
N TRP B 25 7.05 18.13 1.64
CA TRP B 25 7.52 18.42 2.97
C TRP B 25 8.94 18.92 2.96
N TYR B 26 9.33 19.55 4.07
CA TYR B 26 10.59 20.29 4.18
C TYR B 26 11.00 20.25 5.64
N SER B 27 12.30 20.26 5.90
CA SER B 27 12.84 20.24 7.26
C SER B 27 13.37 21.61 7.74
N GLN B 28 13.17 22.66 6.93
CA GLN B 28 13.47 24.03 7.32
C GLN B 28 12.32 24.94 6.92
N PRO B 29 12.06 26.01 7.70
CA PRO B 29 11.04 26.96 7.27
C PRO B 29 11.49 27.80 6.07
N ALA B 30 10.54 28.30 5.30
CA ALA B 30 10.86 29.04 4.08
C ALA B 30 11.68 30.31 4.32
N GLN B 31 12.77 30.45 3.57
CA GLN B 31 13.66 31.62 3.67
C GLN B 31 13.30 32.71 2.66
N ASN B 32 12.41 32.38 1.72
CA ASN B 32 11.98 33.30 0.68
C ASN B 32 10.69 32.79 -0.01
N TRP B 33 10.10 33.62 -0.87
CA TRP B 33 8.79 33.34 -1.44
C TRP B 33 8.75 32.05 -2.26
N SER B 34 9.87 31.70 -2.90
CA SER B 34 9.98 30.46 -3.66
C SER B 34 9.99 29.19 -2.84
N GLU B 35 10.08 29.32 -1.52
CA GLU B 35 10.04 28.16 -0.60
C GLU B 35 8.73 28.07 0.15
N ALA B 36 7.91 29.12 0.08
CA ALA B 36 6.65 29.13 0.81
C ALA B 36 5.57 28.36 0.05
N LEU B 37 4.54 27.89 0.76
CA LEU B 37 3.55 26.98 0.15
C LEU B 37 2.17 27.63 -0.12
N PRO B 38 1.66 27.45 -1.35
CA PRO B 38 0.37 28.00 -1.73
C PRO B 38 -0.85 27.24 -1.24
N ILE B 39 -1.80 27.99 -0.70
CA ILE B 39 -3.14 27.50 -0.39
C ILE B 39 -4.13 28.50 -0.96
N GLY B 40 -5.33 28.03 -1.30
CA GLY B 40 -6.36 28.91 -1.81
C GLY B 40 -7.68 28.22 -2.05
N ASN B 41 -8.77 28.99 -2.06
CA ASN B 41 -10.10 28.47 -2.32
C ASN B 41 -10.68 29.02 -3.59
N SER B 42 -9.82 29.60 -4.44
CA SER B 42 -10.23 30.25 -5.70
C SER B 42 -10.33 31.77 -5.52
N ARG B 43 -10.84 32.23 -4.38
CA ARG B 43 -11.00 33.68 -4.11
C ARG B 43 -9.94 34.25 -3.16
N LEU B 44 -9.68 33.55 -2.07
CA LEU B 44 -8.63 33.94 -1.12
C LEU B 44 -7.44 33.04 -1.32
N GLY B 45 -6.24 33.61 -1.28
CA GLY B 45 -5.02 32.81 -1.34
C GLY B 45 -4.05 33.20 -0.24
N ALA B 46 -3.19 32.25 0.15
CA ALA B 46 -2.07 32.55 1.03
C ALA B 46 -0.84 31.79 0.64
N MET B 47 0.31 32.40 0.85
CA MET B 47 1.57 31.69 0.78
C MET B 47 2.11 31.60 2.19
N VAL B 48 2.37 30.37 2.61
CA VAL B 48 2.67 30.04 4.00
C VAL B 48 4.15 29.69 4.22
N TYR B 49 4.84 30.46 5.05
CA TYR B 49 6.31 30.35 5.19
C TYR B 49 6.78 29.25 6.18
N GLY B 50 6.08 29.12 7.31
CA GLY B 50 6.42 28.14 8.35
C GLY B 50 7.37 28.64 9.43
N GLY B 51 7.79 29.91 9.35
CA GLY B 51 8.82 30.45 10.27
C GLY B 51 8.49 30.21 11.75
N ILE B 52 9.50 29.82 12.52
CA ILE B 52 9.32 29.38 13.90
C ILE B 52 9.06 30.56 14.82
N GLU B 53 10.05 31.43 14.96
CA GLU B 53 9.93 32.61 15.80
C GLU B 53 8.97 33.66 15.20
N ARG B 54 8.70 33.57 13.90
CA ARG B 54 7.77 34.46 13.20
C ARG B 54 7.22 33.83 11.90
N GLU B 55 5.92 33.61 11.87
CA GLU B 55 5.24 33.00 10.74
C GLU B 55 4.74 34.14 9.88
N GLU B 56 4.81 33.95 8.56
CA GLU B 56 4.25 34.89 7.59
C GLU B 56 3.21 34.19 6.74
N LEU B 57 2.04 34.80 6.60
CA LEU B 57 1.06 34.44 5.57
C LEU B 57 0.92 35.61 4.63
N GLN B 58 1.47 35.54 3.40
CA GLN B 58 1.20 36.61 2.46
C GLN B 58 -0.06 36.30 1.66
N LEU B 59 -0.98 37.27 1.71
CA LEU B 59 -2.36 37.10 1.29
C LEU B 59 -2.68 37.73 -0.08
N ASN B 60 -3.72 37.17 -0.71
CA ASN B 60 -4.27 37.68 -1.96
C ASN B 60 -5.78 37.50 -1.97
N GLU B 61 -6.47 38.41 -2.66
CA GLU B 61 -7.86 38.19 -3.05
C GLU B 61 -7.93 38.39 -4.56
N GLU B 62 -8.59 37.46 -5.23
CA GLU B 62 -8.60 37.35 -6.70
C GLU B 62 -9.05 38.58 -7.49
N THR B 63 -9.73 39.53 -6.84
CA THR B 63 -10.26 40.73 -7.51
C THR B 63 -9.53 42.02 -7.11
N PHE B 64 -8.43 41.90 -6.37
CA PHE B 64 -7.68 43.09 -5.97
C PHE B 64 -6.58 43.40 -6.99
N TRP B 65 -6.90 44.34 -7.90
CA TRP B 65 -5.99 44.78 -8.94
C TRP B 65 -5.84 46.30 -8.92
N ALA B 66 -4.86 46.80 -9.67
CA ALA B 66 -4.68 48.25 -9.83
C ALA B 66 -5.70 48.82 -10.80
N GLY B 67 -5.87 50.14 -10.77
CA GLY B 67 -6.66 50.84 -11.77
C GLY B 67 -8.14 51.01 -11.49
N SER B 68 -8.85 51.39 -12.55
CA SER B 68 -10.31 51.62 -12.57
C SER B 68 -10.86 50.91 -13.82
N PRO B 69 -12.19 50.99 -14.02
CA PRO B 69 -12.71 50.61 -15.33
C PRO B 69 -12.14 51.50 -16.44
N TYR B 70 -11.78 50.88 -17.56
CA TYR B 70 -11.24 51.58 -18.71
C TYR B 70 -11.23 50.68 -19.95
N ASN B 71 -10.87 51.26 -21.09
CA ASN B 71 -10.51 50.46 -22.27
C ASN B 71 -9.27 51.05 -22.95
N ASN B 72 -8.67 50.29 -23.87
CA ASN B 72 -7.47 50.71 -24.60
C ASN B 72 -7.71 50.66 -26.12
N ASN B 73 -8.92 51.03 -26.50
CA ASN B 73 -9.26 51.15 -27.88
C ASN B 73 -8.73 52.49 -28.39
N ASN B 74 -8.13 52.47 -29.58
CA ASN B 74 -7.70 53.68 -30.23
C ASN B 74 -8.45 53.80 -31.52
N PRO B 75 -9.38 54.76 -31.60
CA PRO B 75 -10.21 54.91 -32.79
C PRO B 75 -9.43 55.40 -34.02
N ASN B 76 -8.24 55.96 -33.84
CA ASN B 76 -7.39 56.27 -34.98
C ASN B 76 -7.18 55.07 -35.91
N ALA B 77 -7.20 53.85 -35.39
CA ALA B 77 -6.87 52.70 -36.23
C ALA B 77 -7.83 52.47 -37.40
N VAL B 78 -9.10 52.82 -37.25
CA VAL B 78 -10.07 52.59 -38.32
C VAL B 78 -9.74 53.40 -39.59
N HIS B 79 -9.20 54.60 -39.39
CA HIS B 79 -8.85 55.48 -40.50
C HIS B 79 -7.60 55.02 -41.22
N VAL B 80 -6.73 54.33 -40.50
CA VAL B 80 -5.37 54.00 -40.92
C VAL B 80 -5.23 52.53 -41.37
N LEU B 81 -6.22 51.70 -41.04
CA LEU B 81 -6.17 50.27 -41.35
C LEU B 81 -5.94 49.96 -42.82
N PRO B 82 -6.59 50.69 -43.74
CA PRO B 82 -6.35 50.38 -45.16
C PRO B 82 -4.92 50.68 -45.61
N VAL B 83 -4.39 51.82 -45.19
CA VAL B 83 -3.04 52.18 -45.60
C VAL B 83 -1.97 51.26 -44.96
N VAL B 84 -2.24 50.79 -43.75
CA VAL B 84 -1.40 49.80 -43.12
C VAL B 84 -1.41 48.50 -43.94
N ARG B 85 -2.58 48.12 -44.45
CA ARG B 85 -2.71 46.87 -45.20
C ARG B 85 -2.08 46.96 -46.58
N LYS B 86 -2.19 48.14 -47.20
CA LYS B 86 -1.59 48.32 -48.51
C LYS B 86 -0.07 48.15 -48.42
N LEU B 87 0.53 48.76 -47.41
CA LEU B 87 1.97 48.71 -47.24
C LEU B 87 2.48 47.29 -47.01
N ILE B 88 1.73 46.51 -46.26
CA ILE B 88 2.17 45.15 -45.94
C ILE B 88 2.24 44.31 -47.20
N PHE B 89 1.28 44.55 -48.09
CA PHE B 89 1.24 43.79 -49.32
C PHE B 89 2.33 44.27 -50.26
N GLU B 90 2.80 45.51 -50.08
CA GLU B 90 3.95 46.03 -50.84
C GLU B 90 5.32 45.67 -50.25
N GLY B 91 5.36 44.89 -49.18
CA GLY B 91 6.63 44.50 -48.59
C GLY B 91 7.27 45.59 -47.75
N ARG B 92 6.47 46.60 -47.37
CA ARG B 92 6.95 47.72 -46.54
C ARG B 92 6.46 47.53 -45.12
N ASN B 93 6.99 46.51 -44.49
CA ASN B 93 6.51 46.04 -43.21
C ASN B 93 6.91 46.95 -42.03
N LYS B 94 8.12 47.47 -42.06
CA LYS B 94 8.60 48.42 -41.05
C LYS B 94 7.71 49.66 -41.02
N GLU B 95 7.39 50.20 -42.17
CA GLU B 95 6.59 51.42 -42.19
C GLU B 95 5.16 51.16 -41.66
N ALA B 96 4.63 49.99 -41.95
CA ALA B 96 3.31 49.63 -41.45
C ALA B 96 3.36 49.51 -39.94
N GLN B 97 4.46 48.96 -39.45
CA GLN B 97 4.64 48.75 -38.02
C GLN B 97 4.77 50.07 -37.25
N ARG B 98 5.48 51.02 -37.81
CA ARG B 98 5.59 52.33 -37.19
C ARG B 98 4.21 53.01 -37.12
N LEU B 99 3.40 52.78 -38.14
CA LEU B 99 2.05 53.34 -38.20
C LEU B 99 1.14 52.68 -37.20
N ILE B 100 1.29 51.37 -37.05
CA ILE B 100 0.51 50.67 -36.07
C ILE B 100 0.81 51.21 -34.65
N ASP B 101 2.08 51.35 -34.29
CA ASP B 101 2.45 51.79 -32.93
C ASP B 101 1.92 53.20 -32.56
N ALA B 102 1.60 54.01 -33.56
CA ALA B 102 1.15 55.37 -33.31
C ALA B 102 -0.36 55.51 -33.28
N ASN B 103 -1.07 54.56 -33.89
CA ASN B 103 -2.52 54.68 -34.05
C ASN B 103 -3.37 53.55 -33.49
N PHE B 104 -2.77 52.48 -32.97
CA PHE B 104 -3.56 51.31 -32.53
C PHE B 104 -3.49 51.05 -31.02
N LEU B 105 -2.72 51.85 -30.27
CA LEU B 105 -2.49 51.62 -28.84
C LEU B 105 -2.80 52.84 -27.99
N THR B 106 -3.00 52.66 -26.68
CA THR B 106 -3.17 53.81 -25.77
C THR B 106 -1.99 53.85 -24.79
N GLN B 107 -2.10 54.66 -23.73
CA GLN B 107 -1.02 54.76 -22.72
C GLN B 107 -1.15 53.71 -21.59
N GLN B 108 -2.23 52.92 -21.61
CA GLN B 108 -2.49 51.86 -20.63
C GLN B 108 -2.40 50.47 -21.25
N HIS B 109 -1.65 49.59 -20.60
CA HIS B 109 -1.33 48.28 -21.21
C HIS B 109 -1.63 47.06 -20.33
N GLY B 110 -2.77 47.11 -19.62
CA GLY B 110 -3.15 46.08 -18.64
C GLY B 110 -2.69 46.38 -17.21
N MET B 111 -3.62 46.32 -16.25
CA MET B 111 -3.33 46.64 -14.87
C MET B 111 -2.80 45.44 -14.11
N SER B 112 -1.95 45.72 -13.13
CA SER B 112 -1.30 44.68 -12.33
C SER B 112 -2.17 44.11 -11.21
N TYR B 113 -2.16 42.79 -11.11
CA TYR B 113 -2.74 42.12 -9.96
C TYR B 113 -1.89 42.53 -8.76
N LEU B 114 -2.53 42.68 -7.61
CA LEU B 114 -1.86 43.23 -6.43
C LEU B 114 -1.76 42.24 -5.28
N THR B 115 -0.87 42.54 -4.35
CA THR B 115 -0.75 41.78 -3.14
C THR B 115 -1.75 42.38 -2.16
N LEU B 116 -2.14 41.59 -1.19
CA LEU B 116 -2.94 42.07 -0.10
C LEU B 116 -2.12 42.21 1.19
N GLY B 117 -0.79 42.04 1.10
CA GLY B 117 0.08 42.24 2.26
C GLY B 117 0.47 40.94 2.93
N SER B 118 0.96 41.04 4.15
CA SER B 118 1.35 39.88 4.91
C SER B 118 0.86 39.99 6.34
N LEU B 119 0.37 38.88 6.85
CA LEU B 119 0.04 38.73 8.25
C LEU B 119 1.23 38.04 8.91
N TYR B 120 1.65 38.53 10.08
CA TYR B 120 2.76 37.95 10.82
C TYR B 120 2.29 37.47 12.20
N LEU B 121 2.62 36.24 12.57
CA LEU B 121 2.44 35.79 13.95
C LEU B 121 3.80 35.66 14.61
N GLU B 122 3.99 36.35 15.74
CA GLU B 122 5.29 36.38 16.41
C GLU B 122 5.27 35.56 17.68
N PHE B 123 6.15 34.57 17.71
CA PHE B 123 6.34 33.71 18.88
C PHE B 123 7.70 34.03 19.49
N PRO B 124 7.76 35.06 20.36
CA PRO B 124 9.08 35.54 20.83
C PRO B 124 9.83 34.50 21.69
N GLU B 125 9.10 33.68 22.43
CA GLU B 125 9.71 32.74 23.37
C GLU B 125 10.08 31.41 22.69
N HIS B 126 9.84 31.28 21.38
CA HIS B 126 10.13 30.04 20.62
C HIS B 126 11.54 30.10 20.00
N GLN B 127 12.54 30.19 20.88
CA GLN B 127 13.88 30.57 20.47
C GLN B 127 14.67 29.39 19.88
N ASN B 128 14.78 28.29 20.60
CA ASN B 128 15.57 27.17 20.09
C ASN B 128 14.68 26.00 19.76
N GLY B 129 13.92 26.13 18.68
CA GLY B 129 13.11 25.04 18.17
C GLY B 129 13.91 23.90 17.56
N SER B 130 13.41 22.69 17.75
CA SER B 130 13.99 21.47 17.17
C SER B 130 12.89 20.64 16.49
N GLY B 131 13.28 19.59 15.76
CA GLY B 131 12.32 18.61 15.23
C GLY B 131 11.35 19.21 14.22
N PHE B 132 11.80 20.25 13.55
CA PHE B 132 10.95 21.01 12.63
C PHE B 132 10.48 20.20 11.45
N TYR B 133 9.20 20.38 11.11
CA TYR B 133 8.61 19.80 9.89
C TYR B 133 7.51 20.73 9.32
N ARG B 134 7.52 20.87 8.00
CA ARG B 134 6.60 21.73 7.24
C ARG B 134 6.06 20.85 6.17
N ASP B 135 4.78 20.97 5.83
CA ASP B 135 4.28 20.34 4.59
C ASP B 135 3.09 21.03 3.97
N LEU B 136 2.76 20.59 2.77
CA LEU B 136 1.49 20.89 2.13
C LEU B 136 1.00 19.53 1.72
N ASN B 137 -0.20 19.18 2.17
CA ASN B 137 -0.78 17.86 1.90
C ASN B 137 -1.85 17.98 0.81
N LEU B 138 -1.62 17.31 -0.29
CA LEU B 138 -2.55 17.37 -1.40
C LEU B 138 -3.77 16.47 -1.21
N GLU B 139 -3.73 15.57 -0.21
CA GLU B 139 -4.89 14.72 0.12
C GLU B 139 -6.04 15.53 0.65
N ASN B 140 -5.73 16.58 1.41
CA ASN B 140 -6.75 17.34 2.10
C ASN B 140 -6.66 18.86 2.01
N ALA B 141 -5.74 19.38 1.19
CA ALA B 141 -5.63 20.81 0.93
C ALA B 141 -5.37 21.64 2.18
N THR B 142 -4.44 21.13 3.00
CA THR B 142 -3.98 21.82 4.20
C THR B 142 -2.46 21.80 4.33
N THR B 143 -1.92 22.86 4.93
CA THR B 143 -0.52 22.95 5.35
C THR B 143 -0.35 22.72 6.84
N THR B 144 0.81 22.18 7.20
CA THR B 144 1.11 21.86 8.59
C THR B 144 2.52 22.32 8.90
N THR B 145 2.69 22.94 10.07
CA THR B 145 4.01 23.32 10.58
C THR B 145 4.11 22.75 11.99
N ARG B 146 5.24 22.12 12.33
CA ARG B 146 5.37 21.41 13.62
C ARG B 146 6.81 21.46 14.14
N TYR B 147 6.97 21.72 15.44
CA TYR B 147 8.31 21.76 16.06
C TYR B 147 8.22 21.68 17.59
N GLN B 148 9.35 21.46 18.27
CA GLN B 148 9.43 21.45 19.73
C GLN B 148 10.20 22.67 20.24
N VAL B 149 9.71 23.27 21.33
CA VAL B 149 10.51 24.21 22.15
C VAL B 149 10.54 23.72 23.61
N ASP B 150 11.72 23.29 24.05
CA ASP B 150 11.88 22.53 25.28
C ASP B 150 11.06 21.26 25.17
N ASP B 151 10.22 20.97 26.15
CA ASP B 151 9.39 19.78 26.08
C ASP B 151 8.12 20.01 25.23
N VAL B 152 7.70 21.26 25.03
CA VAL B 152 6.38 21.52 24.41
C VAL B 152 6.40 21.47 22.86
N THR B 153 5.38 20.80 22.29
CA THR B 153 5.20 20.67 20.84
C THR B 153 4.15 21.66 20.32
N TYR B 154 4.43 22.25 19.18
CA TYR B 154 3.53 23.23 18.58
C TYR B 154 3.16 22.76 17.19
N THR B 155 1.86 22.87 16.86
CA THR B 155 1.34 22.41 15.57
C THR B 155 0.41 23.47 14.97
N ARG B 156 0.70 23.90 13.74
CA ARG B 156 -0.12 24.86 13.00
C ARG B 156 -0.76 24.20 11.78
N THR B 157 -2.09 24.35 11.66
CA THR B 157 -2.83 23.81 10.52
C THR B 157 -3.46 24.98 9.81
N THR B 158 -3.26 25.11 8.51
CA THR B 158 -3.76 26.27 7.80
C THR B 158 -4.36 25.88 6.46
N PHE B 159 -5.47 26.53 6.12
CA PHE B 159 -6.16 26.22 4.89
C PHE B 159 -7.11 27.33 4.55
N ALA B 160 -7.44 27.43 3.28
CA ALA B 160 -8.34 28.45 2.77
C ALA B 160 -9.61 27.72 2.43
N SER B 161 -10.66 27.94 3.23
CA SER B 161 -11.84 27.06 3.25
C SER B 161 -12.69 27.18 2.00
N PHE B 162 -12.95 26.06 1.35
CA PHE B 162 -13.85 26.04 0.22
C PHE B 162 -15.30 26.20 0.68
N THR B 163 -15.59 25.89 1.94
CA THR B 163 -16.98 25.92 2.44
C THR B 163 -17.34 27.18 3.24
N ASP B 164 -16.37 27.74 3.97
CA ASP B 164 -16.57 28.93 4.81
C ASP B 164 -15.93 30.24 4.30
N ASN B 165 -15.28 30.20 3.15
CA ASN B 165 -14.79 31.43 2.47
C ASN B 165 -13.95 32.42 3.31
N VAL B 166 -13.06 31.80 4.08
CA VAL B 166 -12.10 32.49 4.92
C VAL B 166 -10.87 31.62 5.03
N ILE B 167 -9.74 32.23 5.33
CA ILE B 167 -8.56 31.46 5.66
C ILE B 167 -8.61 31.19 7.14
N ILE B 168 -8.22 29.98 7.51
CA ILE B 168 -8.20 29.55 8.90
C ILE B 168 -6.82 29.03 9.25
N MET B 169 -6.34 29.44 10.43
CA MET B 169 -5.14 28.87 11.03
C MET B 169 -5.44 28.37 12.46
N HIS B 170 -5.26 27.07 12.69
CA HIS B 170 -5.42 26.42 13.99
C HIS B 170 -4.05 26.11 14.59
N ILE B 171 -3.82 26.62 15.80
CA ILE B 171 -2.58 26.45 16.55
C ILE B 171 -2.79 25.74 17.90
N LYS B 172 -1.98 24.70 18.14
CA LYS B 172 -2.11 23.83 19.32
C LYS B 172 -0.77 23.59 20.02
N ALA B 173 -0.72 23.96 21.30
CA ALA B 173 0.39 23.58 22.16
C ALA B 173 0.02 22.27 22.87
N SER B 174 1.02 21.43 23.15
CA SER B 174 0.83 20.16 23.81
C SER B 174 0.93 20.26 25.34
N LYS B 175 1.10 21.48 25.86
CA LYS B 175 1.01 21.75 27.31
C LYS B 175 -0.03 22.83 27.60
N ALA B 176 -0.79 22.67 28.67
CA ALA B 176 -1.77 23.67 29.06
C ALA B 176 -1.14 25.05 29.13
N ASN B 177 -1.85 26.04 28.59
CA ASN B 177 -1.52 27.46 28.80
C ASN B 177 -0.10 27.91 28.32
N ALA B 178 0.49 27.15 27.40
CA ALA B 178 1.87 27.41 26.98
C ALA B 178 1.99 28.26 25.70
N LEU B 179 0.87 28.70 25.16
CA LEU B 179 0.87 29.42 23.89
C LEU B 179 0.76 30.94 24.08
N ASN B 180 1.76 31.69 23.62
CA ASN B 180 1.74 33.17 23.63
C ASN B 180 2.34 33.75 22.35
N PHE B 181 1.58 34.58 21.65
CA PHE B 181 2.03 35.16 20.38
C PHE B 181 1.30 36.45 20.06
N THR B 182 1.79 37.17 19.07
CA THR B 182 1.18 38.43 18.66
C THR B 182 0.87 38.33 17.17
N ILE B 183 -0.25 38.95 16.76
CA ILE B 183 -0.64 39.04 15.36
C ILE B 183 -0.49 40.48 14.90
N ALA B 184 0.23 40.69 13.79
CA ALA B 184 0.44 42.02 13.23
C ALA B 184 0.36 41.94 11.71
N TYR B 185 0.36 43.09 11.04
CA TYR B 185 0.15 43.11 9.61
C TYR B 185 1.03 44.17 8.95
N ASN B 186 1.52 43.90 7.75
CA ASN B 186 2.16 44.93 6.95
C ASN B 186 1.91 44.80 5.45
N CYS B 187 2.05 45.90 4.71
CA CYS B 187 1.78 45.91 3.28
C CYS B 187 2.57 47.02 2.53
N PRO B 188 3.02 46.74 1.30
CA PRO B 188 3.68 47.84 0.59
C PRO B 188 2.73 48.96 0.10
N LEU B 189 1.45 48.67 -0.01
CA LEU B 189 0.46 49.69 -0.35
C LEU B 189 0.14 50.58 0.85
N VAL B 190 -0.55 51.69 0.58
CA VAL B 190 -0.93 52.64 1.62
C VAL B 190 -2.09 52.01 2.37
N HIS B 191 -1.95 51.89 3.69
CA HIS B 191 -2.93 51.13 4.46
C HIS B 191 -3.06 51.59 5.90
N LYS B 192 -4.18 51.22 6.54
CA LYS B 192 -4.41 51.50 7.96
C LYS B 192 -4.73 50.23 8.70
N VAL B 193 -4.32 50.20 9.96
CA VAL B 193 -4.58 49.08 10.84
C VAL B 193 -5.10 49.60 12.17
N ASN B 194 -6.14 48.95 12.68
CA ASN B 194 -6.70 49.32 13.99
C ASN B 194 -7.29 48.09 14.70
N VAL B 195 -7.21 48.11 16.02
CA VAL B 195 -7.54 46.96 16.83
C VAL B 195 -8.61 47.31 17.84
N GLN B 196 -9.82 46.90 17.56
CA GLN B 196 -10.97 47.26 18.35
C GLN B 196 -11.73 45.98 18.59
N ASN B 197 -12.23 45.82 19.81
CA ASN B 197 -13.14 44.72 20.10
C ASN B 197 -12.52 43.37 19.74
N ASP B 198 -11.24 43.20 20.06
CA ASP B 198 -10.50 41.95 19.78
C ASP B 198 -10.53 41.51 18.30
N GLN B 199 -10.63 42.48 17.40
CA GLN B 199 -10.64 42.23 15.98
C GLN B 199 -9.60 43.15 15.38
N LEU B 200 -8.68 42.54 14.63
CA LEU B 200 -7.68 43.28 13.87
C LEU B 200 -8.28 43.60 12.51
N THR B 201 -8.34 44.88 12.18
CA THR B 201 -8.97 45.35 10.94
C THR B 201 -8.01 46.16 10.10
N VAL B 202 -7.89 45.76 8.83
CA VAL B 202 -6.95 46.37 7.92
C VAL B 202 -7.75 46.94 6.77
N THR B 203 -7.49 48.20 6.42
CA THR B 203 -8.00 48.77 5.16
C THR B 203 -6.81 49.10 4.26
N CYS B 204 -7.00 48.83 2.97
CA CYS B 204 -5.91 48.84 2.03
C CYS B 204 -6.33 49.56 0.76
N GLN B 205 -5.59 50.60 0.39
CA GLN B 205 -5.87 51.34 -0.84
C GLN B 205 -5.40 50.52 -2.04
N GLY B 206 -6.12 50.62 -3.16
CA GLY B 206 -5.63 50.13 -4.44
C GLY B 206 -4.53 51.06 -4.96
N LYS B 207 -4.15 50.90 -6.23
CA LYS B 207 -2.95 51.51 -6.75
C LYS B 207 -3.18 52.19 -8.10
N GLU B 208 -2.62 53.39 -8.25
CA GLU B 208 -2.59 54.11 -9.53
C GLU B 208 -1.55 53.47 -10.48
N GLN B 209 -1.90 53.28 -11.74
CA GLN B 209 -0.94 52.72 -12.71
C GLN B 209 -1.13 53.26 -14.12
N GLU B 210 -0.01 53.59 -14.76
CA GLU B 210 0.00 54.15 -16.12
C GLU B 210 -1.04 55.27 -16.30
N GLY B 211 -1.15 56.12 -15.27
CA GLY B 211 -2.01 57.30 -15.32
C GLY B 211 -3.46 57.05 -14.96
N LEU B 212 -3.83 55.81 -14.70
CA LEU B 212 -5.22 55.44 -14.45
C LEU B 212 -5.46 55.37 -12.96
N LYS B 213 -6.48 56.05 -12.45
CA LYS B 213 -6.60 56.21 -11.00
C LYS B 213 -7.20 54.94 -10.34
N ALA B 214 -7.04 54.84 -9.03
CA ALA B 214 -7.39 53.63 -8.28
C ALA B 214 -8.84 53.64 -7.80
N ALA B 215 -9.61 52.65 -8.24
CA ALA B 215 -11.01 52.58 -7.89
C ALA B 215 -11.31 51.50 -6.87
N LEU B 216 -10.31 50.72 -6.50
CA LEU B 216 -10.52 49.58 -5.63
C LEU B 216 -9.93 49.79 -4.24
N ARG B 217 -10.56 49.16 -3.26
CA ARG B 217 -10.08 49.13 -1.90
C ARG B 217 -10.24 47.70 -1.42
N ALA B 218 -9.35 47.25 -0.52
CA ALA B 218 -9.52 45.96 0.12
C ALA B 218 -9.70 46.15 1.63
N GLU B 219 -10.43 45.24 2.25
CA GLU B 219 -10.49 45.17 3.70
C GLU B 219 -10.19 43.76 4.13
N CYS B 220 -9.55 43.65 5.29
CA CYS B 220 -9.19 42.39 5.86
C CYS B 220 -9.48 42.42 7.37
N GLN B 221 -10.19 41.40 7.87
CA GLN B 221 -10.52 41.33 9.28
C GLN B 221 -10.03 40.00 9.86
N ILE B 222 -9.39 40.05 11.03
CA ILE B 222 -8.98 38.85 11.76
C ILE B 222 -9.56 38.78 13.18
N GLN B 223 -10.13 37.63 13.52
CA GLN B 223 -10.59 37.32 14.88
C GLN B 223 -10.03 35.98 15.31
N VAL B 224 -10.10 35.72 16.62
CA VAL B 224 -9.39 34.62 17.22
C VAL B 224 -10.24 33.97 18.28
N LYS B 225 -10.38 32.65 18.22
CA LYS B 225 -11.01 31.84 19.27
C LYS B 225 -9.93 31.15 20.07
N THR B 226 -9.90 31.37 21.38
CA THR B 226 -8.84 30.77 22.21
C THR B 226 -9.21 30.74 23.68
N ASN B 227 -8.70 29.72 24.37
CA ASN B 227 -8.92 29.59 25.80
C ASN B 227 -7.99 30.53 26.59
N GLY B 228 -6.99 31.08 25.89
CA GLY B 228 -6.17 32.16 26.45
C GLY B 228 -6.83 33.53 26.39
N THR B 229 -6.10 34.57 26.80
CA THR B 229 -6.64 35.94 26.86
C THR B 229 -6.19 36.79 25.67
N LEU B 230 -7.11 37.61 25.18
CA LEU B 230 -6.88 38.51 24.08
C LEU B 230 -6.76 39.93 24.57
N ARG B 231 -5.83 40.68 24.01
CA ARG B 231 -5.71 42.10 24.33
C ARG B 231 -4.97 42.85 23.23
N PRO B 232 -5.34 44.12 22.99
CA PRO B 232 -4.59 44.93 22.04
C PRO B 232 -3.22 45.33 22.56
N ALA B 233 -2.33 45.68 21.64
CA ALA B 233 -0.97 46.11 21.95
C ALA B 233 -0.52 46.90 20.75
N GLY B 234 -0.68 48.22 20.81
CA GLY B 234 -0.48 49.09 19.67
C GLY B 234 -1.42 48.71 18.54
N ASN B 235 -0.84 48.49 17.36
CA ASN B 235 -1.62 48.02 16.21
C ASN B 235 -1.46 46.52 15.99
N THR B 236 -1.11 45.80 17.06
CA THR B 236 -1.07 44.34 17.09
C THR B 236 -2.16 43.78 18.01
N LEU B 237 -2.33 42.46 17.98
CA LEU B 237 -3.30 41.74 18.81
C LEU B 237 -2.60 40.59 19.54
N GLN B 238 -2.63 40.60 20.86
CA GLN B 238 -1.79 39.72 21.67
C GLN B 238 -2.57 38.60 22.35
N ILE B 239 -2.10 37.37 22.20
CA ILE B 239 -2.73 36.19 22.84
C ILE B 239 -1.84 35.70 23.98
N ASN B 240 -2.43 35.44 25.14
CA ASN B 240 -1.66 35.02 26.32
C ASN B 240 -2.26 33.79 26.99
N GLU B 241 -1.40 32.91 27.47
CA GLU B 241 -1.79 31.73 28.24
C GLU B 241 -2.83 30.87 27.52
N GLY B 242 -2.60 30.59 26.24
CA GLY B 242 -3.51 29.74 25.46
C GLY B 242 -3.03 28.31 25.35
N THR B 243 -3.95 27.43 24.96
CA THR B 243 -3.62 26.04 24.66
C THR B 243 -3.86 25.75 23.18
N GLU B 244 -5.05 26.15 22.70
CA GLU B 244 -5.37 26.22 21.30
C GLU B 244 -5.72 27.67 20.97
N ALA B 245 -5.44 28.09 19.73
CA ALA B 245 -5.95 29.35 19.19
C ALA B 245 -6.36 29.08 17.76
N THR B 246 -7.45 29.72 17.31
CA THR B 246 -7.93 29.52 15.96
C THR B 246 -8.22 30.88 15.32
N LEU B 247 -7.38 31.25 14.34
CA LEU B 247 -7.53 32.53 13.62
C LEU B 247 -8.48 32.37 12.48
N TYR B 248 -9.36 33.35 12.33
CA TYR B 248 -10.31 33.41 11.24
C TYR B 248 -9.99 34.68 10.49
N ILE B 249 -9.55 34.52 9.24
CA ILE B 249 -9.03 35.63 8.43
C ILE B 249 -9.96 35.86 7.25
N SER B 250 -10.68 36.98 7.23
CA SER B 250 -11.63 37.28 6.15
C SER B 250 -11.14 38.45 5.31
N ALA B 251 -11.51 38.49 4.04
CA ALA B 251 -11.21 39.70 3.24
C ALA B 251 -12.03 39.77 2.00
N ALA B 252 -12.24 40.99 1.50
CA ALA B 252 -12.91 41.20 0.23
C ALA B 252 -12.64 42.60 -0.30
N THR B 253 -13.20 42.89 -1.48
CA THR B 253 -13.03 44.18 -2.13
C THR B 253 -14.40 44.78 -2.48
N ASN B 254 -14.38 45.88 -3.23
CA ASN B 254 -15.61 46.54 -3.71
C ASN B 254 -15.97 46.18 -5.17
N TYR B 255 -15.33 45.15 -5.73
CA TYR B 255 -15.52 44.79 -7.13
C TYR B 255 -16.80 44.01 -7.31
N VAL B 256 -17.59 44.38 -8.32
CA VAL B 256 -18.76 43.62 -8.70
C VAL B 256 -18.51 43.00 -10.06
N ASN B 257 -18.26 43.84 -11.05
CA ASN B 257 -17.86 43.38 -12.40
C ASN B 257 -16.93 44.44 -13.02
N TYR B 258 -16.61 44.27 -14.29
CA TYR B 258 -15.67 45.16 -14.98
C TYR B 258 -16.04 46.65 -15.14
N GLN B 259 -17.30 47.00 -14.91
CA GLN B 259 -17.71 48.38 -14.95
C GLN B 259 -18.54 48.78 -13.71
N ASP B 260 -18.42 48.03 -12.61
CA ASP B 260 -19.17 48.31 -11.36
C ASP B 260 -18.30 48.03 -10.13
N VAL B 261 -17.98 49.08 -9.39
CA VAL B 261 -17.17 48.96 -8.20
C VAL B 261 -17.88 49.48 -6.95
N SER B 262 -19.18 49.29 -6.87
CA SER B 262 -19.98 49.97 -5.84
C SER B 262 -20.30 49.10 -4.61
N ALA B 263 -19.74 47.90 -4.54
CA ALA B 263 -20.02 47.03 -3.41
C ALA B 263 -19.33 47.56 -2.14
N ASP B 264 -19.91 47.19 -1.00
CA ASP B 264 -19.38 47.56 0.31
C ASP B 264 -18.43 46.47 0.86
N GLU B 265 -17.13 46.74 0.74
CA GLU B 265 -16.10 45.77 1.16
C GLU B 265 -16.11 45.42 2.66
N SER B 266 -16.45 46.38 3.51
CA SER B 266 -16.55 46.12 4.98
C SER B 266 -17.67 45.16 5.35
N HIS B 267 -18.85 45.36 4.76
CA HIS B 267 -20.00 44.46 4.95
C HIS B 267 -19.66 43.06 4.42
N ARG B 268 -19.10 42.99 3.22
CA ARG B 268 -18.71 41.72 2.63
C ARG B 268 -17.79 40.94 3.54
N THR B 269 -16.76 41.62 4.05
CA THR B 269 -15.74 40.96 4.86
C THR B 269 -16.29 40.51 6.20
N SER B 270 -17.17 41.35 6.79
CA SER B 270 -17.83 41.05 8.06
C SER B 270 -18.76 39.86 7.95
N GLU B 271 -19.51 39.79 6.84
CA GLU B 271 -20.45 38.68 6.64
C GLU B 271 -19.75 37.34 6.50
N TYR B 272 -18.68 37.28 5.70
CA TYR B 272 -17.98 36.01 5.52
C TYR B 272 -17.51 35.45 6.86
N LEU B 273 -16.95 36.37 7.65
CA LEU B 273 -16.35 36.09 8.95
C LEU B 273 -17.39 35.68 9.98
N LYS B 274 -18.46 36.45 10.09
CA LYS B 274 -19.55 36.14 11.01
C LYS B 274 -20.06 34.71 10.77
N ARG B 275 -20.36 34.39 9.51
CA ARG B 275 -20.88 33.07 9.13
C ARG B 275 -19.90 31.94 9.37
N ALA B 276 -18.62 32.18 9.10
CA ALA B 276 -17.58 31.17 9.29
C ALA B 276 -17.34 30.78 10.75
N MET B 277 -17.59 31.71 11.65
CA MET B 277 -17.29 31.52 13.07
C MET B 277 -18.42 30.79 13.81
N GLN B 278 -19.57 30.67 13.15
CA GLN B 278 -20.68 29.89 13.70
C GLN B 278 -20.41 28.38 13.72
N ILE B 279 -19.51 27.91 12.85
CA ILE B 279 -19.19 26.49 12.78
C ILE B 279 -18.01 26.20 13.73
N PRO B 280 -18.08 25.08 14.50
CA PRO B 280 -16.88 24.70 15.28
C PRO B 280 -15.71 24.30 14.37
N TYR B 281 -14.49 24.49 14.85
CA TYR B 281 -13.32 24.24 14.01
C TYR B 281 -13.26 22.80 13.44
N GLU B 282 -13.46 21.78 14.26
CA GLU B 282 -13.26 20.41 13.75
C GLU B 282 -14.21 20.10 12.55
N LYS B 283 -15.43 20.62 12.59
CA LYS B 283 -16.43 20.41 11.52
C LYS B 283 -16.13 21.26 10.29
N ALA B 284 -15.68 22.49 10.51
CA ALA B 284 -15.27 23.37 9.42
C ALA B 284 -14.14 22.75 8.58
N LEU B 285 -13.20 22.08 9.29
CA LEU B 285 -12.10 21.34 8.68
C LEU B 285 -12.60 20.13 7.90
N LYS B 286 -13.41 19.29 8.55
CA LYS B 286 -14.03 18.15 7.87
C LYS B 286 -14.69 18.56 6.56
N ASN B 287 -15.45 19.66 6.59
CA ASN B 287 -16.27 20.08 5.44
C ASN B 287 -15.44 20.53 4.26
N HIS B 288 -14.46 21.37 4.57
CA HIS B 288 -13.44 21.81 3.63
C HIS B 288 -12.81 20.63 2.92
N ILE B 289 -12.35 19.66 3.70
CA ILE B 289 -11.68 18.51 3.15
C ILE B 289 -12.63 17.74 2.25
N ALA B 290 -13.86 17.54 2.69
CA ALA B 290 -14.84 16.80 1.87
C ALA B 290 -15.09 17.47 0.52
N TYR B 291 -15.17 18.80 0.52
CA TYR B 291 -15.59 19.55 -0.68
C TYR B 291 -14.48 19.54 -1.70
N TYR B 292 -13.25 19.69 -1.19
CA TYR B 292 -12.05 19.56 -1.99
C TYR B 292 -11.95 18.17 -2.57
N LYS B 293 -12.18 17.15 -1.74
CA LYS B 293 -11.99 15.78 -2.17
C LYS B 293 -12.91 15.34 -3.30
N LYS B 294 -14.09 15.96 -3.40
CA LYS B 294 -15.04 15.65 -4.48
C LYS B 294 -14.40 15.87 -5.84
N GLN B 295 -13.64 16.96 -5.95
CA GLN B 295 -12.94 17.31 -7.19
C GLN B 295 -11.60 16.59 -7.30
N PHE B 296 -10.86 16.47 -6.19
CA PHE B 296 -9.49 15.98 -6.27
C PHE B 296 -9.41 14.46 -6.39
N ASP B 297 -10.20 13.73 -5.64
CA ASP B 297 -10.09 12.26 -5.65
C ASP B 297 -10.64 11.62 -6.94
N ARG B 298 -11.09 12.42 -7.90
CA ARG B 298 -11.51 11.89 -9.20
C ARG B 298 -10.37 11.26 -9.99
N VAL B 299 -9.13 11.71 -9.77
CA VAL B 299 -7.99 11.31 -10.62
C VAL B 299 -6.75 10.91 -9.82
N ARG B 300 -6.12 9.79 -10.18
CA ARG B 300 -4.83 9.38 -9.62
C ARG B 300 -3.97 8.71 -10.67
N LEU B 301 -2.68 9.09 -10.67
CA LEU B 301 -1.65 8.53 -11.49
C LEU B 301 -0.70 7.91 -10.52
N THR B 302 -0.30 6.68 -10.80
CA THR B 302 0.57 5.93 -9.92
C THR B 302 1.75 5.47 -10.74
N LEU B 303 2.95 5.80 -10.30
CA LEU B 303 4.17 5.33 -10.94
C LEU B 303 5.09 4.83 -9.85
N PRO B 304 5.95 3.84 -10.16
CA PRO B 304 6.69 3.24 -9.03
C PRO B 304 7.61 4.23 -8.30
N ALA B 305 7.74 4.02 -6.98
CA ALA B 305 8.59 4.81 -6.11
C ALA B 305 9.86 4.04 -5.78
N GLY B 306 10.77 4.72 -5.09
CA GLY B 306 11.96 4.11 -4.51
C GLY B 306 12.19 4.78 -3.18
N LYS B 307 13.29 4.46 -2.50
CA LYS B 307 13.56 5.10 -1.21
C LYS B 307 13.69 6.61 -1.39
N ALA B 308 14.24 6.99 -2.56
CA ALA B 308 14.40 8.38 -2.96
C ALA B 308 13.12 9.22 -2.83
N SER B 309 11.97 8.59 -3.04
CA SER B 309 10.68 9.29 -2.99
C SER B 309 10.26 9.79 -1.59
N GLN B 310 11.01 9.38 -0.57
CA GLN B 310 10.71 9.70 0.82
C GLN B 310 11.43 10.96 1.24
N LEU B 311 12.43 11.37 0.47
CA LEU B 311 13.23 12.51 0.84
C LEU B 311 12.41 13.78 0.69
N GLU B 312 12.91 14.86 1.28
CA GLU B 312 12.18 16.12 1.26
C GLU B 312 12.21 16.66 -0.14
N THR B 313 11.20 17.46 -0.49
CA THR B 313 10.89 17.65 -1.89
C THR B 313 11.88 18.47 -2.69
N PRO B 314 12.63 19.38 -2.06
CA PRO B 314 13.67 20.04 -2.86
C PRO B 314 14.73 19.05 -3.36
N LYS B 315 15.06 18.04 -2.57
CA LYS B 315 15.96 16.98 -3.02
C LYS B 315 15.35 16.12 -4.12
N ARG B 316 14.07 15.84 -4.04
CA ARG B 316 13.45 15.05 -5.06
C ARG B 316 13.52 15.76 -6.39
N ILE B 317 13.37 17.08 -6.38
CA ILE B 317 13.39 17.87 -7.59
C ILE B 317 14.77 17.86 -8.18
N GLU B 318 15.76 18.11 -7.33
CA GLU B 318 17.16 18.16 -7.72
C GLU B 318 17.64 16.84 -8.34
N ASN B 319 17.20 15.71 -7.78
CA ASN B 319 17.71 14.39 -8.16
C ASN B 319 16.84 13.60 -9.12
N PHE B 320 15.72 14.17 -9.56
CA PHE B 320 14.80 13.49 -10.47
C PHE B 320 15.48 12.95 -11.73
N GLY B 321 16.50 13.64 -12.22
CA GLY B 321 17.22 13.24 -13.42
C GLY B 321 17.83 11.86 -13.38
N ASN B 322 18.24 11.42 -12.19
CA ASN B 322 18.89 10.12 -12.06
C ASN B 322 17.98 8.92 -12.20
N GLY B 323 16.68 9.13 -12.36
CA GLY B 323 15.79 8.05 -12.74
C GLY B 323 15.20 7.22 -11.60
N GLU B 324 15.60 7.50 -10.37
CA GLU B 324 15.14 6.70 -9.22
C GLU B 324 13.90 7.22 -8.45
N ASP B 325 13.11 8.09 -9.07
CA ASP B 325 12.00 8.71 -8.37
C ASP B 325 10.86 8.98 -9.36
N MET B 326 10.46 7.96 -10.11
CA MET B 326 9.47 8.15 -11.15
C MET B 326 8.22 8.75 -10.58
N ALA B 327 7.91 8.41 -9.34
CA ALA B 327 6.70 8.86 -8.68
C ALA B 327 6.61 10.37 -8.54
N MET B 328 7.75 11.03 -8.56
CA MET B 328 7.79 12.48 -8.49
C MET B 328 7.04 13.11 -9.64
N ALA B 329 7.12 12.48 -10.81
CA ALA B 329 6.44 13.00 -11.98
C ALA B 329 4.96 13.01 -11.74
N ALA B 330 4.47 11.96 -11.07
CA ALA B 330 3.05 11.86 -10.70
C ALA B 330 2.66 12.90 -9.65
N LEU B 331 3.55 13.18 -8.71
CA LEU B 331 3.29 14.22 -7.73
C LEU B 331 3.12 15.59 -8.38
N LEU B 332 3.98 15.94 -9.32
CA LEU B 332 3.86 17.23 -9.98
C LEU B 332 2.57 17.32 -10.80
N PHE B 333 2.13 16.18 -11.30
CA PHE B 333 0.90 16.10 -12.07
C PHE B 333 -0.30 16.41 -11.20
N HIS B 334 -0.40 15.73 -10.06
CA HIS B 334 -1.41 16.02 -9.05
C HIS B 334 -1.35 17.45 -8.54
N TYR B 335 -0.15 18.00 -8.38
CA TYR B 335 0.01 19.40 -7.95
C TYR B 335 -0.74 20.35 -8.88
N GLY B 336 -0.67 20.09 -10.19
CA GLY B 336 -1.34 20.95 -11.13
C GLY B 336 -2.84 20.96 -10.91
N ARG B 337 -3.37 19.79 -10.59
CA ARG B 337 -4.78 19.70 -10.30
C ARG B 337 -5.11 20.43 -9.02
N TYR B 338 -4.29 20.27 -7.99
CA TYR B 338 -4.49 21.03 -6.76
C TYR B 338 -4.51 22.53 -7.03
N LEU B 339 -3.62 22.98 -7.88
CA LEU B 339 -3.48 24.42 -8.09
C LEU B 339 -4.66 24.99 -8.84
N LEU B 340 -5.22 24.22 -9.77
CA LEU B 340 -6.31 24.72 -10.57
C LEU B 340 -7.56 24.81 -9.71
N ILE B 341 -7.86 23.74 -8.99
CA ILE B 341 -8.91 23.72 -7.98
C ILE B 341 -8.77 24.91 -7.02
N SER B 342 -7.57 25.12 -6.50
CA SER B 342 -7.29 26.19 -5.55
C SER B 342 -7.24 27.58 -6.16
N SER B 343 -7.24 27.70 -7.49
CA SER B 343 -7.23 29.02 -8.12
C SER B 343 -8.44 29.33 -9.02
N SER B 344 -9.31 28.36 -9.29
CA SER B 344 -10.42 28.58 -10.23
C SER B 344 -11.65 27.76 -9.87
N GLN B 345 -12.72 28.45 -9.47
CA GLN B 345 -13.98 27.81 -9.08
C GLN B 345 -15.16 28.63 -9.61
N PRO B 346 -16.32 27.99 -9.86
CA PRO B 346 -17.49 28.72 -10.35
C PRO B 346 -17.77 29.94 -9.52
N GLY B 347 -18.16 31.03 -10.18
CA GLY B 347 -18.54 32.26 -9.49
C GLY B 347 -17.44 33.29 -9.41
N GLY B 348 -16.18 32.85 -9.59
CA GLY B 348 -15.01 33.72 -9.39
C GLY B 348 -14.32 34.14 -10.67
N GLN B 349 -13.10 34.65 -10.49
CA GLN B 349 -12.24 35.11 -11.61
C GLN B 349 -11.39 33.94 -12.08
N PRO B 350 -10.93 33.99 -13.34
CA PRO B 350 -10.12 32.90 -13.86
C PRO B 350 -8.69 33.01 -13.43
N ALA B 351 -7.94 31.92 -13.52
CA ALA B 351 -6.56 31.91 -13.02
C ALA B 351 -5.61 32.78 -13.86
N ASN B 352 -4.95 33.74 -13.21
CA ASN B 352 -4.10 34.66 -13.93
C ASN B 352 -2.69 34.08 -14.14
N LEU B 353 -1.77 34.88 -14.67
CA LEU B 353 -0.39 34.43 -14.87
C LEU B 353 0.20 33.75 -13.67
N GLN B 354 -0.23 34.14 -12.46
CA GLN B 354 0.28 33.59 -11.21
C GLN B 354 -0.80 32.86 -10.39
N GLY B 355 -1.85 32.38 -11.04
CA GLY B 355 -2.97 31.75 -10.35
C GLY B 355 -3.79 32.77 -9.58
N ILE B 356 -3.63 32.78 -8.26
CA ILE B 356 -4.09 33.88 -7.41
C ILE B 356 -2.99 34.39 -6.48
N TRP B 357 -1.78 33.90 -6.69
CA TRP B 357 -0.69 34.05 -5.74
C TRP B 357 0.34 35.05 -6.22
N ASN B 358 0.45 36.17 -5.51
CA ASN B 358 1.31 37.26 -5.93
C ASN B 358 1.62 38.23 -4.81
N ASN B 359 2.90 38.53 -4.62
CA ASN B 359 3.32 39.43 -3.55
C ASN B 359 3.79 40.81 -3.99
N SER B 360 3.50 41.19 -5.24
CA SER B 360 3.98 42.43 -5.80
C SER B 360 2.87 43.44 -6.10
N THR B 361 3.19 44.73 -6.08
CA THR B 361 2.29 45.75 -6.59
C THR B 361 2.58 46.10 -8.07
N HIS B 362 3.59 45.47 -8.65
CA HIS B 362 3.92 45.66 -10.06
C HIS B 362 4.52 44.35 -10.54
N ALA B 363 3.68 43.35 -10.69
CA ALA B 363 4.16 42.00 -10.94
C ALA B 363 4.77 41.90 -12.36
N PRO B 364 5.54 40.82 -12.63
CA PRO B 364 5.99 40.47 -13.99
C PRO B 364 4.82 40.31 -14.95
N TRP B 365 4.85 41.09 -16.02
CA TRP B 365 3.75 41.18 -16.98
C TRP B 365 2.42 41.44 -16.30
N ASP B 366 2.48 42.10 -15.13
CA ASP B 366 1.31 42.44 -14.34
C ASP B 366 0.47 41.25 -13.87
N SER B 367 1.03 40.05 -13.78
CA SER B 367 0.23 38.87 -13.38
C SER B 367 -1.21 38.86 -13.93
N LYS B 368 -1.30 39.12 -15.21
CA LYS B 368 -2.49 39.48 -15.95
C LYS B 368 -3.10 38.23 -16.58
N TYR B 369 -3.87 38.39 -17.65
CA TYR B 369 -4.24 37.28 -18.56
C TYR B 369 -3.63 37.46 -19.95
N THR B 370 -2.58 36.69 -20.25
CA THR B 370 -1.87 36.78 -21.53
C THR B 370 -2.41 35.64 -22.35
N ILE B 371 -3.03 35.95 -23.50
CA ILE B 371 -3.94 35.00 -24.15
C ILE B 371 -3.48 34.50 -25.54
N ASN B 372 -2.16 34.59 -25.77
CA ASN B 372 -1.51 33.97 -26.94
C ASN B 372 -0.77 32.66 -26.63
N ILE B 373 -1.18 32.05 -25.52
CA ILE B 373 -0.81 30.68 -25.10
C ILE B 373 -1.04 30.53 -23.60
N ASN B 374 -0.63 31.54 -22.85
CA ASN B 374 -0.55 31.48 -21.39
C ASN B 374 -1.86 31.16 -20.63
N THR B 375 -2.86 32.03 -20.77
CA THR B 375 -4.14 31.82 -20.10
C THR B 375 -4.83 30.55 -20.60
N GLU B 376 -4.68 30.21 -21.87
CA GLU B 376 -5.27 28.98 -22.44
C GLU B 376 -4.65 27.72 -21.86
N MET B 377 -3.32 27.73 -21.72
CA MET B 377 -2.58 26.64 -21.10
C MET B 377 -3.07 26.34 -19.67
N ASN B 378 -3.32 27.41 -18.90
CA ASN B 378 -3.90 27.25 -17.56
C ASN B 378 -5.12 26.32 -17.55
N TYR B 379 -5.95 26.36 -18.60
CA TYR B 379 -7.20 25.60 -18.60
C TYR B 379 -7.20 24.25 -19.33
N TRP B 380 -6.05 23.84 -19.89
CA TRP B 380 -5.96 22.53 -20.54
C TRP B 380 -6.34 21.38 -19.59
N PRO B 381 -5.96 21.46 -18.29
CA PRO B 381 -6.27 20.38 -17.37
C PRO B 381 -7.72 20.23 -17.10
N ALA B 382 -8.50 21.28 -17.31
CA ALA B 382 -9.91 21.32 -16.90
C ALA B 382 -10.74 20.09 -17.32
N GLU B 383 -10.78 19.80 -18.61
CA GLU B 383 -11.65 18.75 -19.10
C GLU B 383 -11.02 17.37 -19.02
N VAL B 384 -9.80 17.22 -19.50
CA VAL B 384 -9.18 15.89 -19.65
C VAL B 384 -8.76 15.24 -18.32
N THR B 385 -8.26 16.08 -17.44
CA THR B 385 -8.07 15.74 -16.08
C THR B 385 -9.53 16.00 -15.72
N ASN B 386 -10.02 15.69 -14.55
CA ASN B 386 -11.49 15.71 -14.45
C ASN B 386 -11.92 16.90 -13.58
N LEU B 387 -11.83 18.11 -14.13
CA LEU B 387 -12.10 19.35 -13.36
C LEU B 387 -12.96 20.32 -14.15
N SER B 388 -14.00 19.80 -14.76
CA SER B 388 -14.81 20.60 -15.66
C SER B 388 -15.41 21.88 -15.00
N GLU B 389 -15.77 21.79 -13.73
CA GLU B 389 -16.27 22.97 -13.01
C GLU B 389 -15.24 24.11 -12.99
N THR B 390 -13.96 23.78 -12.89
CA THR B 390 -12.94 24.82 -12.80
C THR B 390 -12.92 25.68 -14.04
N HIS B 391 -13.60 25.25 -15.09
CA HIS B 391 -13.54 25.93 -16.36
C HIS B 391 -14.48 27.14 -16.39
N SER B 392 -15.46 27.16 -15.50
CA SER B 392 -16.54 28.14 -15.54
C SER B 392 -16.08 29.59 -15.49
N PRO B 393 -15.19 29.95 -14.56
CA PRO B 393 -14.78 31.37 -14.48
C PRO B 393 -14.27 31.93 -15.81
N LEU B 394 -13.73 31.07 -16.67
CA LEU B 394 -13.28 31.47 -18.02
C LEU B 394 -14.45 31.79 -18.93
N PHE B 395 -15.45 30.91 -18.96
CA PHE B 395 -16.65 31.19 -19.75
C PHE B 395 -17.33 32.49 -19.26
N SER B 396 -17.26 32.71 -17.97
CA SER B 396 -17.76 33.93 -17.40
C SER B 396 -17.01 35.14 -17.95
N MET B 397 -15.68 35.06 -18.04
CA MET B 397 -14.86 36.11 -18.67
C MET B 397 -15.23 36.30 -20.13
N LEU B 398 -15.52 35.20 -20.84
CA LEU B 398 -15.86 35.30 -22.25
C LEU B 398 -17.12 36.13 -22.50
N LYS B 399 -18.09 36.06 -21.59
CA LYS B 399 -19.27 36.91 -21.73
C LYS B 399 -18.85 38.37 -21.69
N ASP B 400 -17.96 38.73 -20.76
CA ASP B 400 -17.52 40.12 -20.61
C ASP B 400 -16.81 40.59 -21.87
N LEU B 401 -15.88 39.77 -22.35
CA LEU B 401 -15.10 40.10 -23.56
C LEU B 401 -15.94 40.13 -24.82
N SER B 402 -17.00 39.32 -24.89
CA SER B 402 -17.90 39.43 -26.02
C SER B 402 -18.65 40.76 -26.11
N VAL B 403 -18.65 41.55 -25.03
CA VAL B 403 -19.24 42.90 -25.02
C VAL B 403 -18.17 43.98 -25.20
N THR B 404 -17.14 43.96 -24.36
CA THR B 404 -16.07 44.97 -24.46
C THR B 404 -15.26 44.84 -25.76
N GLY B 405 -15.16 43.62 -26.26
CA GLY B 405 -14.43 43.33 -27.49
C GLY B 405 -15.24 43.54 -28.76
N ALA B 406 -16.55 43.75 -28.62
CA ALA B 406 -17.41 44.18 -29.72
C ALA B 406 -17.28 45.68 -29.88
N GLU B 407 -17.11 46.37 -28.76
CA GLU B 407 -16.74 47.78 -28.81
C GLU B 407 -15.40 47.95 -29.51
N THR B 408 -14.42 47.06 -29.24
CA THR B 408 -13.12 47.13 -29.89
C THR B 408 -13.25 46.88 -31.40
N ALA B 409 -13.98 45.83 -31.77
CA ALA B 409 -14.17 45.51 -33.18
C ALA B 409 -14.80 46.66 -33.98
N ARG B 410 -15.85 47.28 -33.43
CA ARG B 410 -16.52 48.41 -34.07
C ARG B 410 -15.61 49.68 -34.18
N THR B 411 -15.14 50.16 -33.03
CA THR B 411 -14.35 51.39 -32.92
C THR B 411 -13.07 51.40 -33.73
N MET B 412 -12.39 50.26 -33.75
CA MET B 412 -11.04 50.18 -34.31
C MET B 412 -10.99 49.63 -35.73
N TYR B 413 -11.83 48.65 -36.04
CA TYR B 413 -11.76 47.93 -37.31
C TYR B 413 -13.06 47.99 -38.15
N ASP B 414 -14.10 48.60 -37.60
CA ASP B 414 -15.40 48.68 -38.27
C ASP B 414 -15.86 47.29 -38.71
N CYS B 415 -15.84 46.36 -37.76
CA CYS B 415 -16.22 44.96 -37.98
C CYS B 415 -17.29 44.50 -37.00
N ARG B 416 -18.15 43.60 -37.46
CA ARG B 416 -19.15 43.00 -36.64
C ARG B 416 -18.44 41.93 -35.77
N GLY B 417 -19.19 41.34 -34.84
CA GLY B 417 -18.66 40.32 -33.92
C GLY B 417 -17.83 40.98 -32.84
N TRP B 418 -16.86 40.23 -32.33
CA TRP B 418 -15.92 40.70 -31.32
C TRP B 418 -14.50 40.11 -31.46
N VAL B 419 -13.56 40.79 -30.81
CA VAL B 419 -12.11 40.55 -30.92
C VAL B 419 -11.38 40.77 -29.57
N ALA B 420 -10.28 40.07 -29.36
CA ALA B 420 -9.28 40.44 -28.33
C ALA B 420 -7.84 40.12 -28.81
N HIS B 421 -6.83 40.89 -28.35
CA HIS B 421 -5.45 40.76 -28.85
C HIS B 421 -4.28 40.42 -27.90
N HIS B 422 -4.17 39.21 -27.42
CA HIS B 422 -2.92 38.86 -26.64
C HIS B 422 -2.82 39.19 -25.16
N ASN B 423 -3.46 40.25 -24.67
CA ASN B 423 -3.56 40.49 -23.20
C ASN B 423 -4.90 41.10 -22.78
N THR B 424 -5.40 40.68 -21.62
CA THR B 424 -6.52 41.36 -20.98
C THR B 424 -6.30 41.31 -19.49
N ASP B 425 -7.23 41.90 -18.72
CA ASP B 425 -7.08 42.03 -17.27
C ASP B 425 -8.45 42.07 -16.59
N LEU B 426 -8.50 42.50 -15.33
CA LEU B 426 -9.73 42.51 -14.53
C LEU B 426 -10.81 43.39 -15.13
N TRP B 427 -10.35 44.41 -15.86
CA TRP B 427 -11.25 45.37 -16.47
C TRP B 427 -11.63 45.00 -17.90
N ARG B 428 -11.15 43.84 -18.36
CA ARG B 428 -11.64 43.21 -19.57
C ARG B 428 -11.37 44.03 -20.82
N ILE B 429 -10.16 44.56 -20.92
CA ILE B 429 -9.75 45.30 -22.12
C ILE B 429 -9.57 44.34 -23.29
N CYS B 430 -9.75 44.84 -24.51
CA CYS B 430 -9.59 44.02 -25.72
C CYS B 430 -8.73 44.63 -26.82
N GLY B 431 -8.13 45.78 -26.57
CA GLY B 431 -7.31 46.47 -27.56
C GLY B 431 -5.91 45.90 -27.65
N VAL B 432 -5.06 46.68 -28.31
CA VAL B 432 -3.70 46.26 -28.65
C VAL B 432 -2.75 46.64 -27.50
N VAL B 433 -2.04 45.65 -26.98
CA VAL B 433 -1.23 45.84 -25.78
C VAL B 433 0.29 45.90 -26.01
N ASP B 434 0.95 46.72 -25.20
CA ASP B 434 2.39 46.99 -25.22
C ASP B 434 2.92 47.68 -26.48
N PHE B 435 2.98 46.96 -27.58
CA PHE B 435 3.50 47.49 -28.85
C PHE B 435 3.24 46.48 -29.97
N ALA B 436 3.18 46.95 -31.20
CA ALA B 436 2.82 46.16 -32.37
C ALA B 436 3.57 44.83 -32.51
N ALA B 437 4.88 44.84 -32.31
CA ALA B 437 5.69 43.64 -32.61
C ALA B 437 5.20 42.39 -31.91
N ALA B 438 4.61 42.54 -30.73
CA ALA B 438 4.01 41.41 -29.99
C ALA B 438 2.49 41.49 -29.84
N GLY B 439 1.92 42.69 -29.86
CA GLY B 439 0.54 42.92 -29.52
C GLY B 439 -0.41 42.93 -30.69
N MET B 440 0.07 43.28 -31.86
CA MET B 440 -0.80 43.40 -33.04
C MET B 440 -1.14 41.99 -33.53
N TRP B 441 -2.15 41.40 -32.90
CA TRP B 441 -2.45 39.99 -33.06
C TRP B 441 -3.89 39.79 -32.64
N PRO B 442 -4.83 39.81 -33.59
CA PRO B 442 -6.24 39.84 -33.29
C PRO B 442 -6.94 38.47 -33.10
N SER B 443 -6.19 37.45 -32.70
CA SER B 443 -6.75 36.10 -32.57
C SER B 443 -6.91 35.57 -31.11
N GLY B 444 -6.72 36.44 -30.13
CA GLY B 444 -6.83 36.04 -28.73
C GLY B 444 -8.24 35.67 -28.33
N GLY B 445 -9.20 36.49 -28.75
CA GLY B 445 -10.60 36.18 -28.50
C GLY B 445 -11.02 34.86 -29.11
N ALA B 446 -10.56 34.59 -30.33
CA ALA B 446 -10.98 33.41 -31.08
C ALA B 446 -10.46 32.12 -30.48
N TRP B 447 -9.22 32.14 -30.00
CA TRP B 447 -8.65 31.00 -29.28
C TRP B 447 -9.39 30.79 -27.97
N LEU B 448 -9.49 31.80 -27.12
CA LEU B 448 -10.26 31.64 -25.88
C LEU B 448 -11.64 31.05 -26.12
N ALA B 449 -12.33 31.52 -27.16
CA ALA B 449 -13.65 31.02 -27.48
C ALA B 449 -13.68 29.49 -27.81
N GLN B 450 -12.56 28.94 -28.30
CA GLN B 450 -12.51 27.49 -28.59
C GLN B 450 -12.64 26.66 -27.31
N HIS B 451 -12.41 27.29 -26.16
CA HIS B 451 -12.62 26.59 -24.91
C HIS B 451 -14.12 26.25 -24.69
N ILE B 452 -15.01 27.03 -25.30
CA ILE B 452 -16.44 26.69 -25.36
C ILE B 452 -16.65 25.41 -26.17
N TRP B 453 -16.00 25.34 -27.33
CA TRP B 453 -16.18 24.19 -28.20
C TRP B 453 -15.64 22.93 -27.56
N GLN B 454 -14.48 23.02 -26.91
CA GLN B 454 -13.90 21.84 -26.24
C GLN B 454 -14.73 21.36 -25.06
N HIS B 455 -15.32 22.29 -24.30
CA HIS B 455 -16.22 21.94 -23.18
C HIS B 455 -17.42 21.15 -23.70
N TYR B 456 -17.89 21.52 -24.87
CA TYR B 456 -18.95 20.75 -25.47
C TYR B 456 -18.43 19.36 -25.90
N LEU B 457 -17.29 19.30 -26.61
CA LEU B 457 -16.77 18.00 -27.06
C LEU B 457 -16.55 17.00 -25.93
N PHE B 458 -16.13 17.49 -24.77
CA PHE B 458 -15.81 16.66 -23.63
C PHE B 458 -17.07 16.28 -22.81
N THR B 459 -18.02 17.19 -22.67
CA THR B 459 -19.21 16.91 -21.86
C THR B 459 -20.41 16.41 -22.66
N GLY B 460 -20.56 16.88 -23.90
CA GLY B 460 -21.72 16.57 -24.74
C GLY B 460 -22.97 17.41 -24.44
N ASN B 461 -22.80 18.40 -23.58
CA ASN B 461 -23.93 19.20 -23.10
C ASN B 461 -24.41 20.23 -24.13
N LYS B 462 -25.51 19.91 -24.79
CA LYS B 462 -26.06 20.75 -25.85
C LYS B 462 -26.67 22.05 -25.31
N GLU B 463 -27.14 22.04 -24.08
CA GLU B 463 -27.75 23.22 -23.47
C GLU B 463 -26.69 24.30 -23.30
N PHE B 464 -25.54 23.88 -22.76
CA PHE B 464 -24.37 24.75 -22.67
C PHE B 464 -24.01 25.42 -24.02
N LEU B 465 -23.81 24.59 -25.03
CA LEU B 465 -23.45 25.06 -26.36
C LEU B 465 -24.42 26.11 -26.89
N LYS B 466 -25.73 25.92 -26.67
CA LYS B 466 -26.70 26.90 -27.17
C LYS B 466 -26.62 28.22 -26.40
N GLU B 467 -26.36 28.16 -25.09
CA GLU B 467 -26.16 29.37 -24.32
C GLU B 467 -24.93 30.16 -24.81
N TYR B 468 -23.83 29.45 -25.12
CA TYR B 468 -22.56 30.09 -25.49
C TYR B 468 -22.34 30.24 -26.99
N TYR B 469 -23.22 29.67 -27.80
CA TYR B 469 -23.09 29.77 -29.24
C TYR B 469 -22.97 31.20 -29.78
N PRO B 470 -23.80 32.12 -29.29
CA PRO B 470 -23.63 33.51 -29.76
C PRO B 470 -22.23 34.05 -29.58
N ILE B 471 -21.58 33.67 -28.49
CA ILE B 471 -20.20 34.11 -28.21
C ILE B 471 -19.16 33.50 -29.17
N LEU B 472 -19.22 32.18 -29.35
CA LEU B 472 -18.39 31.48 -30.34
C LEU B 472 -18.58 32.04 -31.74
N LYS B 473 -19.84 32.10 -32.18
CA LYS B 473 -20.23 32.72 -33.45
C LYS B 473 -19.65 34.13 -33.64
N GLY B 474 -19.64 34.91 -32.56
CA GLY B 474 -19.09 36.24 -32.61
C GLY B 474 -17.66 36.33 -33.14
N THR B 475 -16.85 35.30 -32.89
CA THR B 475 -15.46 35.27 -33.36
C THR B 475 -15.36 34.94 -34.85
N ALA B 476 -16.22 34.04 -35.29
CA ALA B 476 -16.39 33.74 -36.71
C ALA B 476 -16.90 34.94 -37.50
N GLN B 477 -17.82 35.70 -36.92
CA GLN B 477 -18.35 36.92 -37.56
C GLN B 477 -17.28 38.00 -37.70
N PHE B 478 -16.44 38.16 -36.67
CA PHE B 478 -15.32 39.09 -36.77
C PHE B 478 -14.37 38.74 -37.92
N TYR B 479 -14.03 37.46 -38.07
CA TYR B 479 -13.09 37.04 -39.10
C TYR B 479 -13.69 37.24 -40.48
N MET B 480 -14.98 37.01 -40.63
CA MET B 480 -15.62 37.22 -41.93
C MET B 480 -15.61 38.69 -42.37
N ASP B 481 -15.61 39.62 -41.41
CA ASP B 481 -15.54 41.05 -41.72
C ASP B 481 -14.12 41.57 -41.70
N PHE B 482 -13.19 40.87 -41.07
CA PHE B 482 -11.78 41.34 -40.94
C PHE B 482 -10.81 40.79 -42.00
N LEU B 483 -11.10 39.58 -42.49
CA LEU B 483 -10.26 38.93 -43.50
C LEU B 483 -10.23 39.74 -44.78
N VAL B 484 -9.10 39.74 -45.48
CA VAL B 484 -8.96 40.40 -46.78
C VAL B 484 -8.25 39.47 -47.79
N GLU B 485 -8.52 39.70 -49.07
CA GLU B 485 -7.97 38.87 -50.13
C GLU B 485 -6.52 39.24 -50.35
N HIS B 486 -5.63 38.26 -50.30
CA HIS B 486 -4.22 38.46 -50.64
C HIS B 486 -4.09 38.76 -52.16
N PRO B 487 -3.51 39.91 -52.55
CA PRO B 487 -3.35 40.29 -53.97
C PRO B 487 -2.70 39.27 -54.89
N VAL B 488 -1.68 38.55 -54.43
CA VAL B 488 -1.01 37.53 -55.28
C VAL B 488 -1.59 36.12 -55.19
N TYR B 489 -1.80 35.58 -53.99
CA TYR B 489 -2.23 34.18 -53.85
C TYR B 489 -3.72 34.01 -53.70
N LYS B 490 -4.44 35.11 -53.60
CA LYS B 490 -5.91 35.13 -53.58
C LYS B 490 -6.63 34.53 -52.36
N TRP B 491 -5.89 33.97 -51.42
CA TRP B 491 -6.50 33.41 -50.20
C TRP B 491 -6.95 34.52 -49.27
N LEU B 492 -7.94 34.23 -48.44
CA LEU B 492 -8.33 35.18 -47.38
C LEU B 492 -7.35 35.09 -46.20
N VAL B 493 -6.90 36.24 -45.71
CA VAL B 493 -5.85 36.29 -44.69
C VAL B 493 -6.08 37.36 -43.63
N VAL B 494 -5.45 37.11 -42.48
CA VAL B 494 -5.57 38.00 -41.35
C VAL B 494 -4.41 38.98 -41.40
N SER B 495 -4.71 40.27 -41.56
CA SER B 495 -3.67 41.30 -41.59
C SER B 495 -4.20 42.62 -41.04
N PRO B 496 -3.41 43.37 -40.26
CA PRO B 496 -2.07 43.03 -39.83
C PRO B 496 -2.02 42.13 -38.58
N SER B 497 -1.01 41.23 -38.53
CA SER B 497 -0.82 40.30 -37.40
C SER B 497 0.67 39.92 -37.28
N VAL B 498 0.99 39.10 -36.28
CA VAL B 498 2.32 38.54 -36.14
C VAL B 498 2.17 37.08 -35.74
N SER B 499 3.21 36.28 -35.98
CA SER B 499 3.30 34.99 -35.33
C SER B 499 3.93 35.27 -33.95
N PRO B 500 3.17 35.08 -32.87
CA PRO B 500 3.74 35.47 -31.60
C PRO B 500 5.01 34.68 -31.28
N GLU B 501 6.09 35.33 -30.81
CA GLU B 501 6.28 36.78 -30.75
C GLU B 501 7.59 37.12 -31.44
N HIS B 502 7.62 36.96 -32.76
CA HIS B 502 8.79 37.21 -33.59
C HIS B 502 8.43 37.36 -35.05
N GLY B 503 9.41 37.82 -35.84
CA GLY B 503 9.21 38.11 -37.25
C GLY B 503 8.48 39.44 -37.42
N PRO B 504 8.12 39.78 -38.67
CA PRO B 504 7.56 41.09 -38.94
C PRO B 504 6.06 41.12 -38.77
N ILE B 505 5.51 42.33 -38.78
CA ILE B 505 4.06 42.52 -38.90
C ILE B 505 3.74 42.13 -40.34
N THR B 506 2.79 41.24 -40.55
CA THR B 506 2.66 40.60 -41.85
C THR B 506 1.21 40.16 -42.13
N ALA B 507 1.03 39.25 -43.11
CA ALA B 507 -0.28 38.70 -43.44
C ALA B 507 -0.08 37.17 -43.57
N GLY B 508 -1.15 36.41 -43.44
CA GLY B 508 -1.07 34.97 -43.75
C GLY B 508 -0.43 34.02 -42.74
N CYS B 509 -0.18 34.51 -41.52
CA CYS B 509 0.46 33.69 -40.47
C CYS B 509 -0.26 32.37 -40.31
N THR B 510 0.49 31.26 -40.32
CA THR B 510 -0.09 29.93 -40.16
C THR B 510 -0.97 29.83 -38.90
N MET B 511 -0.60 30.50 -37.82
CA MET B 511 -1.38 30.43 -36.59
C MET B 511 -2.73 31.10 -36.77
N ASP B 512 -2.78 32.24 -37.45
CA ASP B 512 -4.05 32.93 -37.71
C ASP B 512 -4.88 32.07 -38.65
N ASN B 513 -4.25 31.33 -39.54
CA ASN B 513 -4.99 30.49 -40.46
C ASN B 513 -5.61 29.32 -39.76
N GLN B 514 -4.88 28.74 -38.81
CA GLN B 514 -5.41 27.62 -38.02
C GLN B 514 -6.50 28.09 -37.04
N ILE B 515 -6.32 29.25 -36.41
CA ILE B 515 -7.33 29.73 -35.46
C ILE B 515 -8.59 30.18 -36.20
N ALA B 516 -8.42 30.90 -37.30
CA ALA B 516 -9.56 31.29 -38.12
C ALA B 516 -10.32 30.06 -38.61
N PHE B 517 -9.61 28.99 -38.92
CA PHE B 517 -10.22 27.76 -39.39
C PHE B 517 -11.10 27.16 -38.29
N ASP B 518 -10.57 27.11 -37.08
CA ASP B 518 -11.33 26.58 -35.96
C ASP B 518 -12.52 27.50 -35.63
N ALA B 519 -12.30 28.80 -35.64
CA ALA B 519 -13.38 29.74 -35.37
C ALA B 519 -14.52 29.52 -36.34
N LEU B 520 -14.20 29.41 -37.64
CA LEU B 520 -15.24 29.27 -38.66
C LEU B 520 -15.86 27.88 -38.67
N HIS B 521 -15.01 26.87 -38.67
CA HIS B 521 -15.48 25.50 -38.84
C HIS B 521 -16.22 24.97 -37.61
N ASN B 522 -15.78 25.31 -36.42
CA ASN B 522 -16.48 24.82 -35.26
C ASN B 522 -17.74 25.64 -34.96
N THR B 523 -17.75 26.91 -35.37
CA THR B 523 -19.01 27.66 -35.39
C THR B 523 -20.04 26.95 -36.28
N LEU B 524 -19.61 26.49 -37.45
CA LEU B 524 -20.46 25.74 -38.36
C LEU B 524 -21.00 24.48 -37.73
N LEU B 525 -20.15 23.69 -37.10
CA LEU B 525 -20.58 22.41 -36.52
C LEU B 525 -21.55 22.68 -35.40
N ALA B 526 -21.29 23.74 -34.66
CA ALA B 526 -22.17 24.14 -33.58
C ALA B 526 -23.51 24.65 -34.09
N SER B 527 -23.50 25.26 -35.28
CA SER B 527 -24.73 25.86 -35.82
C SER B 527 -25.81 24.83 -36.12
N TYR B 528 -25.42 23.59 -36.45
CA TYR B 528 -26.39 22.52 -36.70
C TYR B 528 -27.13 22.11 -35.44
N ILE B 529 -26.54 22.38 -34.28
CA ILE B 529 -27.15 22.08 -32.99
C ILE B 529 -27.91 23.28 -32.43
N ALA B 530 -27.35 24.49 -32.58
CA ALA B 530 -27.95 25.72 -32.04
C ALA B 530 -29.09 26.26 -32.88
N GLY B 531 -29.16 25.88 -34.15
CA GLY B 531 -30.07 26.48 -35.11
C GLY B 531 -29.44 27.73 -35.70
N GLU B 532 -29.48 27.87 -37.02
CA GLU B 532 -28.96 29.06 -37.71
C GLU B 532 -29.55 29.20 -39.11
N ALA B 533 -29.49 30.42 -39.65
CA ALA B 533 -29.85 30.69 -41.05
C ALA B 533 -28.92 30.01 -42.08
N PRO B 534 -29.49 29.25 -43.04
CA PRO B 534 -28.66 28.66 -44.09
C PRO B 534 -27.69 29.65 -44.74
N SER B 535 -28.07 30.92 -44.86
CA SER B 535 -27.21 31.93 -45.50
C SER B 535 -25.93 32.20 -44.71
N PHE B 536 -26.04 32.22 -43.38
CA PHE B 536 -24.89 32.39 -42.51
C PHE B 536 -24.00 31.16 -42.57
N GLN B 537 -24.59 29.99 -42.65
CA GLN B 537 -23.80 28.76 -42.80
C GLN B 537 -23.04 28.71 -44.12
N ASP B 538 -23.64 29.22 -45.19
CA ASP B 538 -22.99 29.23 -46.50
C ASP B 538 -21.85 30.24 -46.52
N SER B 539 -21.98 31.35 -45.79
CA SER B 539 -20.86 32.30 -45.63
C SER B 539 -19.65 31.59 -45.01
N LEU B 540 -19.90 30.85 -43.93
CA LEU B 540 -18.88 30.11 -43.21
C LEU B 540 -18.16 29.16 -44.14
N LYS B 541 -18.89 28.41 -44.96
CA LYS B 541 -18.23 27.47 -45.90
C LYS B 541 -17.46 28.21 -46.99
N GLN B 542 -18.09 29.22 -47.59
CA GLN B 542 -17.41 30.07 -48.57
C GLN B 542 -16.13 30.70 -48.02
N THR B 543 -16.14 31.07 -46.73
CA THR B 543 -14.96 31.66 -46.12
C THR B 543 -13.86 30.61 -45.84
N LEU B 544 -14.23 29.47 -45.26
CA LEU B 544 -13.29 28.36 -45.04
C LEU B 544 -12.56 27.94 -46.31
N GLU B 545 -13.34 27.75 -47.35
CA GLU B 545 -12.87 27.37 -48.67
C GLU B 545 -11.78 28.30 -49.22
N LYS B 546 -11.75 29.57 -48.81
CA LYS B 546 -10.75 30.54 -49.28
C LYS B 546 -9.50 30.71 -48.42
N LEU B 547 -9.37 29.95 -47.33
CA LEU B 547 -8.24 30.14 -46.39
C LEU B 547 -7.00 29.46 -46.91
N PRO B 548 -5.82 29.93 -46.52
CA PRO B 548 -4.59 29.32 -47.00
C PRO B 548 -4.35 27.90 -46.48
N PRO B 549 -3.80 27.02 -47.32
CA PRO B 549 -3.48 25.71 -46.82
C PRO B 549 -2.20 25.78 -46.04
N MET B 550 -1.91 24.75 -45.27
CA MET B 550 -0.60 24.67 -44.66
C MET B 550 0.42 24.24 -45.73
N GLN B 551 1.70 24.44 -45.41
CA GLN B 551 2.75 24.25 -46.37
C GLN B 551 3.95 23.52 -45.74
N ILE B 552 4.56 22.61 -46.50
CA ILE B 552 5.84 22.02 -46.13
C ILE B 552 6.94 22.76 -46.90
N GLY B 553 7.99 23.16 -46.19
CA GLY B 553 9.06 23.99 -46.75
C GLY B 553 10.33 23.23 -47.10
N LYS B 554 11.37 23.99 -47.42
CA LYS B 554 12.62 23.43 -47.93
C LYS B 554 13.38 22.56 -46.91
N HIS B 555 13.11 22.74 -45.62
CA HIS B 555 13.74 21.90 -44.57
C HIS B 555 12.79 20.81 -44.07
N ASN B 556 11.82 20.45 -44.91
CA ASN B 556 10.78 19.52 -44.54
C ASN B 556 10.03 19.93 -43.26
N GLN B 557 9.89 21.24 -43.07
CA GLN B 557 9.30 21.81 -41.86
C GLN B 557 7.96 22.42 -42.21
N LEU B 558 7.09 22.54 -41.21
CA LEU B 558 5.79 23.18 -41.39
C LEU B 558 5.98 24.68 -41.33
N GLN B 559 5.52 25.39 -42.36
CA GLN B 559 5.85 26.81 -42.48
C GLN B 559 5.05 27.64 -41.49
N GLU B 560 5.76 28.47 -40.74
CA GLU B 560 5.17 29.42 -39.80
C GLU B 560 4.50 30.58 -40.53
N TRP B 561 5.09 31.00 -41.65
CA TRP B 561 4.50 32.07 -42.46
C TRP B 561 4.14 31.57 -43.86
N LEU B 562 3.47 32.40 -44.66
CA LEU B 562 3.20 32.05 -46.07
C LEU B 562 4.46 31.77 -46.88
N GLU B 563 5.45 32.61 -46.77
CA GLU B 563 6.65 32.44 -47.55
C GLU B 563 7.55 31.45 -46.79
N ASP B 564 8.51 30.84 -47.50
CA ASP B 564 9.34 29.78 -46.93
C ASP B 564 10.61 30.36 -46.26
N ILE B 565 10.42 30.99 -45.10
CA ILE B 565 11.47 31.74 -44.45
C ILE B 565 11.85 31.16 -43.07
N ASP B 566 11.32 29.99 -42.72
CA ASP B 566 11.62 29.38 -41.43
C ASP B 566 13.13 29.13 -41.32
N ASN B 567 13.70 29.47 -40.17
CA ASN B 567 15.12 29.24 -39.87
C ASN B 567 15.30 28.00 -38.99
N PRO B 568 16.00 26.97 -39.50
CA PRO B 568 16.10 25.71 -38.75
C PRO B 568 16.96 25.73 -37.48
N LYS B 569 17.74 26.78 -37.24
CA LYS B 569 18.48 26.91 -35.98
C LYS B 569 17.74 27.75 -34.92
N ASP B 570 16.66 28.41 -35.33
CA ASP B 570 15.87 29.29 -34.44
C ASP B 570 15.19 28.46 -33.35
N GLU B 571 15.53 28.77 -32.10
CA GLU B 571 14.95 28.07 -30.94
C GLU B 571 14.02 28.98 -30.14
N HIS B 572 13.32 29.87 -30.84
CA HIS B 572 12.33 30.77 -30.25
C HIS B 572 11.33 30.00 -29.37
N ARG B 573 11.12 30.50 -28.15
CA ARG B 573 10.25 29.84 -27.16
C ARG B 573 8.79 29.51 -27.61
N HIS B 574 8.21 30.37 -28.46
CA HIS B 574 6.87 30.14 -28.99
C HIS B 574 6.96 29.23 -30.18
N ILE B 575 5.98 28.36 -30.39
CA ILE B 575 5.87 27.58 -31.62
C ILE B 575 4.41 27.71 -32.06
N SER B 576 4.02 28.93 -32.40
CA SER B 576 2.60 29.29 -32.51
C SER B 576 1.89 28.62 -33.71
N HIS B 577 2.67 28.26 -34.72
CA HIS B 577 2.16 27.57 -35.89
C HIS B 577 1.91 26.08 -35.69
N LEU B 578 2.19 25.56 -34.50
CA LEU B 578 1.78 24.19 -34.19
C LEU B 578 0.57 24.21 -33.30
N TYR B 579 -0.07 25.37 -33.18
CA TYR B 579 -1.41 25.45 -32.58
C TYR B 579 -2.27 24.30 -33.16
N GLY B 580 -2.15 24.07 -34.46
CA GLY B 580 -2.90 23.01 -35.14
C GLY B 580 -2.62 21.60 -34.68
N LEU B 581 -1.40 21.33 -34.20
CA LEU B 581 -1.03 20.06 -33.62
C LEU B 581 -1.52 19.97 -32.19
N TYR B 582 -1.34 21.06 -31.44
CA TYR B 582 -1.93 21.17 -30.10
C TYR B 582 -2.04 22.63 -29.70
N PRO B 583 -3.21 23.06 -29.23
CA PRO B 583 -4.33 22.22 -28.76
C PRO B 583 -5.41 21.80 -29.78
N SER B 584 -5.26 22.21 -31.03
CA SER B 584 -6.25 21.85 -32.06
C SER B 584 -5.99 20.46 -32.62
N ASN B 585 -6.81 20.07 -33.58
CA ASN B 585 -6.84 18.73 -34.10
C ASN B 585 -6.60 18.67 -35.61
N GLN B 586 -5.82 19.61 -36.11
CA GLN B 586 -5.65 19.75 -37.56
C GLN B 586 -4.45 18.98 -38.16
N ILE B 587 -3.68 18.28 -37.33
CA ILE B 587 -2.48 17.58 -37.80
C ILE B 587 -2.53 16.13 -37.35
N SER B 588 -3.20 15.29 -38.14
CA SER B 588 -3.31 13.87 -37.82
C SER B 588 -2.35 13.00 -38.63
N PRO B 589 -1.67 12.05 -37.95
CA PRO B 589 -0.76 11.14 -38.63
C PRO B 589 -1.48 10.17 -39.55
N TYR B 590 -2.80 10.00 -39.38
CA TYR B 590 -3.57 9.11 -40.27
C TYR B 590 -4.09 9.87 -41.49
N SER B 591 -4.80 10.98 -41.28
CA SER B 591 -5.31 11.84 -42.36
C SER B 591 -4.20 12.51 -43.19
N ASN B 592 -3.12 12.93 -42.52
CA ASN B 592 -2.08 13.71 -43.15
C ASN B 592 -0.68 13.36 -42.62
N PRO B 593 -0.19 12.15 -42.92
CA PRO B 593 1.15 11.74 -42.46
C PRO B 593 2.31 12.68 -42.85
N GLU B 594 2.28 13.21 -44.07
CA GLU B 594 3.39 14.04 -44.51
C GLU B 594 3.48 15.34 -43.70
N LEU B 595 2.33 15.91 -43.33
CA LEU B 595 2.27 17.14 -42.54
C LEU B 595 2.73 16.90 -41.10
N PHE B 596 2.22 15.81 -40.52
CA PHE B 596 2.66 15.30 -39.22
C PHE B 596 4.19 15.21 -39.10
N GLN B 597 4.82 14.71 -40.17
CA GLN B 597 6.28 14.55 -40.17
C GLN B 597 6.95 15.94 -40.29
N ALA B 598 6.29 16.88 -40.94
CA ALA B 598 6.80 18.25 -41.00
C ALA B 598 6.71 18.95 -39.65
N ALA B 599 5.62 18.71 -38.93
CA ALA B 599 5.51 19.14 -37.53
C ALA B 599 6.62 18.53 -36.70
N ARG B 600 6.89 17.24 -36.88
CA ARG B 600 7.99 16.63 -36.17
C ARG B 600 9.31 17.39 -36.38
N ASN B 601 9.63 17.67 -37.63
CA ASN B 601 10.85 18.38 -37.97
C ASN B 601 10.87 19.78 -37.39
N THR B 602 9.74 20.48 -37.45
CA THR B 602 9.61 21.80 -36.81
C THR B 602 9.98 21.72 -35.33
N LEU B 603 9.52 20.67 -34.64
CA LEU B 603 9.81 20.49 -33.23
C LEU B 603 11.29 20.19 -32.97
N LEU B 604 11.93 19.46 -33.87
CA LEU B 604 13.35 19.17 -33.73
C LEU B 604 14.17 20.43 -33.90
N GLN B 605 13.76 21.30 -34.82
CA GLN B 605 14.45 22.55 -35.02
C GLN B 605 14.33 23.52 -33.84
N ARG B 606 13.19 23.52 -33.16
CA ARG B 606 12.97 24.43 -32.01
C ARG B 606 13.69 24.00 -30.74
N GLY B 607 13.89 22.70 -30.56
CA GLY B 607 14.60 22.21 -29.41
C GLY B 607 13.76 22.05 -28.17
N ASP B 608 14.36 21.46 -27.15
CA ASP B 608 13.63 20.92 -26.01
C ASP B 608 13.54 21.79 -24.73
N LYS B 609 14.08 23.00 -24.74
CA LYS B 609 14.19 23.76 -23.50
C LYS B 609 13.42 25.08 -23.63
N ALA B 610 14.06 26.22 -23.41
CA ALA B 610 13.36 27.51 -23.32
C ALA B 610 12.56 27.64 -22.00
N THR B 611 11.57 28.52 -21.97
CA THR B 611 10.92 28.87 -20.72
C THR B 611 10.07 27.71 -20.21
N GLY B 612 9.67 27.79 -18.94
CA GLY B 612 8.78 26.80 -18.32
C GLY B 612 7.52 26.50 -19.10
N TRP B 613 6.79 27.54 -19.48
CA TRP B 613 5.62 27.32 -20.33
C TRP B 613 5.96 26.69 -21.67
N SER B 614 7.04 27.11 -22.30
CA SER B 614 7.43 26.52 -23.57
C SER B 614 7.65 25.02 -23.43
N ILE B 615 8.31 24.64 -22.36
CA ILE B 615 8.53 23.24 -22.06
C ILE B 615 7.20 22.49 -21.81
N GLY B 616 6.25 23.13 -21.13
CA GLY B 616 4.95 22.53 -20.92
C GLY B 616 4.19 22.25 -22.21
N TRP B 617 4.24 23.15 -23.16
CA TRP B 617 3.57 22.95 -24.43
C TRP B 617 4.19 21.74 -25.10
N LYS B 618 5.51 21.63 -24.98
CA LYS B 618 6.25 20.60 -25.67
C LYS B 618 5.94 19.22 -25.20
N VAL B 619 5.53 19.06 -23.95
CA VAL B 619 5.10 17.73 -23.49
C VAL B 619 3.83 17.31 -24.26
N ASN B 620 2.91 18.25 -24.41
CA ASN B 620 1.72 18.04 -25.19
C ASN B 620 2.05 17.79 -26.66
N PHE B 621 2.93 18.62 -27.22
CA PHE B 621 3.38 18.43 -28.61
C PHE B 621 3.90 17.02 -28.85
N TRP B 622 4.88 16.60 -28.07
CA TRP B 622 5.46 15.27 -28.26
C TRP B 622 4.48 14.12 -27.94
N ALA B 623 3.50 14.38 -27.09
CA ALA B 623 2.45 13.39 -26.87
C ALA B 623 1.67 13.19 -28.17
N ARG B 624 1.32 14.30 -28.81
CA ARG B 624 0.60 14.23 -30.07
C ARG B 624 1.49 13.60 -31.17
N MET B 625 2.79 13.79 -31.05
CA MET B 625 3.73 13.07 -31.93
C MET B 625 3.81 11.57 -31.64
N LEU B 626 3.04 11.08 -30.66
CA LEU B 626 3.03 9.67 -30.30
C LEU B 626 4.43 9.18 -29.93
N ASP B 627 5.22 10.03 -29.26
CA ASP B 627 6.62 9.74 -28.92
C ASP B 627 6.80 9.90 -27.41
N GLY B 628 6.48 8.86 -26.66
CA GLY B 628 6.55 8.91 -25.21
C GLY B 628 7.95 9.17 -24.68
N ASN B 629 8.95 8.57 -25.31
CA ASN B 629 10.32 8.77 -24.86
C ASN B 629 10.78 10.24 -24.95
N HIS B 630 10.41 10.90 -26.05
CA HIS B 630 10.74 12.31 -26.21
C HIS B 630 9.91 13.17 -25.26
N ALA B 631 8.66 12.79 -25.04
CA ALA B 631 7.85 13.53 -24.10
C ALA B 631 8.50 13.49 -22.72
N PHE B 632 8.94 12.30 -22.32
CA PHE B 632 9.60 12.15 -21.03
C PHE B 632 10.93 12.94 -20.94
N GLN B 633 11.64 13.11 -22.06
CA GLN B 633 12.81 14.00 -22.08
C GLN B 633 12.46 15.44 -21.75
N ILE B 634 11.28 15.87 -22.21
CA ILE B 634 10.81 17.21 -21.92
C ILE B 634 10.48 17.31 -20.44
N ILE B 635 9.87 16.25 -19.90
CA ILE B 635 9.57 16.17 -18.49
C ILE B 635 10.81 16.35 -17.66
N LYS B 636 11.91 15.72 -18.07
CA LYS B 636 13.18 15.85 -17.34
C LYS B 636 13.72 17.27 -17.41
N ASN B 637 13.45 17.95 -18.51
CA ASN B 637 13.84 19.35 -18.62
C ASN B 637 13.02 20.30 -17.78
N MET B 638 11.88 19.87 -17.27
CA MET B 638 11.14 20.73 -16.36
C MET B 638 11.53 20.47 -14.90
N ILE B 639 11.62 19.19 -14.53
CA ILE B 639 11.87 18.83 -13.12
C ILE B 639 13.36 18.96 -12.80
N GLN B 640 13.75 20.22 -12.63
CA GLN B 640 15.11 20.60 -12.21
C GLN B 640 15.02 21.82 -11.35
N LEU B 641 15.79 21.79 -10.29
CA LEU B 641 15.62 22.77 -9.24
C LEU B 641 16.20 24.15 -9.59
N LEU B 642 15.36 25.18 -9.43
CA LEU B 642 15.82 26.56 -9.32
C LEU B 642 15.56 26.98 -7.89
N PRO B 643 16.61 27.02 -7.05
CA PRO B 643 16.38 27.32 -5.63
C PRO B 643 15.66 28.64 -5.33
N ASN B 644 15.99 29.69 -6.07
CA ASN B 644 15.32 30.96 -5.98
C ASN B 644 15.81 31.84 -7.11
N ASP B 645 15.20 33.01 -7.30
CA ASP B 645 15.56 33.90 -8.43
C ASP B 645 16.87 34.63 -8.25
N HIS B 646 17.31 34.77 -7.01
CA HIS B 646 18.61 35.34 -6.72
C HIS B 646 19.74 34.44 -7.28
N LEU B 647 19.50 33.14 -7.43
CA LEU B 647 20.50 32.21 -7.95
C LEU B 647 20.23 31.72 -9.39
N ALA B 648 19.46 32.46 -10.16
CA ALA B 648 19.09 31.99 -11.50
C ALA B 648 20.30 31.87 -12.49
N LYS B 649 21.28 32.75 -12.35
CA LYS B 649 22.46 32.72 -13.25
C LYS B 649 23.28 31.50 -12.95
N GLU B 650 23.28 31.13 -11.68
CA GLU B 650 24.02 29.97 -11.20
C GLU B 650 23.33 28.63 -11.52
N TYR B 651 22.01 28.67 -11.72
CA TYR B 651 21.21 27.47 -12.02
C TYR B 651 20.35 27.75 -13.23
N PRO B 652 20.98 28.07 -14.36
CA PRO B 652 20.22 28.53 -15.51
C PRO B 652 19.29 27.48 -16.10
N ASN B 653 19.48 26.19 -15.79
CA ASN B 653 18.53 25.19 -16.29
C ASN B 653 17.36 24.84 -15.36
N GLY B 654 17.27 25.50 -14.21
CA GLY B 654 16.21 25.23 -13.26
C GLY B 654 14.87 25.74 -13.76
N ARG B 655 13.84 24.89 -13.68
CA ARG B 655 12.49 25.24 -14.10
C ARG B 655 11.41 25.00 -13.05
N THR B 656 11.79 24.46 -11.89
CA THR B 656 10.85 24.21 -10.80
C THR B 656 11.45 24.73 -9.48
N TYR B 657 10.70 25.57 -8.77
CA TYR B 657 11.12 26.07 -7.47
C TYR B 657 10.95 25.00 -6.37
N PRO B 658 11.50 25.25 -5.18
CA PRO B 658 11.25 24.29 -4.10
C PRO B 658 9.77 24.12 -3.81
N ASN B 659 8.96 25.15 -4.11
CA ASN B 659 7.49 25.09 -4.10
C ASN B 659 6.84 24.04 -4.96
N MET B 660 7.62 23.53 -5.92
CA MET B 660 7.15 22.81 -7.09
C MET B 660 6.40 23.68 -8.08
N LEU B 661 6.43 25.00 -7.88
CA LEU B 661 5.82 25.94 -8.82
C LEU B 661 6.74 26.11 -10.05
N ASP B 662 6.16 26.42 -11.18
CA ASP B 662 6.93 26.53 -12.42
C ASP B 662 7.63 27.88 -12.55
N ALA B 663 8.84 27.84 -13.09
CA ALA B 663 9.62 29.04 -13.35
C ALA B 663 9.74 29.33 -14.84
N HIS B 664 9.32 30.51 -15.24
CA HIS B 664 9.59 31.06 -16.58
C HIS B 664 11.08 31.11 -16.83
N PRO B 665 11.88 31.72 -15.94
CA PRO B 665 11.49 32.42 -14.69
C PRO B 665 11.15 33.90 -14.90
N PRO B 666 10.48 34.58 -13.98
CA PRO B 666 10.18 34.13 -12.62
C PRO B 666 8.91 33.26 -12.52
N PHE B 667 8.36 33.09 -11.31
CA PHE B 667 7.19 32.25 -11.13
C PHE B 667 6.06 32.61 -12.06
N GLN B 668 5.70 31.62 -12.88
CA GLN B 668 4.58 31.71 -13.80
C GLN B 668 3.91 30.33 -13.76
N ILE B 669 2.59 30.31 -13.55
CA ILE B 669 1.86 29.08 -13.29
C ILE B 669 1.50 28.31 -14.56
N ASP B 670 1.54 28.98 -15.70
CA ASP B 670 1.28 28.28 -16.96
C ASP B 670 1.90 26.88 -17.07
N GLY B 671 3.19 26.76 -16.78
CA GLY B 671 3.91 25.51 -16.92
C GLY B 671 3.48 24.38 -15.97
N ASN B 672 3.00 24.73 -14.78
CA ASN B 672 2.41 23.72 -13.92
C ASN B 672 1.22 23.06 -14.59
N PHE B 673 0.37 23.87 -15.23
CA PHE B 673 -0.87 23.40 -15.79
C PHE B 673 -0.56 22.76 -17.12
N GLY B 674 0.33 23.35 -17.87
CA GLY B 674 0.72 22.72 -19.13
C GLY B 674 1.33 21.34 -18.94
N TYR B 675 2.11 21.18 -17.89
CA TYR B 675 2.68 19.89 -17.57
C TYR B 675 1.58 18.84 -17.28
N THR B 676 0.65 19.20 -16.42
CA THR B 676 -0.39 18.30 -16.04
C THR B 676 -1.18 17.84 -17.26
N ALA B 677 -1.54 18.77 -18.12
CA ALA B 677 -2.30 18.39 -19.29
C ALA B 677 -1.46 17.49 -20.19
N GLY B 678 -0.15 17.73 -20.20
CA GLY B 678 0.81 16.96 -20.99
C GLY B 678 0.86 15.50 -20.60
N VAL B 679 1.02 15.23 -19.31
CA VAL B 679 1.01 13.86 -18.83
C VAL B 679 -0.31 13.14 -19.20
N ALA B 680 -1.41 13.88 -19.18
CA ALA B 680 -2.70 13.32 -19.57
C ALA B 680 -2.70 12.93 -21.04
N GLU B 681 -2.21 13.83 -21.90
CA GLU B 681 -2.18 13.56 -23.33
C GLU B 681 -1.25 12.41 -23.65
N MET B 682 -0.23 12.18 -22.83
CA MET B 682 0.67 11.06 -23.04
C MET B 682 -0.06 9.74 -22.86
N LEU B 683 -0.98 9.72 -21.90
CA LEU B 683 -1.75 8.53 -21.55
C LEU B 683 -3.10 8.38 -22.28
N LEU B 684 -3.63 9.47 -22.84
CA LEU B 684 -4.98 9.43 -23.44
C LEU B 684 -5.24 10.55 -24.42
N GLN B 685 -5.63 10.17 -25.64
CA GLN B 685 -6.03 11.12 -26.67
C GLN B 685 -7.41 10.72 -27.19
N SER B 686 -8.21 11.71 -27.52
CA SER B 686 -9.60 11.48 -27.92
C SER B 686 -9.99 12.49 -28.95
N HIS B 687 -9.06 12.83 -29.86
CA HIS B 687 -9.27 13.96 -30.75
C HIS B 687 -9.17 13.61 -32.23
N ASP B 688 -8.95 12.34 -32.58
CA ASP B 688 -8.54 12.01 -33.94
C ASP B 688 -8.72 10.58 -34.52
N GLY B 689 -9.91 10.11 -34.90
CA GLY B 689 -11.16 10.30 -34.23
C GLY B 689 -11.40 8.91 -33.64
N ALA B 690 -10.83 8.72 -32.46
CA ALA B 690 -11.01 7.52 -31.66
C ALA B 690 -10.46 7.81 -30.26
N VAL B 691 -10.79 6.99 -29.30
CA VAL B 691 -10.26 7.15 -27.97
C VAL B 691 -9.01 6.30 -27.92
N HIS B 692 -7.84 6.95 -27.90
CA HIS B 692 -6.58 6.25 -28.01
C HIS B 692 -5.96 5.97 -26.64
N LEU B 693 -5.85 4.69 -26.30
CA LEU B 693 -5.30 4.26 -25.01
C LEU B 693 -3.78 4.14 -25.05
N LEU B 694 -3.13 4.85 -24.12
CA LEU B 694 -1.66 4.93 -24.02
C LEU B 694 -0.94 5.26 -25.35
N PRO B 695 -1.32 6.39 -25.95
CA PRO B 695 -0.68 6.80 -27.19
C PRO B 695 0.79 7.21 -27.10
N ALA B 696 1.28 7.58 -25.92
CA ALA B 696 2.66 8.05 -25.79
C ALA B 696 3.33 7.69 -24.49
N LEU B 697 3.30 6.41 -24.15
CA LEU B 697 3.84 5.94 -22.89
C LEU B 697 5.35 5.80 -22.98
N PRO B 698 6.10 6.52 -22.14
CA PRO B 698 7.56 6.39 -22.13
C PRO B 698 8.04 5.00 -21.74
N ASP B 699 9.14 4.55 -22.32
CA ASP B 699 9.79 3.29 -21.88
C ASP B 699 10.14 3.34 -20.39
N ALA B 700 10.50 4.53 -19.91
CA ALA B 700 10.77 4.73 -18.50
C ALA B 700 9.61 4.29 -17.60
N TRP B 701 8.37 4.50 -18.01
CA TRP B 701 7.23 4.13 -17.17
C TRP B 701 6.76 2.73 -17.51
N GLU B 702 7.52 1.74 -17.07
CA GLU B 702 7.30 0.35 -17.48
C GLU B 702 5.98 -0.19 -16.95
N GLU B 703 5.56 0.36 -15.81
CA GLU B 703 4.47 -0.21 -15.03
C GLU B 703 3.77 0.87 -14.21
N GLY B 704 2.45 0.91 -14.26
CA GLY B 704 1.71 1.86 -13.46
C GLY B 704 0.25 1.94 -13.82
N SER B 705 -0.44 2.96 -13.30
CA SER B 705 -1.86 3.10 -13.55
C SER B 705 -2.30 4.56 -13.53
N VAL B 706 -3.49 4.78 -14.09
CA VAL B 706 -4.13 6.06 -14.03
C VAL B 706 -5.63 5.82 -13.92
N LYS B 707 -6.30 6.66 -13.13
CA LYS B 707 -7.73 6.56 -12.87
C LYS B 707 -8.36 7.93 -13.12
N GLY B 708 -9.48 7.97 -13.83
CA GLY B 708 -10.32 9.18 -13.87
C GLY B 708 -10.21 10.17 -15.01
N LEU B 709 -9.40 9.88 -16.01
CA LEU B 709 -9.25 10.81 -17.16
C LEU B 709 -10.53 10.86 -18.00
N VAL B 710 -10.69 11.90 -18.80
CA VAL B 710 -11.91 12.06 -19.56
C VAL B 710 -11.57 12.13 -21.01
N ALA B 711 -12.39 11.43 -21.81
CA ALA B 711 -12.26 11.45 -23.27
C ALA B 711 -13.43 12.19 -23.89
N ARG B 712 -13.19 12.87 -25.01
CA ARG B 712 -14.27 13.49 -25.77
C ARG B 712 -15.36 12.44 -26.07
N GLY B 713 -16.62 12.86 -25.98
CA GLY B 713 -17.76 11.94 -25.92
C GLY B 713 -18.16 11.60 -24.49
N ASN B 714 -17.49 12.26 -23.55
CA ASN B 714 -17.74 12.11 -22.12
C ASN B 714 -17.61 10.66 -21.63
N PHE B 715 -16.46 10.05 -21.91
CA PHE B 715 -16.08 8.77 -21.38
C PHE B 715 -15.00 8.96 -20.29
N THR B 716 -15.23 8.43 -19.10
CA THR B 716 -14.23 8.40 -18.04
C THR B 716 -13.40 7.13 -18.17
N VAL B 717 -12.06 7.26 -18.08
CA VAL B 717 -11.17 6.16 -18.41
C VAL B 717 -10.17 5.88 -17.32
N ASP B 718 -10.05 4.60 -16.96
CA ASP B 718 -9.00 4.08 -16.07
C ASP B 718 -8.14 3.09 -16.87
N MET B 719 -6.83 3.09 -16.66
CA MET B 719 -5.94 2.15 -17.35
C MET B 719 -4.86 1.72 -16.39
N ASP B 720 -4.40 0.47 -16.51
CA ASP B 720 -3.15 0.04 -15.90
C ASP B 720 -2.33 -0.79 -16.88
N TRP B 721 -1.01 -0.84 -16.66
CA TRP B 721 -0.06 -1.39 -17.64
C TRP B 721 1.15 -2.04 -16.98
N LYS B 722 1.65 -3.09 -17.62
CA LYS B 722 2.90 -3.77 -17.24
C LYS B 722 3.74 -3.94 -18.49
N ASN B 723 5.04 -4.00 -18.31
CA ASN B 723 5.94 -4.30 -19.44
C ASN B 723 5.73 -3.35 -20.62
N ASN B 724 5.48 -2.08 -20.31
CA ASN B 724 5.31 -1.03 -21.34
C ASN B 724 4.11 -1.22 -22.28
N VAL B 725 3.14 -2.06 -21.90
CA VAL B 725 1.92 -2.24 -22.70
C VAL B 725 0.69 -2.28 -21.81
N LEU B 726 -0.40 -1.80 -22.37
CA LEU B 726 -1.68 -1.81 -21.69
C LEU B 726 -2.08 -3.22 -21.24
N ASN B 727 -2.49 -3.32 -20.00
CA ASN B 727 -2.99 -4.55 -19.44
C ASN B 727 -4.52 -4.60 -19.54
N LYS B 728 -5.15 -3.55 -19.02
CA LYS B 728 -6.57 -3.52 -18.82
C LYS B 728 -7.04 -2.09 -18.79
N ALA B 729 -8.23 -1.84 -19.32
CA ALA B 729 -8.87 -0.53 -19.23
C ALA B 729 -10.33 -0.66 -18.76
N ILE B 730 -10.80 0.37 -18.04
CA ILE B 730 -12.18 0.44 -17.58
C ILE B 730 -12.76 1.76 -18.04
N ILE B 731 -13.81 1.69 -18.84
CA ILE B 731 -14.37 2.89 -19.46
C ILE B 731 -15.84 3.01 -19.12
N ARG B 732 -16.19 4.13 -18.49
CA ARG B 732 -17.57 4.46 -18.18
C ARG B 732 -18.10 5.39 -19.27
N SER B 733 -19.25 5.07 -19.84
CA SER B 733 -19.90 5.96 -20.82
C SER B 733 -20.91 6.85 -20.11
N ASN B 734 -20.62 8.13 -19.98
CA ASN B 734 -21.48 9.01 -19.18
C ASN B 734 -22.73 9.45 -19.94
N ILE B 735 -22.71 9.37 -21.27
CA ILE B 735 -23.86 9.80 -22.11
C ILE B 735 -24.12 8.90 -23.32
N GLY B 736 -23.62 7.68 -23.30
CA GLY B 736 -23.95 6.71 -24.34
C GLY B 736 -23.30 6.97 -25.68
N SER B 737 -23.92 6.45 -26.74
CA SER B 737 -23.43 6.53 -28.13
C SER B 737 -22.20 5.64 -28.40
N THR B 738 -21.65 5.73 -29.60
CA THR B 738 -20.61 4.79 -30.00
C THR B 738 -19.25 5.19 -29.43
N LEU B 739 -18.54 4.19 -28.92
CA LEU B 739 -17.19 4.35 -28.42
C LEU B 739 -16.24 3.65 -29.38
N ARG B 740 -15.22 4.36 -29.87
CA ARG B 740 -14.19 3.71 -30.65
C ARG B 740 -12.87 3.74 -29.91
N ILE B 741 -12.38 2.57 -29.49
CA ILE B 741 -11.09 2.44 -28.84
C ILE B 741 -10.04 2.33 -29.94
N ARG B 742 -8.85 2.90 -29.71
CA ARG B 742 -7.68 2.66 -30.54
C ARG B 742 -6.50 2.23 -29.66
N SER B 743 -5.75 1.19 -30.06
CA SER B 743 -4.62 0.70 -29.26
C SER B 743 -3.47 0.17 -30.09
N TYR B 744 -2.26 0.21 -29.52
CA TYR B 744 -1.06 -0.36 -30.17
C TYR B 744 -1.01 -1.88 -30.02
N VAL B 745 -1.80 -2.41 -29.08
CA VAL B 745 -1.92 -3.86 -28.92
C VAL B 745 -3.37 -4.33 -29.15
N PRO B 746 -3.55 -5.61 -29.56
CA PRO B 746 -4.90 -6.13 -29.79
C PRO B 746 -5.70 -6.30 -28.52
N LEU B 747 -7.02 -6.08 -28.63
CA LEU B 747 -7.91 -6.06 -27.48
C LEU B 747 -9.12 -7.00 -27.61
N LYS B 748 -9.69 -7.38 -26.47
CA LYS B 748 -10.87 -8.22 -26.42
C LYS B 748 -11.79 -7.75 -25.31
N GLY B 749 -13.10 -7.95 -25.50
CA GLY B 749 -14.06 -7.60 -24.47
C GLY B 749 -15.50 -7.67 -24.90
N LYS B 750 -16.39 -7.67 -23.92
CA LYS B 750 -17.84 -7.75 -24.14
C LYS B 750 -18.35 -6.75 -25.16
N GLY B 751 -18.80 -7.25 -26.32
CA GLY B 751 -19.45 -6.41 -27.33
C GLY B 751 -18.54 -5.50 -28.13
N LEU B 752 -17.42 -6.06 -28.58
CA LEU B 752 -16.31 -5.28 -29.13
C LEU B 752 -16.07 -5.64 -30.61
N LYS B 753 -16.75 -4.95 -31.51
CA LYS B 753 -16.66 -5.24 -32.95
C LYS B 753 -15.43 -4.50 -33.53
N GLN B 754 -14.72 -5.12 -34.47
CA GLN B 754 -13.57 -4.49 -35.14
C GLN B 754 -13.99 -3.54 -36.25
N VAL B 755 -13.08 -2.63 -36.59
CA VAL B 755 -13.32 -1.66 -37.66
C VAL B 755 -12.47 -1.96 -38.89
N ASN B 756 -13.16 -2.05 -40.02
CA ASN B 756 -12.52 -2.27 -41.33
C ASN B 756 -11.71 -1.03 -41.79
N GLY B 757 -12.34 0.07 -42.22
CA GLY B 757 -13.79 0.21 -42.28
C GLY B 757 -14.30 1.64 -42.31
N LYS B 758 -15.62 1.74 -42.27
CA LYS B 758 -16.33 3.02 -42.22
C LYS B 758 -15.96 3.77 -40.94
N GLU B 759 -15.97 5.11 -41.01
CA GLU B 759 -15.70 5.94 -39.84
C GLU B 759 -16.83 5.87 -38.81
N CYS B 760 -16.54 6.34 -37.60
CA CYS B 760 -17.48 6.26 -36.48
C CYS B 760 -18.58 7.30 -36.60
N SER B 761 -19.75 6.95 -36.11
CA SER B 761 -20.92 7.84 -36.15
C SER B 761 -20.90 8.86 -35.00
N ASN B 762 -20.02 8.67 -34.02
CA ASN B 762 -19.87 9.63 -32.93
C ASN B 762 -19.00 10.82 -33.34
N ARG B 763 -19.62 11.99 -33.46
CA ARG B 763 -18.95 13.19 -33.96
C ARG B 763 -18.08 13.92 -32.93
N LEU B 764 -18.21 13.57 -31.66
CA LEU B 764 -17.59 14.36 -30.58
C LEU B 764 -16.06 14.20 -30.47
N PHE B 765 -15.54 13.00 -30.76
CA PHE B 765 -14.09 12.78 -30.86
C PHE B 765 -13.59 12.73 -32.32
N ALA B 766 -14.49 13.00 -33.28
CA ALA B 766 -14.17 12.99 -34.71
C ALA B 766 -13.24 14.13 -35.08
N THR B 767 -12.40 13.87 -36.06
CA THR B 767 -11.46 14.87 -36.57
C THR B 767 -12.12 15.57 -37.73
N THR B 768 -11.47 16.58 -38.30
CA THR B 768 -12.05 17.29 -39.45
C THR B 768 -11.05 17.53 -40.60
N PRO B 769 -11.50 17.33 -41.86
CA PRO B 769 -10.60 17.46 -43.01
C PRO B 769 -10.02 18.86 -43.17
N ILE B 770 -8.73 18.92 -43.48
CA ILE B 770 -8.05 20.18 -43.79
C ILE B 770 -7.81 20.26 -45.29
N LYS B 771 -7.38 21.42 -45.78
CA LYS B 771 -6.92 21.53 -47.16
C LYS B 771 -5.67 20.70 -47.38
N GLN B 772 -5.53 20.16 -48.59
CA GLN B 772 -4.34 19.42 -48.99
C GLN B 772 -3.11 20.30 -48.81
N PRO B 773 -2.12 19.86 -48.02
CA PRO B 773 -0.95 20.74 -47.87
C PRO B 773 -0.13 20.84 -49.15
N LEU B 774 0.48 22.01 -49.36
CA LEU B 774 1.39 22.24 -50.47
C LEU B 774 2.81 21.86 -50.06
N VAL B 775 3.58 21.37 -51.02
CA VAL B 775 4.98 20.98 -50.82
C VAL B 775 5.86 21.84 -51.71
N ALA B 776 6.99 22.31 -51.19
CA ALA B 776 7.81 23.29 -51.90
C ALA B 776 8.63 22.62 -53.02
N LYS B 777 9.01 23.40 -54.04
CA LYS B 777 9.74 22.85 -55.19
C LYS B 777 11.03 22.13 -54.78
N GLY B 778 11.24 20.98 -55.39
CA GLY B 778 12.41 20.15 -55.12
C GLY B 778 12.49 19.49 -53.75
N VAL B 779 11.37 19.44 -53.02
CA VAL B 779 11.30 18.68 -51.76
C VAL B 779 10.53 17.39 -51.95
N SER B 780 11.10 16.30 -51.48
CA SER B 780 10.42 15.03 -51.52
C SER B 780 9.97 14.70 -50.09
N ALA B 781 8.71 15.01 -49.80
CA ALA B 781 8.18 15.02 -48.44
C ALA B 781 8.33 13.69 -47.70
N GLN B 782 8.96 13.72 -46.54
CA GLN B 782 9.28 12.50 -45.82
C GLN B 782 8.00 11.87 -45.26
N SER B 783 8.05 10.57 -44.99
CA SER B 783 6.97 9.84 -44.29
C SER B 783 7.29 9.44 -42.84
N PRO B 784 6.29 9.59 -41.94
CA PRO B 784 6.57 9.26 -40.55
C PRO B 784 6.63 7.75 -40.31
N LYS B 785 7.31 7.38 -39.23
CA LYS B 785 7.35 6.00 -38.77
C LYS B 785 6.26 5.86 -37.71
N LEU B 786 5.23 5.06 -37.99
CA LEU B 786 4.07 4.94 -37.11
C LEU B 786 3.92 3.52 -36.66
N GLN B 787 3.49 3.32 -35.41
CA GLN B 787 3.13 2.00 -34.92
C GLN B 787 1.79 1.57 -35.55
N LYS B 788 1.62 0.27 -35.80
CA LYS B 788 0.35 -0.22 -36.31
C LYS B 788 -0.64 -0.09 -35.15
N VAL B 789 -1.83 0.42 -35.43
CA VAL B 789 -2.90 0.50 -34.41
C VAL B 789 -4.05 -0.47 -34.73
N TYR B 790 -4.70 -0.96 -33.68
CA TYR B 790 -5.94 -1.74 -33.79
C TYR B 790 -7.11 -0.90 -33.27
N GLU B 791 -8.19 -0.82 -34.05
CA GLU B 791 -9.39 -0.05 -33.70
C GLU B 791 -10.64 -0.93 -33.53
N TYR B 792 -11.43 -0.63 -32.47
CA TYR B 792 -12.62 -1.40 -32.11
C TYR B 792 -13.78 -0.47 -31.80
N ASP B 793 -15.01 -0.95 -32.01
CA ASP B 793 -16.23 -0.19 -31.73
C ASP B 793 -17.07 -0.89 -30.64
N ILE B 794 -17.67 -0.06 -29.78
CA ILE B 794 -18.63 -0.53 -28.79
C ILE B 794 -19.86 0.36 -28.82
N GLU B 795 -21.05 -0.25 -28.81
CA GLU B 795 -22.28 0.51 -28.63
C GLU B 795 -22.51 0.63 -27.15
N THR B 796 -22.53 1.86 -26.63
CA THR B 796 -22.61 2.07 -25.20
C THR B 796 -23.91 2.72 -24.77
N LYS B 797 -24.23 2.58 -23.49
CA LYS B 797 -25.43 3.17 -22.86
C LYS B 797 -25.01 4.09 -21.70
N ALA B 798 -25.64 5.26 -21.62
CA ALA B 798 -25.35 6.22 -20.55
C ALA B 798 -25.36 5.56 -19.16
N GLY B 799 -24.36 5.88 -18.34
CA GLY B 799 -24.26 5.34 -16.98
C GLY B 799 -23.64 3.95 -16.82
N LYS B 800 -23.34 3.26 -17.92
CA LYS B 800 -22.74 1.94 -17.85
C LYS B 800 -21.21 1.98 -18.01
N THR B 801 -20.56 0.88 -17.64
CA THR B 801 -19.11 0.73 -17.62
C THR B 801 -18.69 -0.49 -18.46
N TYR B 802 -17.64 -0.35 -19.26
CA TYR B 802 -17.17 -1.44 -20.12
C TYR B 802 -15.70 -1.70 -19.85
N ILE B 803 -15.32 -2.97 -19.81
CA ILE B 803 -13.96 -3.39 -19.47
C ILE B 803 -13.28 -3.94 -20.72
N VAL B 804 -12.02 -3.61 -20.95
CA VAL B 804 -11.33 -4.17 -22.11
C VAL B 804 -10.00 -4.74 -21.66
N ASN B 805 -9.62 -5.85 -22.31
CA ASN B 805 -8.47 -6.60 -21.93
C ASN B 805 -7.55 -6.79 -23.12
N THR B 806 -6.35 -7.28 -22.84
CA THR B 806 -5.27 -7.44 -23.79
C THR B 806 -5.07 -8.93 -24.05
N ILE B 807 -4.33 -9.31 -25.09
CA ILE B 807 -3.99 -10.72 -25.29
C ILE B 807 -2.48 -10.97 -25.39
#